data_2M3M
#
_entry.id   2M3M
#
loop_
_entity.id
_entity.type
_entity.pdbx_description
1 polymer 'Disks large homolog 1'
2 polymer 'Protein E6'
#
loop_
_entity_poly.entity_id
_entity_poly.type
_entity_poly.pdbx_seq_one_letter_code
_entity_poly.pdbx_strand_id
1 'polypeptide(L)'
;MEIKLIKGPKGLGFSIAGGVGNQHIPGDNSIYVTKIIEGGAAHKDGKLQIGDKLLAVNNVCLEEVTHEEAVTALKNTSDF
VYLKVAKPTGSHHHHHH
;
A
2 'polypeptide(L)' (PCA)RTRQRNETQV B
#
# COMPACT_ATOMS: atom_id res chain seq x y z
N MET A 1 -4.89 12.69 -1.24
CA MET A 1 -4.94 12.51 0.19
C MET A 1 -3.62 11.95 0.57
N GLU A 2 -2.95 12.61 1.44
CA GLU A 2 -1.63 12.24 1.79
C GLU A 2 -1.42 12.08 3.26
N ILE A 3 -0.66 11.08 3.57
CA ILE A 3 -0.41 10.67 4.90
C ILE A 3 1.09 10.53 5.10
N LYS A 4 1.60 11.32 5.96
CA LYS A 4 2.98 11.25 6.30
C LYS A 4 3.15 10.22 7.40
N LEU A 5 4.03 9.30 7.20
CA LEU A 5 4.30 8.27 8.15
C LEU A 5 5.75 8.31 8.51
N ILE A 6 6.07 7.87 9.69
CA ILE A 6 7.42 7.70 10.10
C ILE A 6 7.74 6.22 10.09
N LYS A 7 8.59 5.82 9.18
CA LYS A 7 8.91 4.42 9.03
C LYS A 7 9.86 4.00 10.14
N GLY A 8 9.67 2.81 10.65
CA GLY A 8 10.45 2.37 11.77
C GLY A 8 10.67 0.87 11.77
N PRO A 9 10.91 0.26 12.96
CA PRO A 9 11.22 -1.17 13.11
C PRO A 9 10.05 -2.11 12.77
N LYS A 10 8.85 -1.55 12.66
CA LYS A 10 7.69 -2.36 12.30
C LYS A 10 7.30 -2.02 10.87
N GLY A 11 8.18 -1.29 10.22
CA GLY A 11 7.99 -0.85 8.86
C GLY A 11 7.16 0.38 8.83
N LEU A 12 6.20 0.39 7.96
CA LEU A 12 5.23 1.47 7.92
C LEU A 12 4.05 1.03 8.77
N GLY A 13 3.99 -0.27 8.96
CA GLY A 13 3.02 -0.87 9.82
C GLY A 13 1.68 -1.15 9.17
N PHE A 14 1.69 -1.61 7.95
CA PHE A 14 0.46 -2.04 7.30
C PHE A 14 0.77 -3.05 6.21
N SER A 15 -0.24 -3.70 5.71
CA SER A 15 -0.07 -4.69 4.69
C SER A 15 -0.88 -4.30 3.47
N ILE A 16 -0.28 -4.35 2.33
CA ILE A 16 -0.94 -3.99 1.11
C ILE A 16 -1.13 -5.17 0.22
N ALA A 17 -2.11 -5.08 -0.63
CA ALA A 17 -2.39 -6.04 -1.65
C ALA A 17 -3.02 -5.32 -2.82
N GLY A 18 -2.34 -5.32 -3.89
CA GLY A 18 -2.84 -4.74 -5.08
C GLY A 18 -1.73 -4.65 -6.06
N GLY A 19 -2.07 -4.50 -7.29
CA GLY A 19 -1.08 -4.40 -8.30
C GLY A 19 -1.46 -5.28 -9.42
N VAL A 20 -0.66 -5.29 -10.47
CA VAL A 20 -0.92 -6.11 -11.65
C VAL A 20 -1.11 -7.59 -11.25
N GLY A 21 -2.36 -8.01 -11.28
CA GLY A 21 -2.70 -9.37 -10.97
C GLY A 21 -3.13 -9.56 -9.52
N ASN A 22 -2.76 -8.63 -8.65
CA ASN A 22 -3.14 -8.70 -7.23
C ASN A 22 -4.20 -7.66 -6.91
N GLN A 23 -4.92 -7.22 -7.94
CA GLN A 23 -5.95 -6.22 -7.79
C GLN A 23 -6.95 -6.61 -6.68
N HIS A 24 -7.03 -5.77 -5.69
CA HIS A 24 -7.86 -6.02 -4.51
C HIS A 24 -9.34 -5.84 -4.87
N ILE A 25 -9.62 -4.79 -5.59
CA ILE A 25 -10.98 -4.52 -5.98
C ILE A 25 -11.15 -4.87 -7.45
N PRO A 26 -12.14 -5.73 -7.79
CA PRO A 26 -12.43 -6.12 -9.18
C PRO A 26 -12.62 -4.92 -10.10
N GLY A 27 -11.64 -4.70 -10.95
CA GLY A 27 -11.71 -3.62 -11.90
C GLY A 27 -10.77 -2.49 -11.54
N ASP A 28 -10.18 -2.56 -10.37
CA ASP A 28 -9.31 -1.48 -9.91
C ASP A 28 -7.93 -2.05 -9.57
N ASN A 29 -7.01 -1.92 -10.50
CA ASN A 29 -5.68 -2.56 -10.43
C ASN A 29 -4.69 -1.74 -9.57
N SER A 30 -5.22 -1.10 -8.56
CA SER A 30 -4.40 -0.25 -7.71
C SER A 30 -3.92 -1.02 -6.48
N ILE A 31 -3.02 -0.41 -5.73
CA ILE A 31 -2.51 -0.98 -4.51
C ILE A 31 -3.50 -0.66 -3.39
N TYR A 32 -3.95 -1.64 -2.65
CA TYR A 32 -4.91 -1.41 -1.60
C TYR A 32 -4.43 -1.91 -0.27
N VAL A 33 -4.64 -1.10 0.74
CA VAL A 33 -4.32 -1.45 2.10
C VAL A 33 -5.28 -2.54 2.54
N THR A 34 -4.77 -3.71 2.78
CA THR A 34 -5.58 -4.84 3.10
C THR A 34 -5.57 -5.13 4.61
N LYS A 35 -4.53 -4.70 5.28
CA LYS A 35 -4.39 -4.90 6.71
C LYS A 35 -3.55 -3.77 7.25
N ILE A 36 -3.70 -3.48 8.51
CA ILE A 36 -2.91 -2.48 9.17
C ILE A 36 -2.35 -3.09 10.44
N ILE A 37 -1.06 -2.96 10.63
CA ILE A 37 -0.33 -3.64 11.69
C ILE A 37 -0.38 -2.83 13.00
N GLU A 38 -0.50 -3.54 14.12
CA GLU A 38 -0.66 -2.98 15.43
C GLU A 38 0.52 -2.06 15.79
N GLY A 39 0.20 -0.86 16.20
CA GLY A 39 1.23 0.07 16.62
C GLY A 39 2.04 0.59 15.46
N GLY A 40 1.61 0.29 14.25
CA GLY A 40 2.29 0.75 13.08
C GLY A 40 2.12 2.24 12.90
N ALA A 41 3.01 2.84 12.14
CA ALA A 41 2.96 4.27 11.88
C ALA A 41 1.65 4.61 11.23
N ALA A 42 1.21 3.77 10.31
CA ALA A 42 -0.05 4.01 9.62
C ALA A 42 -1.26 3.75 10.53
N HIS A 43 -1.02 3.11 11.64
CA HIS A 43 -2.05 2.85 12.61
C HIS A 43 -2.09 3.98 13.65
N LYS A 44 -0.97 4.63 13.82
CA LYS A 44 -0.92 5.71 14.76
C LYS A 44 -1.10 7.08 14.11
N ASP A 45 -0.23 7.39 13.20
CA ASP A 45 -0.26 8.67 12.49
C ASP A 45 -1.18 8.53 11.34
N GLY A 46 -1.12 7.36 10.79
CA GLY A 46 -1.68 7.01 9.51
C GLY A 46 -3.05 7.47 9.18
N LYS A 47 -3.95 7.53 10.16
CA LYS A 47 -5.41 7.84 9.95
C LYS A 47 -5.97 7.08 8.70
N LEU A 48 -5.37 5.92 8.44
CA LEU A 48 -5.55 5.14 7.22
C LEU A 48 -6.57 4.05 7.47
N GLN A 49 -7.26 3.64 6.43
CA GLN A 49 -8.25 2.62 6.54
C GLN A 49 -7.94 1.44 5.65
N ILE A 50 -8.34 0.27 6.08
CA ILE A 50 -8.24 -0.89 5.24
C ILE A 50 -9.19 -0.69 4.05
N GLY A 51 -8.66 -0.72 2.84
CA GLY A 51 -9.46 -0.46 1.67
C GLY A 51 -9.01 0.80 0.95
N ASP A 52 -8.01 1.46 1.49
CA ASP A 52 -7.43 2.64 0.86
C ASP A 52 -6.54 2.32 -0.32
N LYS A 53 -6.70 3.10 -1.38
CA LYS A 53 -5.97 2.95 -2.63
C LYS A 53 -4.73 3.82 -2.62
N LEU A 54 -3.61 3.21 -2.74
CA LEU A 54 -2.39 3.94 -2.77
C LEU A 54 -2.07 4.36 -4.17
N LEU A 55 -1.97 5.64 -4.33
CA LEU A 55 -1.61 6.28 -5.57
C LEU A 55 -0.12 6.25 -5.72
N ALA A 56 0.55 6.48 -4.59
CA ALA A 56 1.99 6.59 -4.62
C ALA A 56 2.59 6.50 -3.24
N VAL A 57 3.88 6.30 -3.21
CA VAL A 57 4.62 6.36 -1.96
C VAL A 57 5.88 7.20 -2.22
N ASN A 58 6.00 8.30 -1.47
CA ASN A 58 7.10 9.32 -1.64
C ASN A 58 6.98 9.92 -2.98
N ASN A 59 5.75 9.90 -3.36
CA ASN A 59 5.18 10.37 -4.59
C ASN A 59 5.65 9.55 -5.82
N VAL A 60 6.18 8.36 -5.57
CA VAL A 60 6.51 7.43 -6.63
C VAL A 60 5.24 6.68 -6.97
N CYS A 61 4.84 6.73 -8.22
CA CYS A 61 3.57 6.18 -8.70
C CYS A 61 3.42 4.67 -8.46
N LEU A 62 2.35 4.32 -7.78
CA LEU A 62 1.96 2.94 -7.50
C LEU A 62 0.75 2.54 -8.36
N GLU A 63 0.41 3.43 -9.26
CA GLU A 63 -0.70 3.24 -10.16
C GLU A 63 -0.37 2.18 -11.20
N GLU A 64 -1.06 1.03 -11.09
CA GLU A 64 -0.93 -0.10 -12.00
C GLU A 64 0.54 -0.57 -12.16
N VAL A 65 1.07 -1.09 -11.09
CA VAL A 65 2.41 -1.65 -11.07
C VAL A 65 2.34 -3.03 -10.46
N THR A 66 3.39 -3.79 -10.49
CA THR A 66 3.37 -5.13 -9.96
C THR A 66 3.41 -5.05 -8.43
N HIS A 67 2.72 -5.97 -7.76
CA HIS A 67 2.62 -5.92 -6.28
C HIS A 67 4.00 -5.82 -5.63
N GLU A 68 4.93 -6.68 -6.03
CA GLU A 68 6.27 -6.67 -5.46
C GLU A 68 7.02 -5.37 -5.78
N GLU A 69 6.69 -4.81 -6.91
CA GLU A 69 7.34 -3.62 -7.41
C GLU A 69 6.90 -2.46 -6.54
N ALA A 70 5.63 -2.46 -6.19
CA ALA A 70 5.05 -1.48 -5.32
C ALA A 70 5.58 -1.64 -3.92
N VAL A 71 5.50 -2.87 -3.39
CA VAL A 71 5.94 -3.15 -2.02
C VAL A 71 7.39 -2.74 -1.81
N THR A 72 8.22 -2.95 -2.82
CA THR A 72 9.62 -2.57 -2.77
C THR A 72 9.76 -1.04 -2.61
N ALA A 73 8.86 -0.28 -3.22
CA ALA A 73 8.90 1.17 -3.13
C ALA A 73 8.53 1.63 -1.72
N LEU A 74 7.61 0.92 -1.07
CA LEU A 74 7.27 1.25 0.31
C LEU A 74 8.31 0.71 1.26
N LYS A 75 8.97 -0.36 0.89
CA LYS A 75 10.00 -0.93 1.72
C LYS A 75 11.23 -0.08 1.79
N ASN A 76 11.60 0.53 0.67
CA ASN A 76 12.75 1.40 0.61
C ASN A 76 12.39 2.79 1.09
N THR A 77 12.08 2.85 2.35
CA THR A 77 11.75 4.05 3.05
C THR A 77 12.45 4.02 4.38
N SER A 78 12.85 5.13 4.87
CA SER A 78 13.48 5.18 6.18
C SER A 78 13.05 6.42 6.90
N ASP A 79 12.45 6.19 8.05
CA ASP A 79 12.05 7.19 9.06
C ASP A 79 11.09 8.28 8.57
N PHE A 80 10.69 8.23 7.32
CA PHE A 80 9.75 9.18 6.79
C PHE A 80 9.16 8.61 5.52
N VAL A 81 7.86 8.74 5.37
CA VAL A 81 7.13 8.29 4.21
C VAL A 81 6.04 9.30 3.90
N TYR A 82 5.92 9.67 2.67
CA TYR A 82 4.83 10.51 2.22
C TYR A 82 3.91 9.61 1.40
N LEU A 83 2.90 9.12 2.03
CA LEU A 83 1.97 8.20 1.42
C LEU A 83 0.89 8.95 0.67
N LYS A 84 0.68 8.57 -0.56
CA LYS A 84 -0.28 9.20 -1.42
C LYS A 84 -1.43 8.23 -1.62
N VAL A 85 -2.57 8.53 -1.02
CA VAL A 85 -3.76 7.68 -1.08
C VAL A 85 -4.95 8.43 -1.74
N ALA A 86 -5.78 7.64 -2.37
CA ALA A 86 -7.04 8.04 -2.93
C ALA A 86 -8.01 6.95 -2.54
N LYS A 87 -9.27 7.24 -2.53
CA LYS A 87 -10.24 6.21 -2.23
C LYS A 87 -10.53 5.53 -3.56
N PRO A 88 -10.96 4.25 -3.54
CA PRO A 88 -11.24 3.43 -4.74
C PRO A 88 -11.87 4.23 -5.90
N THR A 89 -11.08 4.41 -6.95
CA THR A 89 -11.42 5.34 -7.99
C THR A 89 -12.12 4.70 -9.17
N GLY A 90 -11.71 3.52 -9.52
CA GLY A 90 -12.28 2.88 -10.66
C GLY A 90 -13.22 1.82 -10.23
N SER A 91 -13.83 2.04 -9.11
CA SER A 91 -14.68 1.10 -8.48
C SER A 91 -15.57 1.83 -7.47
N HIS A 92 -16.20 1.09 -6.57
CA HIS A 92 -17.05 1.68 -5.55
C HIS A 92 -16.19 2.42 -4.53
N HIS A 93 -16.23 3.72 -4.60
CA HIS A 93 -15.47 4.58 -3.71
C HIS A 93 -16.02 4.57 -2.29
N HIS A 94 -15.12 4.53 -1.36
CA HIS A 94 -15.40 4.53 0.04
C HIS A 94 -14.06 4.87 0.67
N PCA B 1 10.43 -11.96 -6.55
CA PCA B 1 9.38 -12.96 -6.36
CB PCA B 1 9.79 -14.21 -7.13
CG PCA B 1 11.09 -13.82 -7.78
CD PCA B 1 11.63 -12.63 -6.99
OE PCA B 1 12.59 -12.77 -6.23
C PCA B 1 9.21 -13.27 -4.87
O PCA B 1 8.80 -14.38 -4.47
H1 PCA B 1 10.50 -11.45 -5.64
H2 PCA B 1 9.97 -11.18 -7.10
HA PCA B 1 8.46 -12.58 -6.74
HB2 PCA B 1 9.92 -15.04 -6.44
HB3 PCA B 1 9.07 -14.45 -7.89
HG2 PCA B 1 11.79 -14.64 -7.75
HG3 PCA B 1 10.91 -13.51 -8.80
N ARG B 2 9.43 -12.25 -4.08
CA ARG B 2 9.40 -12.35 -2.63
C ARG B 2 8.03 -11.91 -2.23
N THR B 3 7.67 -10.71 -2.66
CA THR B 3 6.34 -10.24 -2.52
C THR B 3 5.63 -10.66 -3.80
N ARG B 4 4.35 -10.86 -3.76
CA ARG B 4 3.73 -11.58 -4.83
C ARG B 4 2.28 -11.19 -4.93
N GLN B 5 1.67 -11.55 -6.01
CA GLN B 5 0.28 -11.32 -6.23
C GLN B 5 -0.55 -12.45 -5.60
N ARG B 6 -1.82 -12.15 -5.33
CA ARG B 6 -2.76 -13.02 -4.60
C ARG B 6 -2.37 -13.24 -3.15
N ASN B 7 -1.65 -12.27 -2.61
CA ASN B 7 -1.29 -12.27 -1.20
C ASN B 7 -0.93 -10.87 -0.76
N GLU B 8 -1.28 -10.49 0.45
CA GLU B 8 -0.90 -9.19 0.94
C GLU B 8 0.44 -9.30 1.63
N THR B 9 1.13 -8.22 1.81
CA THR B 9 2.37 -8.24 2.49
C THR B 9 2.59 -6.94 3.27
N GLN B 10 3.15 -7.06 4.47
CA GLN B 10 3.47 -5.93 5.31
C GLN B 10 4.64 -5.17 4.72
N VAL B 11 4.55 -3.86 4.78
CA VAL B 11 5.57 -2.99 4.27
C VAL B 11 6.57 -2.58 5.34
N MET A 1 -3.01 12.52 -2.03
CA MET A 1 -3.11 12.56 -0.57
C MET A 1 -1.95 11.79 -0.05
N GLU A 2 -1.04 12.45 0.55
CA GLU A 2 0.15 11.82 0.98
C GLU A 2 0.40 11.77 2.46
N ILE A 3 0.67 10.58 2.84
CA ILE A 3 0.89 10.13 4.17
C ILE A 3 2.36 9.86 4.34
N LYS A 4 3.01 10.71 5.07
CA LYS A 4 4.38 10.47 5.37
C LYS A 4 4.45 9.50 6.51
N LEU A 5 5.06 8.39 6.23
CA LEU A 5 5.19 7.30 7.14
C LEU A 5 6.62 7.12 7.52
N ILE A 6 6.82 6.68 8.69
CA ILE A 6 8.10 6.24 9.12
C ILE A 6 8.06 4.72 9.19
N LYS A 7 8.87 4.03 8.39
CA LYS A 7 9.00 2.58 8.53
C LYS A 7 9.58 2.28 9.92
N GLY A 8 9.27 1.14 10.46
CA GLY A 8 9.64 0.87 11.83
C GLY A 8 10.07 -0.55 12.06
N PRO A 9 10.05 -1.02 13.33
CA PRO A 9 10.52 -2.37 13.70
C PRO A 9 9.66 -3.49 13.13
N LYS A 10 8.38 -3.25 12.95
CA LYS A 10 7.48 -4.27 12.42
C LYS A 10 7.22 -3.98 10.93
N GLY A 11 8.11 -3.21 10.36
CA GLY A 11 8.02 -2.82 8.98
C GLY A 11 7.13 -1.63 8.83
N LEU A 12 6.18 -1.73 7.95
CA LEU A 12 5.20 -0.70 7.83
C LEU A 12 3.99 -1.16 8.61
N GLY A 13 3.69 -2.44 8.45
CA GLY A 13 2.71 -3.09 9.25
C GLY A 13 1.29 -2.93 8.78
N PHE A 14 1.06 -3.19 7.54
CA PHE A 14 -0.27 -3.20 7.00
C PHE A 14 -0.34 -4.15 5.85
N SER A 15 -1.47 -4.73 5.64
CA SER A 15 -1.61 -5.69 4.60
C SER A 15 -2.34 -5.08 3.44
N ILE A 16 -1.77 -5.22 2.29
CA ILE A 16 -2.33 -4.67 1.10
C ILE A 16 -2.77 -5.77 0.18
N ALA A 17 -3.76 -5.47 -0.62
CA ALA A 17 -4.28 -6.35 -1.60
C ALA A 17 -4.75 -5.54 -2.78
N GLY A 18 -4.18 -5.83 -3.90
CA GLY A 18 -4.54 -5.21 -5.14
C GLY A 18 -3.49 -5.57 -6.13
N GLY A 19 -3.62 -5.14 -7.33
CA GLY A 19 -2.61 -5.42 -8.31
C GLY A 19 -3.26 -5.90 -9.55
N VAL A 20 -2.50 -6.14 -10.58
CA VAL A 20 -3.00 -6.69 -11.85
C VAL A 20 -3.84 -7.96 -11.61
N GLY A 21 -5.15 -7.80 -11.65
CA GLY A 21 -6.06 -8.91 -11.49
C GLY A 21 -6.39 -9.18 -10.03
N ASN A 22 -5.71 -8.49 -9.14
CA ASN A 22 -5.94 -8.64 -7.71
C ASN A 22 -6.69 -7.43 -7.19
N GLN A 23 -7.27 -6.69 -8.11
CA GLN A 23 -8.00 -5.46 -7.86
C GLN A 23 -9.01 -5.63 -6.72
N HIS A 24 -8.91 -4.76 -5.75
CA HIS A 24 -9.76 -4.80 -4.56
C HIS A 24 -11.10 -4.15 -4.89
N ILE A 25 -11.05 -3.04 -5.56
CA ILE A 25 -12.26 -2.34 -5.96
C ILE A 25 -12.53 -2.58 -7.43
N PRO A 26 -13.74 -3.08 -7.78
CA PRO A 26 -14.15 -3.35 -9.17
C PRO A 26 -13.92 -2.17 -10.11
N GLY A 27 -12.95 -2.31 -10.98
CA GLY A 27 -12.65 -1.28 -11.94
C GLY A 27 -11.46 -0.46 -11.53
N ASP A 28 -10.93 -0.73 -10.35
CA ASP A 28 -9.80 0.02 -9.85
C ASP A 28 -8.70 -0.97 -9.48
N ASN A 29 -7.78 -1.14 -10.41
CA ASN A 29 -6.75 -2.18 -10.36
C ASN A 29 -5.56 -1.78 -9.46
N SER A 30 -5.85 -0.97 -8.47
CA SER A 30 -4.83 -0.45 -7.59
C SER A 30 -4.65 -1.29 -6.34
N ILE A 31 -3.71 -0.88 -5.53
CA ILE A 31 -3.35 -1.56 -4.32
C ILE A 31 -4.18 -0.98 -3.19
N TYR A 32 -4.82 -1.81 -2.41
CA TYR A 32 -5.66 -1.34 -1.35
C TYR A 32 -5.26 -1.91 -0.02
N VAL A 33 -5.17 -1.03 0.94
CA VAL A 33 -4.86 -1.40 2.31
C VAL A 33 -6.05 -2.20 2.84
N THR A 34 -5.84 -3.45 3.04
CA THR A 34 -6.90 -4.33 3.44
C THR A 34 -6.84 -4.59 4.96
N LYS A 35 -5.67 -4.39 5.54
CA LYS A 35 -5.49 -4.60 6.97
C LYS A 35 -4.44 -3.63 7.43
N ILE A 36 -4.47 -3.26 8.69
CA ILE A 36 -3.44 -2.45 9.29
C ILE A 36 -3.04 -3.14 10.59
N ILE A 37 -1.87 -3.73 10.58
CA ILE A 37 -1.39 -4.58 11.67
C ILE A 37 -0.89 -3.71 12.81
N GLU A 38 -1.36 -4.01 14.05
CA GLU A 38 -0.95 -3.21 15.16
C GLU A 38 0.54 -3.37 15.32
N GLY A 39 1.19 -2.35 15.73
CA GLY A 39 2.60 -2.43 15.95
C GLY A 39 3.31 -1.95 14.75
N GLY A 40 2.57 -1.93 13.65
CA GLY A 40 3.05 -1.36 12.48
C GLY A 40 3.09 0.11 12.70
N ALA A 41 4.09 0.72 12.17
CA ALA A 41 4.25 2.13 12.29
C ALA A 41 3.08 2.81 11.62
N ALA A 42 2.58 2.19 10.55
CA ALA A 42 1.47 2.72 9.84
C ALA A 42 0.13 2.50 10.59
N HIS A 43 0.18 1.77 11.67
CA HIS A 43 -0.98 1.57 12.52
C HIS A 43 -0.94 2.60 13.63
N LYS A 44 0.25 2.85 14.15
CA LYS A 44 0.39 3.80 15.23
C LYS A 44 0.45 5.25 14.71
N ASP A 45 1.42 5.48 13.85
CA ASP A 45 1.70 6.78 13.21
C ASP A 45 0.88 6.97 12.00
N GLY A 46 0.70 5.87 11.36
CA GLY A 46 0.28 5.75 9.99
C GLY A 46 -0.80 6.62 9.45
N LYS A 47 -1.69 7.15 10.29
CA LYS A 47 -2.84 8.01 9.88
C LYS A 47 -3.52 7.46 8.58
N LEU A 48 -3.58 6.13 8.49
CA LEU A 48 -3.99 5.40 7.30
C LEU A 48 -5.30 4.66 7.57
N GLN A 49 -6.04 4.36 6.52
CA GLN A 49 -7.32 3.69 6.64
C GLN A 49 -7.34 2.38 5.84
N ILE A 50 -7.99 1.38 6.39
CA ILE A 50 -8.27 0.18 5.63
C ILE A 50 -9.26 0.56 4.50
N GLY A 51 -8.89 0.33 3.27
CA GLY A 51 -9.71 0.72 2.14
C GLY A 51 -9.04 1.80 1.31
N ASP A 52 -7.87 2.21 1.72
CA ASP A 52 -7.10 3.20 0.99
C ASP A 52 -6.42 2.63 -0.27
N LYS A 53 -6.50 3.38 -1.36
CA LYS A 53 -5.91 3.04 -2.67
C LYS A 53 -4.55 3.69 -2.78
N LEU A 54 -3.54 2.89 -2.88
CA LEU A 54 -2.21 3.40 -2.99
C LEU A 54 -1.91 3.77 -4.40
N LEU A 55 -1.74 5.04 -4.61
CA LEU A 55 -1.47 5.61 -5.91
C LEU A 55 0.01 5.44 -6.17
N ALA A 56 0.80 5.64 -5.13
CA ALA A 56 2.23 5.56 -5.24
C ALA A 56 2.86 5.42 -3.86
N VAL A 57 4.07 4.93 -3.82
CA VAL A 57 4.84 4.91 -2.58
C VAL A 57 6.24 5.41 -2.88
N ASN A 58 6.62 6.48 -2.18
CA ASN A 58 7.90 7.22 -2.41
C ASN A 58 7.90 7.79 -3.78
N ASN A 59 6.68 8.04 -4.13
CA ASN A 59 6.21 8.59 -5.42
C ASN A 59 6.40 7.63 -6.59
N VAL A 60 6.74 6.38 -6.29
CA VAL A 60 6.83 5.36 -7.31
C VAL A 60 5.40 4.91 -7.58
N CYS A 61 4.99 4.98 -8.83
CA CYS A 61 3.63 4.69 -9.24
C CYS A 61 3.18 3.25 -8.94
N LEU A 62 2.08 3.14 -8.21
CA LEU A 62 1.45 1.86 -7.89
C LEU A 62 0.13 1.70 -8.64
N GLU A 63 -0.17 2.67 -9.48
CA GLU A 63 -1.31 2.59 -10.36
C GLU A 63 -0.96 1.68 -11.52
N GLU A 64 -1.69 0.55 -11.60
CA GLU A 64 -1.49 -0.47 -12.61
C GLU A 64 -0.11 -1.11 -12.51
N VAL A 65 -0.02 -2.06 -11.63
CA VAL A 65 1.21 -2.80 -11.30
C VAL A 65 0.84 -4.18 -10.77
N THR A 66 1.76 -5.09 -10.79
CA THR A 66 1.55 -6.43 -10.29
C THR A 66 1.72 -6.38 -8.77
N HIS A 67 0.94 -7.18 -8.01
CA HIS A 67 0.98 -7.10 -6.53
C HIS A 67 2.41 -7.21 -5.96
N GLU A 68 3.18 -8.20 -6.42
CA GLU A 68 4.58 -8.40 -5.97
C GLU A 68 5.42 -7.15 -6.25
N GLU A 69 5.14 -6.54 -7.36
CA GLU A 69 5.90 -5.41 -7.85
C GLU A 69 5.60 -4.20 -6.96
N ALA A 70 4.36 -4.14 -6.51
CA ALA A 70 3.90 -3.10 -5.64
C ALA A 70 4.41 -3.32 -4.22
N VAL A 71 4.21 -4.52 -3.67
CA VAL A 71 4.62 -4.82 -2.29
C VAL A 71 6.10 -4.58 -2.12
N THR A 72 6.87 -4.96 -3.12
CA THR A 72 8.30 -4.73 -3.13
C THR A 72 8.62 -3.22 -3.01
N ALA A 73 7.85 -2.39 -3.69
CA ALA A 73 8.05 -0.95 -3.65
C ALA A 73 7.81 -0.41 -2.23
N LEU A 74 6.89 -1.03 -1.49
CA LEU A 74 6.67 -0.61 -0.11
C LEU A 74 7.69 -1.24 0.81
N LYS A 75 8.19 -2.40 0.45
CA LYS A 75 9.17 -3.07 1.26
C LYS A 75 10.54 -2.43 1.17
N ASN A 76 10.77 -1.75 0.06
CA ASN A 76 12.00 -0.99 -0.19
C ASN A 76 11.97 0.35 0.57
N THR A 77 11.59 0.32 1.81
CA THR A 77 11.51 1.50 2.61
C THR A 77 12.34 1.33 3.85
N SER A 78 12.96 2.38 4.28
CA SER A 78 13.71 2.30 5.50
C SER A 78 13.61 3.57 6.30
N ASP A 79 12.76 3.45 7.28
CA ASP A 79 12.53 4.35 8.39
C ASP A 79 12.07 5.76 7.96
N PHE A 80 11.65 5.86 6.70
CA PHE A 80 11.11 7.08 6.14
C PHE A 80 10.40 6.73 4.82
N VAL A 81 9.13 7.13 4.68
CA VAL A 81 8.29 6.79 3.53
C VAL A 81 7.32 7.95 3.19
N TYR A 82 7.03 8.12 1.92
CA TYR A 82 5.98 9.02 1.45
C TYR A 82 4.92 8.21 0.71
N LEU A 83 3.88 7.87 1.39
CA LEU A 83 2.82 7.07 0.83
C LEU A 83 1.79 7.98 0.16
N LYS A 84 1.57 7.78 -1.10
CA LYS A 84 0.64 8.60 -1.83
C LYS A 84 -0.63 7.78 -2.06
N VAL A 85 -1.65 8.15 -1.37
CA VAL A 85 -2.93 7.48 -1.45
C VAL A 85 -3.94 8.34 -2.24
N ALA A 86 -4.85 7.66 -2.88
CA ALA A 86 -5.94 8.19 -3.62
C ALA A 86 -7.17 7.38 -3.27
N LYS A 87 -8.32 7.90 -3.50
CA LYS A 87 -9.52 7.14 -3.29
C LYS A 87 -9.96 6.54 -4.61
N PRO A 88 -10.69 5.40 -4.56
CA PRO A 88 -11.12 4.66 -5.73
C PRO A 88 -11.65 5.52 -6.87
N THR A 89 -11.27 5.14 -8.04
CA THR A 89 -11.59 5.85 -9.25
C THR A 89 -13.04 5.62 -9.69
N GLY A 90 -13.93 6.32 -9.04
CA GLY A 90 -15.30 6.38 -9.47
C GLY A 90 -16.22 5.29 -8.94
N SER A 91 -15.77 4.04 -9.02
CA SER A 91 -16.55 2.86 -8.64
C SER A 91 -16.90 2.91 -7.16
N HIS A 92 -16.12 3.64 -6.44
CA HIS A 92 -16.31 3.84 -5.06
C HIS A 92 -15.53 5.11 -4.77
N HIS A 93 -15.68 5.69 -3.62
CA HIS A 93 -14.94 6.92 -3.30
C HIS A 93 -14.88 7.13 -1.80
N HIS A 94 -14.50 6.10 -1.12
CA HIS A 94 -14.44 6.09 0.31
C HIS A 94 -13.16 5.42 0.65
N PCA B 1 9.27 -8.64 -2.50
CA PCA B 1 9.80 -9.93 -2.88
CB PCA B 1 11.30 -9.92 -2.69
CG PCA B 1 11.62 -8.49 -2.37
CD PCA B 1 10.33 -7.88 -1.84
OE PCA B 1 10.25 -7.53 -0.66
C PCA B 1 9.15 -10.98 -2.02
O PCA B 1 8.89 -10.73 -0.83
H1 PCA B 1 8.46 -8.90 -1.91
H2 PCA B 1 8.81 -8.31 -3.37
HA PCA B 1 9.56 -10.10 -3.92
HB2 PCA B 1 11.57 -10.59 -1.89
HB3 PCA B 1 11.81 -10.20 -3.60
HG2 PCA B 1 12.39 -8.44 -1.62
HG3 PCA B 1 11.92 -7.96 -3.26
N ARG B 2 8.87 -12.15 -2.62
CA ARG B 2 8.26 -13.30 -1.95
C ARG B 2 6.82 -13.01 -1.59
N THR B 3 6.20 -12.14 -2.36
CA THR B 3 4.82 -11.78 -2.14
C THR B 3 4.03 -12.32 -3.32
N ARG B 4 2.72 -12.24 -3.30
CA ARG B 4 1.95 -12.80 -4.41
C ARG B 4 0.67 -12.06 -4.52
N GLN B 5 0.12 -12.05 -5.70
CA GLN B 5 -1.17 -11.50 -5.90
C GLN B 5 -2.24 -12.53 -5.64
N ARG B 6 -3.49 -12.08 -5.68
CA ARG B 6 -4.68 -12.88 -5.35
C ARG B 6 -4.71 -13.28 -3.90
N ASN B 7 -3.99 -12.51 -3.13
CA ASN B 7 -3.98 -12.57 -1.71
C ASN B 7 -3.45 -11.28 -1.19
N GLU B 8 -3.59 -11.08 0.09
CA GLU B 8 -3.09 -9.90 0.76
C GLU B 8 -1.68 -10.19 1.25
N THR B 9 -0.91 -9.18 1.47
CA THR B 9 0.44 -9.33 1.97
C THR B 9 0.78 -8.16 2.90
N GLN B 10 1.44 -8.45 4.02
CA GLN B 10 1.85 -7.41 4.96
C GLN B 10 3.14 -6.77 4.48
N VAL B 11 3.17 -5.49 4.48
CA VAL B 11 4.35 -4.75 4.14
C VAL B 11 5.23 -4.53 5.35
N MET A 1 -3.40 12.12 -0.84
CA MET A 1 -3.35 11.68 0.55
C MET A 1 -2.00 11.07 0.77
N GLU A 2 -1.18 11.80 1.41
CA GLU A 2 0.17 11.39 1.61
C GLU A 2 0.52 11.16 3.04
N ILE A 3 1.16 10.07 3.22
CA ILE A 3 1.50 9.54 4.48
C ILE A 3 2.99 9.33 4.56
N LYS A 4 3.64 10.16 5.31
CA LYS A 4 5.01 9.90 5.60
C LYS A 4 5.06 8.91 6.71
N LEU A 5 5.84 7.90 6.51
CA LEU A 5 5.99 6.80 7.41
C LEU A 5 7.42 6.54 7.67
N ILE A 6 7.68 5.94 8.76
CA ILE A 6 8.98 5.47 9.08
C ILE A 6 8.96 3.96 8.94
N LYS A 7 9.76 3.43 8.03
CA LYS A 7 9.90 2.01 7.92
C LYS A 7 10.71 1.51 9.12
N GLY A 8 10.65 0.26 9.43
CA GLY A 8 11.41 -0.25 10.52
C GLY A 8 11.78 -1.68 10.27
N PRO A 9 12.21 -2.42 11.29
CA PRO A 9 12.55 -3.86 11.16
C PRO A 9 11.29 -4.72 10.99
N LYS A 10 10.15 -4.11 11.25
CA LYS A 10 8.85 -4.76 11.14
C LYS A 10 8.23 -4.40 9.76
N GLY A 11 9.02 -3.72 8.96
CA GLY A 11 8.60 -3.30 7.65
C GLY A 11 7.85 -2.01 7.75
N LEU A 12 6.75 -1.92 7.06
CA LEU A 12 5.87 -0.79 7.19
C LEU A 12 4.70 -1.21 8.05
N GLY A 13 4.44 -2.50 8.00
CA GLY A 13 3.45 -3.10 8.86
C GLY A 13 2.04 -3.05 8.34
N PHE A 14 1.85 -3.43 7.11
CA PHE A 14 0.52 -3.60 6.54
C PHE A 14 0.56 -4.59 5.40
N SER A 15 -0.57 -4.95 4.91
CA SER A 15 -0.70 -5.93 3.89
C SER A 15 -1.54 -5.37 2.77
N ILE A 16 -1.04 -5.45 1.58
CA ILE A 16 -1.70 -4.91 0.43
C ILE A 16 -2.12 -6.01 -0.50
N ALA A 17 -3.08 -5.72 -1.33
CA ALA A 17 -3.54 -6.59 -2.35
C ALA A 17 -4.05 -5.75 -3.51
N GLY A 18 -3.53 -6.02 -4.65
CA GLY A 18 -3.95 -5.36 -5.85
C GLY A 18 -2.92 -5.61 -6.90
N GLY A 19 -3.09 -5.03 -8.05
CA GLY A 19 -2.12 -5.18 -9.09
C GLY A 19 -2.79 -5.51 -10.37
N VAL A 20 -2.03 -5.62 -11.44
CA VAL A 20 -2.56 -6.03 -12.74
C VAL A 20 -3.22 -7.40 -12.62
N GLY A 21 -4.54 -7.39 -12.61
CA GLY A 21 -5.30 -8.60 -12.53
C GLY A 21 -5.64 -8.97 -11.09
N ASN A 22 -5.00 -8.33 -10.15
CA ASN A 22 -5.23 -8.60 -8.74
C ASN A 22 -6.03 -7.45 -8.13
N GLN A 23 -6.71 -6.72 -9.00
CA GLN A 23 -7.51 -5.57 -8.63
C GLN A 23 -8.45 -5.88 -7.45
N HIS A 24 -8.31 -5.10 -6.41
CA HIS A 24 -9.10 -5.27 -5.19
C HIS A 24 -10.49 -4.69 -5.41
N ILE A 25 -10.51 -3.56 -6.07
CA ILE A 25 -11.75 -2.88 -6.35
C ILE A 25 -12.12 -3.09 -7.81
N PRO A 26 -13.33 -3.66 -8.06
CA PRO A 26 -13.84 -3.90 -9.41
C PRO A 26 -13.80 -2.66 -10.30
N GLY A 27 -12.89 -2.67 -11.24
CA GLY A 27 -12.75 -1.58 -12.17
C GLY A 27 -11.56 -0.71 -11.85
N ASP A 28 -10.85 -1.03 -10.78
CA ASP A 28 -9.71 -0.23 -10.37
C ASP A 28 -8.49 -1.13 -10.19
N ASN A 29 -7.60 -1.08 -11.17
CA ASN A 29 -6.44 -1.98 -11.31
C ASN A 29 -5.24 -1.50 -10.45
N SER A 30 -5.55 -1.00 -9.28
CA SER A 30 -4.55 -0.43 -8.40
C SER A 30 -4.31 -1.30 -7.14
N ILE A 31 -3.37 -0.87 -6.30
CA ILE A 31 -3.01 -1.59 -5.09
C ILE A 31 -3.83 -1.08 -3.91
N TYR A 32 -4.43 -1.98 -3.14
CA TYR A 32 -5.25 -1.58 -2.01
C TYR A 32 -4.79 -2.21 -0.71
N VAL A 33 -4.81 -1.41 0.34
CA VAL A 33 -4.47 -1.86 1.67
C VAL A 33 -5.59 -2.77 2.16
N THR A 34 -5.28 -4.02 2.37
CA THR A 34 -6.27 -4.99 2.75
C THR A 34 -6.21 -5.28 4.25
N LYS A 35 -5.08 -5.04 4.86
CA LYS A 35 -4.91 -5.27 6.27
C LYS A 35 -3.81 -4.39 6.76
N ILE A 36 -3.89 -3.94 7.95
CA ILE A 36 -2.81 -3.20 8.56
C ILE A 36 -2.36 -4.01 9.74
N ILE A 37 -1.08 -4.20 9.88
CA ILE A 37 -0.55 -5.03 10.92
C ILE A 37 -0.62 -4.31 12.25
N GLU A 38 -1.15 -4.99 13.20
CA GLU A 38 -1.34 -4.52 14.54
C GLU A 38 -0.02 -4.13 15.19
N GLY A 39 0.02 -2.88 15.61
CA GLY A 39 1.21 -2.32 16.19
C GLY A 39 2.26 -2.04 15.13
N GLY A 40 1.83 -2.02 13.88
CA GLY A 40 2.69 -1.67 12.78
C GLY A 40 2.91 -0.18 12.72
N ALA A 41 3.92 0.24 11.98
CA ALA A 41 4.19 1.66 11.84
C ALA A 41 3.01 2.30 11.13
N ALA A 42 2.52 1.65 10.10
CA ALA A 42 1.38 2.18 9.39
C ALA A 42 0.08 2.09 10.20
N HIS A 43 0.16 1.45 11.35
CA HIS A 43 -0.98 1.31 12.23
C HIS A 43 -0.97 2.45 13.24
N LYS A 44 0.23 2.84 13.67
CA LYS A 44 0.33 3.94 14.63
C LYS A 44 0.51 5.26 13.90
N ASP A 45 1.57 5.27 13.14
CA ASP A 45 2.13 6.44 12.48
C ASP A 45 1.45 6.64 11.16
N GLY A 46 0.98 5.55 10.66
CA GLY A 46 0.39 5.43 9.36
C GLY A 46 -0.79 6.31 9.04
N LYS A 47 -1.71 6.53 10.00
CA LYS A 47 -3.02 7.22 9.71
C LYS A 47 -3.70 6.66 8.44
N LEU A 48 -3.46 5.38 8.22
CA LEU A 48 -3.87 4.66 7.03
C LEU A 48 -5.12 3.85 7.33
N GLN A 49 -5.95 3.66 6.34
CA GLN A 49 -7.15 2.91 6.50
C GLN A 49 -7.10 1.68 5.60
N ILE A 50 -7.71 0.61 6.05
CA ILE A 50 -7.89 -0.53 5.21
C ILE A 50 -8.85 -0.10 4.08
N GLY A 51 -8.44 -0.24 2.84
CA GLY A 51 -9.24 0.22 1.74
C GLY A 51 -8.59 1.35 0.97
N ASP A 52 -7.49 1.88 1.51
CA ASP A 52 -6.74 2.92 0.83
C ASP A 52 -6.05 2.38 -0.41
N LYS A 53 -6.11 3.15 -1.48
CA LYS A 53 -5.45 2.80 -2.71
C LYS A 53 -4.11 3.44 -2.76
N LEU A 54 -3.11 2.65 -2.96
CA LEU A 54 -1.79 3.15 -3.10
C LEU A 54 -1.61 3.61 -4.52
N LEU A 55 -1.47 4.89 -4.64
CA LEU A 55 -1.28 5.53 -5.91
C LEU A 55 0.20 5.35 -6.21
N ALA A 56 1.01 5.57 -5.18
CA ALA A 56 2.43 5.52 -5.32
C ALA A 56 3.10 5.31 -3.97
N VAL A 57 4.34 4.88 -3.99
CA VAL A 57 5.14 4.83 -2.79
C VAL A 57 6.50 5.41 -3.14
N ASN A 58 6.93 6.39 -2.36
CA ASN A 58 8.17 7.16 -2.61
C ASN A 58 8.12 7.81 -3.94
N ASN A 59 6.93 8.16 -4.16
CA ASN A 59 6.37 8.78 -5.32
C ASN A 59 6.52 7.93 -6.62
N VAL A 60 6.80 6.64 -6.46
CA VAL A 60 6.88 5.73 -7.58
C VAL A 60 5.49 5.16 -7.80
N CYS A 61 5.00 5.28 -9.03
CA CYS A 61 3.65 4.86 -9.41
C CYS A 61 3.39 3.38 -9.13
N LEU A 62 2.36 3.12 -8.36
CA LEU A 62 1.96 1.77 -7.97
C LEU A 62 0.70 1.31 -8.67
N GLU A 63 0.09 2.18 -9.41
CA GLU A 63 -1.12 1.81 -10.08
C GLU A 63 -0.81 1.12 -11.41
N GLU A 64 -1.55 0.04 -11.65
CA GLU A 64 -1.47 -0.78 -12.86
C GLU A 64 -0.12 -1.46 -13.07
N VAL A 65 0.51 -1.81 -11.99
CA VAL A 65 1.74 -2.61 -12.02
C VAL A 65 1.41 -3.98 -11.41
N THR A 66 2.28 -4.95 -11.52
CA THR A 66 1.98 -6.22 -10.93
C THR A 66 2.26 -6.16 -9.44
N HIS A 67 1.52 -6.95 -8.65
CA HIS A 67 1.61 -6.91 -7.19
C HIS A 67 3.06 -7.02 -6.69
N GLU A 68 3.88 -7.84 -7.36
CA GLU A 68 5.29 -8.00 -6.97
C GLU A 68 6.05 -6.67 -7.08
N GLU A 69 5.78 -5.92 -8.15
CA GLU A 69 6.48 -4.66 -8.40
C GLU A 69 6.09 -3.67 -7.33
N ALA A 70 4.82 -3.73 -6.95
CA ALA A 70 4.26 -2.84 -5.99
C ALA A 70 4.85 -3.10 -4.61
N VAL A 71 4.71 -4.34 -4.14
CA VAL A 71 5.19 -4.69 -2.81
C VAL A 71 6.69 -4.43 -2.69
N THR A 72 7.43 -4.81 -3.71
CA THR A 72 8.86 -4.62 -3.76
C THR A 72 9.22 -3.11 -3.68
N ALA A 73 8.38 -2.26 -4.26
CA ALA A 73 8.59 -0.82 -4.21
C ALA A 73 8.44 -0.30 -2.78
N LEU A 74 7.48 -0.85 -2.02
CA LEU A 74 7.34 -0.44 -0.62
C LEU A 74 8.43 -1.05 0.23
N LYS A 75 8.89 -2.23 -0.18
CA LYS A 75 9.93 -2.90 0.55
C LYS A 75 11.29 -2.23 0.37
N ASN A 76 11.47 -1.57 -0.77
CA ASN A 76 12.70 -0.81 -1.06
C ASN A 76 12.69 0.56 -0.38
N THR A 77 12.44 0.53 0.89
CA THR A 77 12.45 1.69 1.70
C THR A 77 13.39 1.41 2.84
N SER A 78 13.82 2.43 3.51
CA SER A 78 14.60 2.22 4.69
C SER A 78 14.38 3.31 5.67
N ASP A 79 13.57 2.92 6.62
CA ASP A 79 13.23 3.62 7.82
C ASP A 79 12.85 5.10 7.61
N PHE A 80 12.29 5.34 6.41
CA PHE A 80 11.81 6.64 5.96
C PHE A 80 11.01 6.38 4.66
N VAL A 81 9.73 6.68 4.67
CA VAL A 81 8.83 6.38 3.55
C VAL A 81 7.87 7.56 3.26
N TYR A 82 7.53 7.75 2.00
CA TYR A 82 6.51 8.69 1.57
C TYR A 82 5.45 7.94 0.79
N LEU A 83 4.41 7.60 1.45
CA LEU A 83 3.34 6.80 0.89
C LEU A 83 2.26 7.73 0.29
N LYS A 84 1.82 7.40 -0.92
CA LYS A 84 0.87 8.20 -1.65
C LYS A 84 -0.42 7.41 -1.90
N VAL A 85 -1.48 7.81 -1.24
CA VAL A 85 -2.81 7.21 -1.39
C VAL A 85 -3.72 8.12 -2.21
N ALA A 86 -4.54 7.49 -3.00
CA ALA A 86 -5.64 8.08 -3.69
C ALA A 86 -6.82 7.23 -3.28
N LYS A 87 -8.00 7.75 -3.31
CA LYS A 87 -9.13 6.97 -2.87
C LYS A 87 -9.72 6.20 -4.01
N PRO A 88 -10.38 5.06 -3.69
CA PRO A 88 -11.07 4.24 -4.65
C PRO A 88 -11.92 5.07 -5.62
N THR A 89 -11.77 4.76 -6.86
CA THR A 89 -12.32 5.48 -7.96
C THR A 89 -13.85 5.38 -8.11
N GLY A 90 -14.51 6.11 -7.26
CA GLY A 90 -15.91 6.40 -7.40
C GLY A 90 -16.89 5.31 -7.02
N SER A 91 -16.81 4.18 -7.70
CA SER A 91 -17.77 3.08 -7.56
C SER A 91 -17.75 2.55 -6.14
N HIS A 92 -16.59 2.59 -5.59
CA HIS A 92 -16.35 2.21 -4.27
C HIS A 92 -15.63 3.36 -3.66
N HIS A 93 -15.89 3.67 -2.43
CA HIS A 93 -15.26 4.79 -1.78
C HIS A 93 -15.17 4.56 -0.28
N HIS A 94 -14.02 4.86 0.27
CA HIS A 94 -13.73 4.70 1.68
C HIS A 94 -12.38 5.39 1.94
N PCA B 1 10.67 -11.59 2.05
CA PCA B 1 9.96 -12.78 1.63
CB PCA B 1 8.62 -12.85 2.37
CG PCA B 1 8.77 -11.82 3.44
CD PCA B 1 9.79 -10.81 2.94
OE PCA B 1 9.44 -9.65 2.67
C PCA B 1 9.74 -12.67 0.14
O PCA B 1 10.36 -11.82 -0.50
H1 PCA B 1 10.85 -11.13 1.13
H2 PCA B 1 11.59 -11.92 2.37
HA PCA B 1 10.55 -13.66 1.85
HB2 PCA B 1 7.82 -12.61 1.69
HB3 PCA B 1 8.48 -13.82 2.81
HG2 PCA B 1 7.81 -11.34 3.62
HG3 PCA B 1 9.14 -12.27 4.35
N ARG B 2 8.89 -13.52 -0.41
CA ARG B 2 8.57 -13.45 -1.83
C ARG B 2 7.15 -12.95 -1.95
N THR B 3 6.83 -12.21 -2.98
CA THR B 3 5.52 -11.63 -3.07
C THR B 3 4.80 -12.19 -4.30
N ARG B 4 3.49 -12.20 -4.28
CA ARG B 4 2.70 -12.73 -5.38
C ARG B 4 1.36 -12.08 -5.44
N GLN B 5 0.85 -11.98 -6.64
CA GLN B 5 -0.46 -11.45 -6.85
C GLN B 5 -1.51 -12.52 -6.74
N ARG B 6 -2.77 -12.08 -6.74
CA ARG B 6 -3.95 -12.92 -6.51
C ARG B 6 -3.98 -13.41 -5.08
N ASN B 7 -3.26 -12.69 -4.27
CA ASN B 7 -3.20 -12.86 -2.85
C ASN B 7 -2.64 -11.58 -2.29
N GLU B 8 -2.64 -11.46 -0.99
CA GLU B 8 -2.16 -10.28 -0.31
C GLU B 8 -0.71 -10.48 0.11
N THR B 9 -0.02 -9.41 0.37
CA THR B 9 1.34 -9.51 0.82
C THR B 9 1.66 -8.38 1.83
N GLN B 10 2.41 -8.73 2.85
CA GLN B 10 2.82 -7.81 3.90
C GLN B 10 4.05 -7.02 3.44
N VAL B 11 4.03 -5.73 3.70
CA VAL B 11 5.11 -4.83 3.34
C VAL B 11 6.03 -4.57 4.54
N MET A 1 -5.23 12.01 1.08
CA MET A 1 -5.08 11.39 2.40
C MET A 1 -3.67 10.86 2.53
N GLU A 2 -2.79 11.73 2.87
CA GLU A 2 -1.40 11.42 2.97
C GLU A 2 -0.91 11.27 4.38
N ILE A 3 -0.07 10.29 4.53
CA ILE A 3 0.45 9.82 5.77
C ILE A 3 1.96 9.76 5.65
N LYS A 4 2.66 10.44 6.51
CA LYS A 4 4.10 10.42 6.46
C LYS A 4 4.65 9.38 7.41
N LEU A 5 5.17 8.34 6.85
CA LEU A 5 5.68 7.22 7.56
C LEU A 5 7.18 7.24 7.52
N ILE A 6 7.78 6.69 8.52
CA ILE A 6 9.19 6.49 8.54
C ILE A 6 9.44 5.02 8.30
N LYS A 7 9.99 4.70 7.15
CA LYS A 7 10.21 3.31 6.77
C LYS A 7 11.39 2.71 7.51
N GLY A 8 11.20 1.55 8.09
CA GLY A 8 12.25 0.98 8.87
C GLY A 8 12.49 -0.48 8.56
N PRO A 9 13.05 -1.26 9.51
CA PRO A 9 13.43 -2.67 9.28
C PRO A 9 12.26 -3.63 9.09
N LYS A 10 11.06 -3.18 9.41
CA LYS A 10 9.89 -4.02 9.27
C LYS A 10 9.09 -3.53 8.05
N GLY A 11 9.72 -2.61 7.32
CA GLY A 11 9.15 -2.03 6.14
C GLY A 11 8.25 -0.89 6.50
N LEU A 12 7.11 -0.84 5.87
CA LEU A 12 6.09 0.10 6.24
C LEU A 12 5.11 -0.69 7.09
N GLY A 13 5.11 -2.00 6.82
CA GLY A 13 4.37 -2.96 7.61
C GLY A 13 2.91 -3.05 7.31
N PHE A 14 2.59 -3.26 6.08
CA PHE A 14 1.24 -3.54 5.68
C PHE A 14 1.28 -4.30 4.39
N SER A 15 0.24 -4.99 4.10
CA SER A 15 0.18 -5.81 2.94
C SER A 15 -0.83 -5.25 1.98
N ILE A 16 -0.45 -5.16 0.75
CA ILE A 16 -1.29 -4.61 -0.27
C ILE A 16 -1.65 -5.65 -1.31
N ALA A 17 -2.76 -5.44 -1.95
CA ALA A 17 -3.21 -6.23 -3.06
C ALA A 17 -3.89 -5.28 -4.02
N GLY A 18 -3.48 -5.32 -5.24
CA GLY A 18 -3.99 -4.42 -6.23
C GLY A 18 -2.93 -4.12 -7.23
N GLY A 19 -3.31 -3.85 -8.42
CA GLY A 19 -2.37 -3.58 -9.47
C GLY A 19 -2.79 -4.36 -10.66
N VAL A 20 -2.15 -4.14 -11.81
CA VAL A 20 -2.47 -4.83 -13.07
C VAL A 20 -2.66 -6.34 -12.86
N GLY A 21 -3.90 -6.78 -13.01
CA GLY A 21 -4.23 -8.18 -12.90
C GLY A 21 -4.68 -8.56 -11.50
N ASN A 22 -4.15 -7.86 -10.52
CA ASN A 22 -4.44 -8.14 -9.13
C ASN A 22 -5.38 -7.08 -8.57
N GLN A 23 -6.18 -6.48 -9.46
CA GLN A 23 -7.16 -5.50 -9.08
C GLN A 23 -8.01 -6.03 -7.91
N HIS A 24 -8.04 -5.27 -6.85
CA HIS A 24 -8.66 -5.68 -5.61
C HIS A 24 -10.17 -5.57 -5.75
N ILE A 25 -10.61 -4.42 -6.16
CA ILE A 25 -12.03 -4.18 -6.34
C ILE A 25 -12.32 -4.24 -7.84
N PRO A 26 -13.39 -4.96 -8.26
CA PRO A 26 -13.76 -5.11 -9.67
C PRO A 26 -13.88 -3.78 -10.43
N GLY A 27 -12.95 -3.56 -11.33
CA GLY A 27 -12.94 -2.37 -12.15
C GLY A 27 -12.01 -1.32 -11.59
N ASP A 28 -11.43 -1.60 -10.45
CA ASP A 28 -10.56 -0.65 -9.79
C ASP A 28 -9.17 -1.28 -9.64
N ASN A 29 -8.29 -0.96 -10.56
CA ASN A 29 -6.99 -1.59 -10.67
C ASN A 29 -5.98 -0.91 -9.73
N SER A 30 -6.47 -0.36 -8.64
CA SER A 30 -5.61 0.39 -7.74
C SER A 30 -5.03 -0.52 -6.66
N ILE A 31 -4.01 -0.02 -5.99
CA ILE A 31 -3.39 -0.73 -4.92
C ILE A 31 -4.26 -0.56 -3.66
N TYR A 32 -4.67 -1.65 -3.05
CA TYR A 32 -5.50 -1.59 -1.87
C TYR A 32 -4.88 -2.31 -0.70
N VAL A 33 -4.85 -1.64 0.44
CA VAL A 33 -4.30 -2.19 1.67
C VAL A 33 -5.18 -3.34 2.14
N THR A 34 -4.62 -4.52 2.18
CA THR A 34 -5.34 -5.72 2.53
C THR A 34 -5.10 -6.09 3.98
N LYS A 35 -4.06 -5.56 4.55
CA LYS A 35 -3.68 -5.92 5.87
C LYS A 35 -2.69 -4.93 6.36
N ILE A 36 -2.62 -4.74 7.64
CA ILE A 36 -1.65 -3.87 8.23
C ILE A 36 -0.92 -4.67 9.30
N ILE A 37 0.37 -4.81 9.14
CA ILE A 37 1.20 -5.61 10.01
C ILE A 37 1.65 -4.78 11.21
N GLU A 38 1.40 -5.28 12.43
CA GLU A 38 1.78 -4.52 13.59
C GLU A 38 3.28 -4.37 13.59
N GLY A 39 3.74 -3.30 14.09
CA GLY A 39 5.16 -3.07 14.13
C GLY A 39 5.56 -2.26 12.96
N GLY A 40 4.71 -2.25 11.97
CA GLY A 40 4.93 -1.41 10.86
C GLY A 40 4.66 -0.01 11.25
N ALA A 41 5.35 0.90 10.61
CA ALA A 41 5.18 2.31 10.84
C ALA A 41 3.73 2.67 10.60
N ALA A 42 3.15 2.04 9.60
CA ALA A 42 1.79 2.34 9.25
C ALA A 42 0.76 1.74 10.23
N HIS A 43 1.17 0.83 11.08
CA HIS A 43 0.24 0.30 12.06
C HIS A 43 0.37 1.09 13.34
N LYS A 44 1.56 1.58 13.60
CA LYS A 44 1.78 2.35 14.81
C LYS A 44 1.38 3.82 14.59
N ASP A 45 2.02 4.43 13.63
CA ASP A 45 1.77 5.84 13.26
C ASP A 45 0.66 5.96 12.31
N GLY A 46 0.72 5.04 11.39
CA GLY A 46 0.08 5.09 10.08
C GLY A 46 -1.30 5.59 9.95
N LYS A 47 -2.10 5.55 11.00
CA LYS A 47 -3.53 5.99 10.98
C LYS A 47 -4.27 5.50 9.70
N LEU A 48 -3.84 4.34 9.23
CA LEU A 48 -4.23 3.76 7.96
C LEU A 48 -5.31 2.72 8.18
N GLN A 49 -6.13 2.51 7.19
CA GLN A 49 -7.20 1.55 7.26
C GLN A 49 -7.00 0.45 6.22
N ILE A 50 -7.37 -0.74 6.59
CA ILE A 50 -7.43 -1.82 5.64
C ILE A 50 -8.54 -1.47 4.63
N GLY A 51 -8.20 -1.37 3.37
CA GLY A 51 -9.16 -0.97 2.37
C GLY A 51 -8.81 0.36 1.73
N ASP A 52 -7.79 1.01 2.26
CA ASP A 52 -7.29 2.26 1.69
C ASP A 52 -6.60 2.04 0.36
N LYS A 53 -6.88 2.92 -0.58
CA LYS A 53 -6.33 2.89 -1.92
C LYS A 53 -5.07 3.73 -1.98
N LEU A 54 -3.98 3.11 -2.31
CA LEU A 54 -2.76 3.83 -2.44
C LEU A 54 -2.73 4.52 -3.75
N LEU A 55 -2.74 5.81 -3.69
CA LEU A 55 -2.71 6.66 -4.83
C LEU A 55 -1.25 6.77 -5.25
N ALA A 56 -0.38 6.86 -4.25
CA ALA A 56 1.02 7.06 -4.52
C ALA A 56 1.88 6.76 -3.32
N VAL A 57 3.17 6.66 -3.57
CA VAL A 57 4.17 6.56 -2.50
C VAL A 57 5.30 7.54 -2.84
N ASN A 58 5.48 8.55 -1.96
CA ASN A 58 6.42 9.69 -2.19
C ASN A 58 5.98 10.48 -3.35
N ASN A 59 4.70 10.39 -3.46
CA ASN A 59 3.86 10.98 -4.51
C ASN A 59 4.10 10.38 -5.90
N VAL A 60 4.83 9.28 -5.96
CA VAL A 60 5.00 8.54 -7.18
C VAL A 60 3.73 7.74 -7.37
N CYS A 61 3.03 7.99 -8.45
CA CYS A 61 1.73 7.41 -8.74
C CYS A 61 1.72 5.88 -8.79
N LEU A 62 0.86 5.31 -7.98
CA LEU A 62 0.57 3.88 -7.93
C LEU A 62 -0.74 3.60 -8.65
N GLU A 63 -1.19 4.61 -9.35
CA GLU A 63 -2.37 4.56 -10.15
C GLU A 63 -2.04 3.86 -11.45
N GLU A 64 -2.62 2.66 -11.64
CA GLU A 64 -2.42 1.83 -12.80
C GLU A 64 -0.94 1.43 -12.99
N VAL A 65 -0.59 0.39 -12.28
CA VAL A 65 0.78 -0.16 -12.21
C VAL A 65 0.68 -1.63 -11.88
N THR A 66 1.71 -2.40 -12.11
CA THR A 66 1.68 -3.81 -11.83
C THR A 66 1.86 -4.02 -10.33
N HIS A 67 1.17 -5.01 -9.77
CA HIS A 67 1.22 -5.25 -8.29
C HIS A 67 2.63 -5.35 -7.78
N GLU A 68 3.42 -6.16 -8.44
CA GLU A 68 4.80 -6.41 -8.08
C GLU A 68 5.62 -5.12 -8.14
N GLU A 69 5.29 -4.32 -9.11
CA GLU A 69 5.98 -3.10 -9.43
C GLU A 69 5.66 -2.06 -8.37
N ALA A 70 4.44 -2.12 -7.89
CA ALA A 70 3.97 -1.23 -6.87
C ALA A 70 4.62 -1.57 -5.55
N VAL A 71 4.62 -2.85 -5.18
CA VAL A 71 5.21 -3.27 -3.91
C VAL A 71 6.68 -2.86 -3.88
N THR A 72 7.38 -3.11 -4.96
CA THR A 72 8.76 -2.74 -5.08
C THR A 72 8.93 -1.19 -4.95
N ALA A 73 7.94 -0.42 -5.41
CA ALA A 73 8.00 1.03 -5.28
C ALA A 73 7.95 1.45 -3.81
N LEU A 74 7.17 0.72 -3.01
CA LEU A 74 7.12 1.01 -1.58
C LEU A 74 8.32 0.42 -0.87
N LYS A 75 8.92 -0.60 -1.43
CA LYS A 75 10.09 -1.19 -0.84
C LYS A 75 11.34 -0.35 -1.02
N ASN A 76 11.41 0.35 -2.16
CA ASN A 76 12.56 1.21 -2.54
C ASN A 76 12.63 2.53 -1.77
N THR A 77 12.22 2.52 -0.54
CA THR A 77 12.29 3.67 0.31
C THR A 77 13.03 3.32 1.58
N SER A 78 13.54 4.31 2.23
CA SER A 78 14.24 4.13 3.48
C SER A 78 14.04 5.35 4.35
N ASP A 79 13.56 5.10 5.55
CA ASP A 79 13.40 6.07 6.67
C ASP A 79 12.46 7.27 6.36
N PHE A 80 11.87 7.33 5.18
CA PHE A 80 11.00 8.44 4.87
C PHE A 80 10.04 8.08 3.74
N VAL A 81 8.76 8.12 4.03
CA VAL A 81 7.73 7.78 3.04
C VAL A 81 6.50 8.70 3.18
N TYR A 82 6.19 9.45 2.15
CA TYR A 82 4.92 10.13 2.09
C TYR A 82 3.93 9.21 1.39
N LEU A 83 3.18 8.51 2.16
CA LEU A 83 2.22 7.59 1.65
C LEU A 83 0.96 8.34 1.31
N LYS A 84 0.46 8.13 0.13
CA LYS A 84 -0.63 8.89 -0.34
C LYS A 84 -1.80 7.98 -0.67
N VAL A 85 -2.85 8.10 0.10
CA VAL A 85 -4.07 7.32 -0.06
C VAL A 85 -5.18 8.17 -0.68
N ALA A 86 -5.96 7.52 -1.49
CA ALA A 86 -7.16 8.01 -2.08
C ALA A 86 -8.23 7.06 -1.63
N LYS A 87 -9.45 7.46 -1.63
CA LYS A 87 -10.50 6.56 -1.20
C LYS A 87 -10.90 5.66 -2.36
N PRO A 88 -11.40 4.45 -2.06
CA PRO A 88 -11.84 3.49 -3.08
C PRO A 88 -12.76 4.10 -4.14
N THR A 89 -12.29 4.08 -5.35
CA THR A 89 -12.96 4.70 -6.45
C THR A 89 -14.05 3.86 -7.08
N GLY A 90 -13.83 2.58 -7.19
CA GLY A 90 -14.80 1.74 -7.82
C GLY A 90 -15.75 1.06 -6.87
N SER A 91 -16.10 1.74 -5.79
CA SER A 91 -17.02 1.21 -4.80
C SER A 91 -17.45 2.33 -3.85
N HIS A 92 -18.22 1.99 -2.82
CA HIS A 92 -18.59 2.96 -1.82
C HIS A 92 -17.37 3.13 -0.93
N HIS A 93 -17.00 4.35 -0.69
CA HIS A 93 -15.77 4.61 0.01
C HIS A 93 -15.91 5.09 1.43
N HIS A 94 -14.99 4.62 2.23
CA HIS A 94 -14.87 4.95 3.62
C HIS A 94 -13.40 5.22 3.86
N PCA B 1 10.18 -8.18 -8.35
CA PCA B 1 10.97 -9.39 -8.22
CB PCA B 1 12.43 -9.05 -8.44
CG PCA B 1 12.38 -7.67 -9.01
CD PCA B 1 11.09 -7.04 -8.51
OE PCA B 1 11.11 -6.13 -7.69
C PCA B 1 10.77 -9.96 -6.83
O PCA B 1 10.84 -9.22 -5.84
H1 PCA B 1 9.57 -8.18 -7.50
H2 PCA B 1 9.50 -8.45 -9.10
HA PCA B 1 10.66 -10.11 -8.95
HB2 PCA B 1 12.97 -9.08 -7.51
HB3 PCA B 1 12.88 -9.72 -9.17
HG2 PCA B 1 13.23 -7.10 -8.66
HG3 PCA B 1 12.35 -7.70 -10.09
N ARG B 2 10.55 -11.29 -6.74
CA ARG B 2 10.18 -12.01 -5.49
C ARG B 2 8.77 -11.65 -5.02
N THR B 3 8.41 -10.41 -5.20
CA THR B 3 7.07 -9.94 -5.03
C THR B 3 6.25 -10.52 -6.21
N ARG B 4 4.96 -10.67 -6.08
CA ARG B 4 4.17 -11.37 -7.10
C ARG B 4 2.75 -10.83 -7.04
N GLN B 5 2.05 -10.91 -8.15
CA GLN B 5 0.67 -10.46 -8.21
C GLN B 5 -0.29 -11.58 -7.79
N ARG B 6 -1.55 -11.20 -7.61
CA ARG B 6 -2.66 -12.07 -7.19
C ARG B 6 -2.54 -12.62 -5.80
N ASN B 7 -1.76 -11.95 -5.04
CA ASN B 7 -1.58 -12.21 -3.66
C ASN B 7 -1.38 -10.88 -3.01
N GLU B 8 -1.38 -10.87 -1.71
CA GLU B 8 -1.08 -9.68 -1.00
C GLU B 8 0.38 -9.72 -0.65
N THR B 9 1.01 -8.60 -0.63
CA THR B 9 2.41 -8.56 -0.36
C THR B 9 2.70 -7.45 0.66
N GLN B 10 3.47 -7.77 1.69
CA GLN B 10 3.87 -6.80 2.70
C GLN B 10 4.94 -5.89 2.13
N VAL B 11 4.80 -4.63 2.39
CA VAL B 11 5.74 -3.63 1.93
C VAL B 11 6.82 -3.32 2.97
N MET A 1 -4.03 11.42 -1.90
CA MET A 1 -3.37 11.70 -0.62
C MET A 1 -1.96 11.21 -0.67
N GLU A 2 -1.12 11.75 0.17
CA GLU A 2 0.19 11.22 0.32
C GLU A 2 0.59 11.29 1.75
N ILE A 3 0.86 10.17 2.24
CA ILE A 3 1.17 9.98 3.57
C ILE A 3 2.64 9.89 3.74
N LYS A 4 3.19 10.94 4.29
CA LYS A 4 4.51 10.86 4.78
C LYS A 4 4.38 10.12 6.05
N LEU A 5 4.76 8.91 5.98
CA LEU A 5 4.61 8.00 7.02
C LEU A 5 5.96 7.72 7.56
N ILE A 6 6.08 7.69 8.82
CA ILE A 6 7.35 7.42 9.38
C ILE A 6 7.46 5.93 9.69
N LYS A 7 8.62 5.33 9.38
CA LYS A 7 8.82 3.90 9.64
C LYS A 7 8.89 3.64 11.17
N GLY A 8 9.03 2.40 11.55
CA GLY A 8 9.03 2.05 12.94
C GLY A 8 9.87 0.83 13.17
N PRO A 9 9.90 0.26 14.40
CA PRO A 9 10.71 -0.92 14.72
C PRO A 9 10.24 -2.16 13.95
N LYS A 10 8.93 -2.31 13.86
CA LYS A 10 8.31 -3.46 13.16
C LYS A 10 8.22 -3.10 11.67
N GLY A 11 8.41 -1.88 11.44
CA GLY A 11 8.21 -1.29 10.15
C GLY A 11 6.88 -0.64 10.11
N LEU A 12 6.22 -0.70 8.99
CA LEU A 12 4.96 0.01 8.84
C LEU A 12 3.84 -0.68 9.59
N GLY A 13 3.75 -1.99 9.43
CA GLY A 13 2.78 -2.75 10.18
C GLY A 13 1.38 -2.77 9.58
N PHE A 14 1.27 -3.15 8.36
CA PHE A 14 -0.03 -3.34 7.73
C PHE A 14 0.10 -4.37 6.64
N SER A 15 -0.99 -4.79 6.06
CA SER A 15 -0.95 -5.81 5.05
C SER A 15 -1.59 -5.30 3.78
N ILE A 16 -0.96 -5.56 2.67
CA ILE A 16 -1.45 -5.13 1.39
C ILE A 16 -1.69 -6.31 0.49
N ALA A 17 -2.55 -6.11 -0.47
CA ALA A 17 -2.84 -7.09 -1.48
C ALA A 17 -3.17 -6.37 -2.75
N GLY A 18 -2.60 -6.81 -3.80
CA GLY A 18 -2.83 -6.23 -5.08
C GLY A 18 -1.69 -6.56 -5.96
N GLY A 19 -1.69 -6.09 -7.14
CA GLY A 19 -0.63 -6.36 -8.04
C GLY A 19 -1.20 -6.75 -9.32
N VAL A 20 -0.37 -6.96 -10.32
CA VAL A 20 -0.82 -7.42 -11.63
C VAL A 20 -1.64 -8.72 -11.50
N GLY A 21 -2.94 -8.57 -11.55
CA GLY A 21 -3.85 -9.69 -11.47
C GLY A 21 -4.09 -10.17 -10.04
N ASN A 22 -3.50 -9.49 -9.07
CA ASN A 22 -3.72 -9.80 -7.64
C ASN A 22 -4.56 -8.68 -7.05
N GLN A 23 -5.10 -7.87 -7.92
CA GLN A 23 -5.81 -6.69 -7.54
C GLN A 23 -7.06 -6.91 -6.69
N HIS A 24 -7.14 -6.11 -5.65
CA HIS A 24 -8.25 -6.16 -4.71
C HIS A 24 -9.53 -5.61 -5.37
N ILE A 25 -9.35 -4.62 -6.23
CA ILE A 25 -10.47 -4.03 -6.93
C ILE A 25 -10.50 -4.51 -8.38
N PRO A 26 -11.60 -5.19 -8.78
CA PRO A 26 -11.78 -5.63 -10.16
C PRO A 26 -11.73 -4.46 -11.15
N GLY A 27 -10.69 -4.41 -11.93
CA GLY A 27 -10.53 -3.35 -12.90
C GLY A 27 -9.40 -2.42 -12.54
N ASP A 28 -9.12 -2.31 -11.25
CA ASP A 28 -8.06 -1.42 -10.78
C ASP A 28 -6.89 -2.26 -10.35
N ASN A 29 -5.88 -2.32 -11.18
CA ASN A 29 -4.76 -3.23 -11.03
C ASN A 29 -3.67 -2.67 -10.04
N SER A 30 -4.13 -2.03 -8.98
CA SER A 30 -3.24 -1.43 -7.99
C SER A 30 -3.14 -2.25 -6.71
N ILE A 31 -2.31 -1.76 -5.81
CA ILE A 31 -2.06 -2.39 -4.54
C ILE A 31 -3.00 -1.79 -3.51
N TYR A 32 -3.67 -2.62 -2.74
CA TYR A 32 -4.63 -2.14 -1.77
C TYR A 32 -4.33 -2.62 -0.37
N VAL A 33 -4.43 -1.70 0.55
CA VAL A 33 -4.27 -1.99 1.97
C VAL A 33 -5.41 -2.90 2.38
N THR A 34 -5.10 -4.09 2.80
CA THR A 34 -6.11 -5.05 3.13
C THR A 34 -6.20 -5.27 4.66
N LYS A 35 -5.14 -4.92 5.38
CA LYS A 35 -5.13 -5.03 6.85
C LYS A 35 -4.24 -3.94 7.37
N ILE A 36 -4.40 -3.58 8.62
CA ILE A 36 -3.51 -2.66 9.31
C ILE A 36 -3.33 -3.19 10.73
N ILE A 37 -2.10 -3.40 11.15
CA ILE A 37 -1.80 -3.94 12.46
C ILE A 37 -1.77 -2.80 13.44
N GLU A 38 -2.67 -2.79 14.42
CA GLU A 38 -2.69 -1.72 15.35
C GLU A 38 -1.40 -1.79 16.16
N GLY A 39 -0.91 -0.67 16.56
CA GLY A 39 0.36 -0.63 17.23
C GLY A 39 1.44 -0.34 16.25
N GLY A 40 1.21 -0.71 14.99
CA GLY A 40 2.13 -0.42 13.96
C GLY A 40 2.18 1.06 13.66
N ALA A 41 3.29 1.49 13.10
CA ALA A 41 3.51 2.87 12.77
C ALA A 41 2.42 3.36 11.84
N ALA A 42 2.06 2.53 10.90
CA ALA A 42 1.05 2.89 9.93
C ALA A 42 -0.37 2.84 10.50
N HIS A 43 -0.53 2.40 11.71
CA HIS A 43 -1.81 2.48 12.33
C HIS A 43 -1.87 3.75 13.17
N LYS A 44 -0.76 4.07 13.81
CA LYS A 44 -0.73 5.25 14.66
C LYS A 44 -0.48 6.52 13.85
N ASP A 45 0.62 6.55 13.14
CA ASP A 45 1.01 7.68 12.27
C ASP A 45 0.39 7.52 10.96
N GLY A 46 0.21 6.30 10.62
CA GLY A 46 -0.17 5.86 9.28
C GLY A 46 -1.22 6.64 8.60
N LYS A 47 -2.19 7.18 9.35
CA LYS A 47 -3.30 8.01 8.81
C LYS A 47 -3.90 7.33 7.53
N LEU A 48 -3.94 6.00 7.60
CA LEU A 48 -4.22 5.10 6.48
C LEU A 48 -5.46 4.30 6.79
N GLN A 49 -6.07 3.79 5.76
CA GLN A 49 -7.31 3.12 5.87
C GLN A 49 -7.27 1.80 5.05
N ILE A 50 -7.94 0.77 5.54
CA ILE A 50 -8.04 -0.47 4.80
C ILE A 50 -8.89 -0.23 3.53
N GLY A 51 -8.31 -0.44 2.37
CA GLY A 51 -8.98 -0.15 1.12
C GLY A 51 -8.28 0.94 0.34
N ASP A 52 -7.16 1.39 0.86
CA ASP A 52 -6.32 2.39 0.19
C ASP A 52 -5.57 1.82 -1.01
N LYS A 53 -5.62 2.54 -2.12
CA LYS A 53 -4.94 2.20 -3.37
C LYS A 53 -3.58 2.88 -3.39
N LEU A 54 -2.55 2.11 -3.37
CA LEU A 54 -1.22 2.66 -3.36
C LEU A 54 -0.80 2.97 -4.75
N LEU A 55 -0.67 4.24 -5.00
CA LEU A 55 -0.32 4.76 -6.30
C LEU A 55 1.19 4.71 -6.45
N ALA A 56 1.89 5.04 -5.37
CA ALA A 56 3.34 5.04 -5.35
C ALA A 56 3.82 5.05 -3.92
N VAL A 57 4.92 4.40 -3.66
CA VAL A 57 5.50 4.45 -2.34
C VAL A 57 7.00 4.66 -2.47
N ASN A 58 7.47 5.63 -1.71
CA ASN A 58 8.87 6.07 -1.66
C ASN A 58 9.45 6.17 -3.07
N ASN A 59 8.92 7.14 -3.81
CA ASN A 59 9.26 7.41 -5.22
C ASN A 59 8.83 6.28 -6.22
N VAL A 60 8.71 5.04 -5.77
CA VAL A 60 8.40 3.93 -6.67
C VAL A 60 6.91 3.90 -6.98
N CYS A 61 6.58 3.91 -8.24
CA CYS A 61 5.21 3.84 -8.69
C CYS A 61 4.64 2.42 -8.52
N LEU A 62 3.49 2.32 -7.90
CA LEU A 62 2.85 1.02 -7.63
C LEU A 62 1.63 0.79 -8.52
N GLU A 63 1.34 1.75 -9.37
CA GLU A 63 0.27 1.59 -10.34
C GLU A 63 0.67 0.55 -11.37
N GLU A 64 0.04 -0.61 -11.25
CA GLU A 64 0.26 -1.74 -12.13
C GLU A 64 1.70 -2.29 -12.07
N VAL A 65 1.97 -2.97 -10.97
CA VAL A 65 3.23 -3.64 -10.73
C VAL A 65 2.95 -4.97 -10.08
N THR A 66 3.93 -5.82 -9.96
CA THR A 66 3.75 -7.04 -9.26
C THR A 66 3.76 -6.77 -7.76
N HIS A 67 3.01 -7.55 -7.01
CA HIS A 67 2.77 -7.33 -5.59
C HIS A 67 4.08 -7.31 -4.87
N GLU A 68 4.93 -8.15 -5.33
CA GLU A 68 6.24 -8.31 -4.83
C GLU A 68 7.03 -7.04 -4.85
N GLU A 69 6.96 -6.29 -5.94
CA GLU A 69 7.76 -5.11 -6.06
C GLU A 69 7.19 -4.04 -5.19
N ALA A 70 5.89 -4.11 -5.03
CA ALA A 70 5.17 -3.19 -4.22
C ALA A 70 5.56 -3.39 -2.78
N VAL A 71 5.37 -4.61 -2.28
CA VAL A 71 5.69 -4.92 -0.89
C VAL A 71 7.16 -4.66 -0.63
N THR A 72 7.98 -5.05 -1.58
CA THR A 72 9.41 -4.83 -1.51
C THR A 72 9.75 -3.31 -1.44
N ALA A 73 9.00 -2.48 -2.13
CA ALA A 73 9.19 -1.03 -2.06
C ALA A 73 8.80 -0.49 -0.69
N LEU A 74 7.73 -1.04 -0.09
CA LEU A 74 7.34 -0.63 1.25
C LEU A 74 8.31 -1.16 2.28
N LYS A 75 8.92 -2.29 1.98
CA LYS A 75 9.88 -2.86 2.87
C LYS A 75 11.19 -2.10 2.87
N ASN A 76 11.56 -1.58 1.72
CA ASN A 76 12.77 -0.79 1.60
C ASN A 76 12.51 0.65 1.96
N THR A 77 12.12 0.86 3.18
CA THR A 77 11.87 2.17 3.70
C THR A 77 12.70 2.37 4.95
N SER A 78 13.04 3.60 5.25
CA SER A 78 13.80 3.88 6.44
C SER A 78 13.42 5.21 7.01
N ASP A 79 12.45 5.11 7.86
CA ASP A 79 11.95 6.16 8.76
C ASP A 79 11.40 7.37 8.06
N PHE A 80 11.15 7.21 6.80
CA PHE A 80 10.51 8.19 6.01
C PHE A 80 9.90 7.51 4.80
N VAL A 81 8.62 7.39 4.79
CA VAL A 81 7.90 6.76 3.75
C VAL A 81 7.02 7.79 3.05
N TYR A 82 7.18 7.93 1.78
CA TYR A 82 6.32 8.81 1.01
C TYR A 82 5.32 7.89 0.33
N LEU A 83 4.20 7.74 0.92
CA LEU A 83 3.19 6.84 0.43
C LEU A 83 2.10 7.65 -0.28
N LYS A 84 2.12 7.61 -1.57
CA LYS A 84 1.15 8.33 -2.35
C LYS A 84 0.01 7.36 -2.64
N VAL A 85 -1.11 7.64 -2.06
CA VAL A 85 -2.27 6.78 -2.11
C VAL A 85 -3.45 7.51 -2.77
N ALA A 86 -4.25 6.77 -3.47
CA ALA A 86 -5.42 7.27 -4.12
C ALA A 86 -6.60 6.45 -3.66
N LYS A 87 -7.78 6.97 -3.77
CA LYS A 87 -8.96 6.23 -3.41
C LYS A 87 -9.45 5.54 -4.67
N PRO A 88 -10.15 4.41 -4.56
CA PRO A 88 -10.78 3.79 -5.71
C PRO A 88 -12.05 4.56 -6.11
N THR A 89 -11.86 5.67 -6.78
CA THR A 89 -12.95 6.53 -7.18
C THR A 89 -13.70 5.97 -8.40
N GLY A 90 -14.47 4.95 -8.13
CA GLY A 90 -15.35 4.35 -9.10
C GLY A 90 -16.29 3.40 -8.40
N SER A 91 -16.41 3.58 -7.10
CA SER A 91 -17.21 2.75 -6.26
C SER A 91 -17.28 3.49 -4.92
N HIS A 92 -17.76 2.83 -3.90
CA HIS A 92 -17.84 3.42 -2.58
C HIS A 92 -16.49 3.34 -1.92
N HIS A 93 -15.70 4.36 -2.13
CA HIS A 93 -14.38 4.43 -1.58
C HIS A 93 -14.40 5.02 -0.20
N HIS A 94 -13.56 4.51 0.64
CA HIS A 94 -13.44 4.98 1.99
C HIS A 94 -12.00 5.37 2.20
N PCA B 1 13.91 -16.17 0.28
CA PCA B 1 12.48 -16.03 0.08
CB PCA B 1 11.75 -16.61 1.27
CG PCA B 1 12.85 -16.90 2.25
CD PCA B 1 14.13 -17.03 1.43
OE PCA B 1 14.68 -18.11 1.31
C PCA B 1 12.19 -14.62 -0.11
O PCA B 1 13.08 -13.78 0.02
H1 PCA B 1 14.20 -15.17 0.40
H2 PCA B 1 14.29 -16.42 -0.66
HA PCA B 1 12.09 -16.42 -0.84
HB2 PCA B 1 11.05 -15.87 1.65
HB3 PCA B 1 11.25 -17.52 1.01
HG2 PCA B 1 12.93 -16.07 2.95
HG3 PCA B 1 12.66 -17.82 2.76
N ARG B 2 10.98 -14.33 -0.43
CA ARG B 2 10.58 -13.04 -0.77
C ARG B 2 9.06 -13.01 -0.65
N THR B 3 8.48 -11.86 -0.87
CA THR B 3 7.04 -11.65 -0.86
C THR B 3 6.39 -12.38 -2.06
N ARG B 4 5.07 -12.32 -2.20
CA ARG B 4 4.41 -13.07 -3.25
C ARG B 4 3.15 -12.36 -3.65
N GLN B 5 2.78 -12.54 -4.87
CA GLN B 5 1.51 -12.11 -5.38
C GLN B 5 0.47 -13.20 -5.09
N ARG B 6 -0.78 -12.89 -5.41
CA ARG B 6 -1.93 -13.80 -5.22
C ARG B 6 -2.24 -14.09 -3.77
N ASN B 7 -1.66 -13.30 -2.90
CA ASN B 7 -1.93 -13.33 -1.49
C ASN B 7 -1.60 -12.00 -0.93
N GLU B 8 -2.07 -11.71 0.25
CA GLU B 8 -1.76 -10.48 0.89
C GLU B 8 -0.43 -10.65 1.64
N THR B 9 0.25 -9.57 1.88
CA THR B 9 1.52 -9.64 2.56
C THR B 9 1.71 -8.43 3.48
N GLN B 10 2.28 -8.66 4.65
CA GLN B 10 2.50 -7.62 5.61
C GLN B 10 3.73 -6.89 5.36
N VAL B 11 3.72 -5.67 5.71
CA VAL B 11 4.87 -4.92 5.61
C VAL B 11 5.52 -4.77 6.99
N MET A 1 -2.30 11.89 -2.56
CA MET A 1 -2.44 11.99 -1.13
C MET A 1 -1.28 11.27 -0.53
N GLU A 2 -0.39 12.01 0.03
CA GLU A 2 0.82 11.45 0.53
C GLU A 2 1.01 11.53 2.01
N ILE A 3 1.43 10.42 2.51
CA ILE A 3 1.58 10.14 3.90
C ILE A 3 2.99 9.69 4.17
N LYS A 4 3.71 10.49 4.88
CA LYS A 4 5.02 10.10 5.29
C LYS A 4 4.87 9.19 6.50
N LEU A 5 5.43 8.02 6.41
CA LEU A 5 5.35 7.06 7.48
C LEU A 5 6.74 6.86 8.02
N ILE A 6 6.85 6.65 9.28
CA ILE A 6 8.11 6.28 9.82
C ILE A 6 8.06 4.81 10.18
N LYS A 7 8.81 4.02 9.41
CA LYS A 7 8.95 2.59 9.61
C LYS A 7 9.43 2.27 11.03
N GLY A 8 9.18 1.06 11.44
CA GLY A 8 9.52 0.66 12.78
C GLY A 8 9.98 -0.77 12.83
N PRO A 9 10.06 -1.36 14.02
CA PRO A 9 10.51 -2.76 14.20
C PRO A 9 9.54 -3.78 13.60
N LYS A 10 8.33 -3.35 13.30
CA LYS A 10 7.32 -4.25 12.75
C LYS A 10 7.02 -3.83 11.29
N GLY A 11 7.96 -3.10 10.73
CA GLY A 11 7.83 -2.67 9.35
C GLY A 11 7.01 -1.42 9.24
N LEU A 12 6.01 -1.47 8.39
CA LEU A 12 5.11 -0.36 8.19
C LEU A 12 3.80 -0.69 8.89
N GLY A 13 3.57 -1.98 9.06
CA GLY A 13 2.48 -2.46 9.86
C GLY A 13 1.11 -2.34 9.22
N PHE A 14 0.97 -2.80 8.02
CA PHE A 14 -0.33 -2.88 7.38
C PHE A 14 -0.29 -3.98 6.34
N SER A 15 -1.41 -4.59 6.10
CA SER A 15 -1.51 -5.71 5.20
C SER A 15 -2.15 -5.27 3.91
N ILE A 16 -1.51 -5.57 2.82
CA ILE A 16 -1.94 -5.16 1.52
C ILE A 16 -2.13 -6.36 0.60
N ALA A 17 -3.03 -6.20 -0.33
CA ALA A 17 -3.33 -7.16 -1.39
C ALA A 17 -3.56 -6.34 -2.62
N GLY A 18 -3.04 -6.77 -3.70
CA GLY A 18 -3.21 -6.06 -4.93
C GLY A 18 -2.00 -6.23 -5.78
N GLY A 19 -2.11 -5.95 -7.03
CA GLY A 19 -1.04 -6.13 -7.95
C GLY A 19 -1.56 -6.81 -9.18
N VAL A 20 -0.71 -7.00 -10.16
CA VAL A 20 -1.07 -7.69 -11.39
C VAL A 20 -1.64 -9.07 -11.07
N GLY A 21 -2.95 -9.21 -11.25
CA GLY A 21 -3.62 -10.48 -11.01
C GLY A 21 -4.05 -10.65 -9.55
N ASN A 22 -3.56 -9.76 -8.70
CA ASN A 22 -3.88 -9.76 -7.27
C ASN A 22 -4.83 -8.59 -7.02
N GLN A 23 -5.29 -8.02 -8.12
CA GLN A 23 -6.13 -6.84 -8.15
C GLN A 23 -7.32 -6.95 -7.20
N HIS A 24 -7.39 -6.02 -6.29
CA HIS A 24 -8.39 -6.02 -5.25
C HIS A 24 -9.70 -5.43 -5.81
N ILE A 25 -9.57 -4.58 -6.79
CA ILE A 25 -10.73 -4.04 -7.49
C ILE A 25 -10.64 -4.51 -8.94
N PRO A 26 -11.74 -5.05 -9.51
CA PRO A 26 -11.77 -5.50 -10.91
C PRO A 26 -11.32 -4.42 -11.89
N GLY A 27 -10.13 -4.57 -12.43
CA GLY A 27 -9.59 -3.64 -13.38
C GLY A 27 -8.57 -2.70 -12.77
N ASP A 28 -8.29 -2.86 -11.49
CA ASP A 28 -7.36 -1.98 -10.78
C ASP A 28 -6.32 -2.83 -10.03
N ASN A 29 -5.13 -2.96 -10.58
CA ASN A 29 -4.09 -3.84 -10.00
C ASN A 29 -3.30 -3.12 -8.96
N SER A 30 -3.96 -2.30 -8.21
CA SER A 30 -3.29 -1.51 -7.23
C SER A 30 -3.13 -2.24 -5.96
N ILE A 31 -2.18 -1.81 -5.22
CA ILE A 31 -1.96 -2.28 -3.91
C ILE A 31 -3.01 -1.65 -3.04
N TYR A 32 -3.76 -2.45 -2.39
CA TYR A 32 -4.86 -1.97 -1.67
C TYR A 32 -4.72 -2.42 -0.24
N VAL A 33 -4.93 -1.51 0.67
CA VAL A 33 -4.80 -1.77 2.09
C VAL A 33 -5.99 -2.58 2.57
N THR A 34 -5.75 -3.81 2.88
CA THR A 34 -6.78 -4.70 3.32
C THR A 34 -6.91 -4.64 4.86
N LYS A 35 -5.80 -4.50 5.54
CA LYS A 35 -5.76 -4.43 7.01
C LYS A 35 -4.66 -3.47 7.43
N ILE A 36 -4.78 -2.91 8.61
CA ILE A 36 -3.75 -2.09 9.19
C ILE A 36 -3.44 -2.71 10.55
N ILE A 37 -2.18 -2.93 10.81
CA ILE A 37 -1.75 -3.62 12.01
C ILE A 37 -1.61 -2.62 13.18
N GLU A 38 -1.99 -3.06 14.36
CA GLU A 38 -2.04 -2.23 15.55
C GLU A 38 -0.69 -1.60 15.88
N GLY A 39 -0.69 -0.28 15.93
CA GLY A 39 0.51 0.46 16.26
C GLY A 39 1.55 0.44 15.16
N GLY A 40 1.14 0.04 13.96
CA GLY A 40 2.03 0.07 12.84
C GLY A 40 2.24 1.49 12.37
N ALA A 41 3.21 1.71 11.51
CA ALA A 41 3.51 3.03 11.00
C ALA A 41 2.29 3.63 10.32
N ALA A 42 1.56 2.81 9.59
CA ALA A 42 0.36 3.28 8.91
C ALA A 42 -0.79 3.55 9.89
N HIS A 43 -0.66 3.06 11.08
CA HIS A 43 -1.65 3.28 12.12
C HIS A 43 -1.21 4.48 12.98
N LYS A 44 0.09 4.74 12.98
CA LYS A 44 0.67 5.78 13.81
C LYS A 44 0.83 7.09 13.02
N ASP A 45 1.59 7.01 11.98
CA ASP A 45 1.85 8.13 11.06
C ASP A 45 0.79 8.16 10.02
N GLY A 46 0.31 6.99 9.73
CA GLY A 46 -0.51 6.69 8.61
C GLY A 46 -1.76 7.48 8.40
N LYS A 47 -2.59 7.60 9.44
CA LYS A 47 -3.99 8.13 9.32
C LYS A 47 -4.69 7.50 8.09
N LEU A 48 -4.30 6.25 7.85
CA LEU A 48 -4.64 5.51 6.65
C LEU A 48 -5.92 4.72 6.86
N GLN A 49 -6.57 4.37 5.80
CA GLN A 49 -7.81 3.66 5.83
C GLN A 49 -7.68 2.29 5.19
N ILE A 50 -8.37 1.33 5.75
CA ILE A 50 -8.53 0.08 5.07
C ILE A 50 -9.35 0.37 3.81
N GLY A 51 -8.81 0.10 2.67
CA GLY A 51 -9.48 0.48 1.46
C GLY A 51 -8.70 1.50 0.67
N ASP A 52 -7.53 1.84 1.14
CA ASP A 52 -6.64 2.74 0.42
C ASP A 52 -5.95 2.08 -0.75
N LYS A 53 -5.89 2.78 -1.88
CA LYS A 53 -5.21 2.35 -3.10
C LYS A 53 -3.85 3.03 -3.16
N LEU A 54 -2.81 2.27 -3.09
CA LEU A 54 -1.49 2.84 -3.11
C LEU A 54 -1.05 3.06 -4.50
N LEU A 55 -0.87 4.31 -4.80
CA LEU A 55 -0.50 4.77 -6.11
C LEU A 55 1.00 4.61 -6.25
N ALA A 56 1.71 4.86 -5.15
CA ALA A 56 3.15 4.80 -5.15
C ALA A 56 3.69 4.72 -3.73
N VAL A 57 4.88 4.20 -3.59
CA VAL A 57 5.58 4.22 -2.32
C VAL A 57 7.01 4.67 -2.58
N ASN A 58 7.41 5.75 -1.90
CA ASN A 58 8.73 6.43 -2.11
C ASN A 58 8.78 6.95 -3.50
N ASN A 59 7.60 7.23 -3.90
CA ASN A 59 7.18 7.74 -5.22
C ASN A 59 7.39 6.74 -6.36
N VAL A 60 7.70 5.50 -6.01
CA VAL A 60 7.78 4.43 -7.00
C VAL A 60 6.36 3.99 -7.29
N CYS A 61 5.97 4.02 -8.54
CA CYS A 61 4.60 3.70 -8.95
C CYS A 61 4.21 2.25 -8.65
N LEU A 62 3.09 2.11 -7.98
CA LEU A 62 2.51 0.80 -7.63
C LEU A 62 1.28 0.50 -8.49
N GLU A 63 1.04 1.38 -9.45
CA GLU A 63 0.00 1.17 -10.44
C GLU A 63 0.55 0.14 -11.44
N GLU A 64 -0.16 -0.98 -11.63
CA GLU A 64 0.32 -2.10 -12.43
C GLU A 64 1.73 -2.57 -12.14
N VAL A 65 1.81 -3.38 -11.14
CA VAL A 65 3.05 -4.00 -10.65
C VAL A 65 2.69 -5.35 -10.04
N THR A 66 3.60 -6.24 -9.95
CA THR A 66 3.32 -7.54 -9.41
C THR A 66 3.34 -7.45 -7.88
N HIS A 67 2.42 -8.14 -7.23
CA HIS A 67 2.28 -8.05 -5.76
C HIS A 67 3.61 -8.26 -5.00
N GLU A 68 4.37 -9.28 -5.38
CA GLU A 68 5.69 -9.57 -4.76
C GLU A 68 6.64 -8.35 -4.93
N GLU A 69 6.55 -7.78 -6.10
CA GLU A 69 7.41 -6.72 -6.55
C GLU A 69 7.04 -5.44 -5.81
N ALA A 70 5.76 -5.27 -5.64
CA ALA A 70 5.22 -4.14 -4.96
C ALA A 70 5.49 -4.21 -3.48
N VAL A 71 5.26 -5.38 -2.87
CA VAL A 71 5.51 -5.53 -1.44
C VAL A 71 6.97 -5.26 -1.14
N THR A 72 7.84 -5.76 -1.99
CA THR A 72 9.25 -5.51 -1.85
C THR A 72 9.54 -3.99 -1.90
N ALA A 73 8.79 -3.24 -2.71
CA ALA A 73 8.96 -1.79 -2.80
C ALA A 73 8.60 -1.12 -1.47
N LEU A 74 7.60 -1.66 -0.77
CA LEU A 74 7.25 -1.13 0.54
C LEU A 74 8.19 -1.65 1.61
N LYS A 75 8.71 -2.84 1.42
CA LYS A 75 9.61 -3.42 2.41
C LYS A 75 10.98 -2.76 2.35
N ASN A 76 11.32 -2.19 1.21
CA ASN A 76 12.55 -1.43 1.03
C ASN A 76 12.43 -0.04 1.66
N THR A 77 11.98 0.00 2.88
CA THR A 77 11.82 1.22 3.60
C THR A 77 12.57 1.14 4.88
N SER A 78 13.16 2.21 5.28
CA SER A 78 13.84 2.22 6.54
C SER A 78 13.73 3.52 7.23
N ASP A 79 12.80 3.49 8.13
CA ASP A 79 12.53 4.48 9.17
C ASP A 79 12.07 5.82 8.61
N PHE A 80 11.75 5.79 7.33
CA PHE A 80 11.18 6.89 6.61
C PHE A 80 10.54 6.30 5.36
N VAL A 81 9.29 6.64 5.13
CA VAL A 81 8.53 6.17 3.97
C VAL A 81 7.71 7.35 3.46
N TYR A 82 7.59 7.47 2.17
CA TYR A 82 6.74 8.48 1.60
C TYR A 82 5.66 7.74 0.80
N LEU A 83 4.53 7.52 1.41
CA LEU A 83 3.45 6.75 0.81
C LEU A 83 2.53 7.66 0.02
N LYS A 84 2.23 7.27 -1.19
CA LYS A 84 1.36 8.03 -2.04
C LYS A 84 0.11 7.20 -2.33
N VAL A 85 -0.98 7.60 -1.77
CA VAL A 85 -2.22 6.89 -1.89
C VAL A 85 -3.25 7.73 -2.69
N ALA A 86 -4.19 7.05 -3.29
CA ALA A 86 -5.30 7.62 -3.98
C ALA A 86 -6.54 6.83 -3.60
N LYS A 87 -7.70 7.40 -3.74
CA LYS A 87 -8.92 6.67 -3.44
C LYS A 87 -9.35 5.98 -4.72
N PRO A 88 -10.07 4.85 -4.62
CA PRO A 88 -10.64 4.21 -5.80
C PRO A 88 -11.64 5.16 -6.42
N THR A 89 -11.40 5.52 -7.64
CA THR A 89 -12.20 6.48 -8.33
C THR A 89 -13.62 5.98 -8.62
N GLY A 90 -14.47 6.14 -7.64
CA GLY A 90 -15.85 5.83 -7.74
C GLY A 90 -16.54 6.41 -6.54
N SER A 91 -17.84 6.49 -6.57
CA SER A 91 -18.61 7.10 -5.49
C SER A 91 -18.86 6.08 -4.37
N HIS A 92 -18.02 5.07 -4.31
CA HIS A 92 -18.15 4.00 -3.37
C HIS A 92 -16.82 3.82 -2.66
N HIS A 93 -16.06 4.90 -2.59
CA HIS A 93 -14.73 4.86 -2.02
C HIS A 93 -14.74 5.08 -0.51
N HIS A 94 -13.86 4.40 0.14
CA HIS A 94 -13.61 4.61 1.54
C HIS A 94 -12.28 5.32 1.63
N PCA B 1 8.16 -10.82 -0.56
CA PCA B 1 8.62 -12.04 0.08
CB PCA B 1 9.42 -11.68 1.30
CG PCA B 1 9.92 -10.32 0.96
CD PCA B 1 8.89 -9.69 0.01
OE PCA B 1 8.31 -8.65 0.32
C PCA B 1 7.47 -12.92 0.40
O PCA B 1 6.72 -12.67 1.34
H1 PCA B 1 7.13 -10.82 -0.41
H2 PCA B 1 8.17 -11.06 -1.58
HA PCA B 1 9.20 -12.68 -0.58
HB2 PCA B 1 8.78 -11.69 2.17
HB3 PCA B 1 10.27 -12.35 1.42
HG2 PCA B 1 10.00 -9.73 1.87
HG3 PCA B 1 10.87 -10.37 0.47
N ARG B 2 7.30 -13.91 -0.47
CA ARG B 2 6.27 -14.93 -0.41
C ARG B 2 4.92 -14.28 -0.70
N THR B 3 4.98 -13.14 -1.27
CA THR B 3 3.85 -12.35 -1.57
C THR B 3 3.42 -12.56 -2.98
N ARG B 4 2.22 -12.99 -3.18
CA ARG B 4 1.80 -13.34 -4.47
C ARG B 4 0.32 -13.16 -4.54
N GLN B 5 -0.22 -13.29 -5.73
CA GLN B 5 -1.62 -12.98 -6.01
C GLN B 5 -2.61 -13.71 -5.11
N ARG B 6 -3.71 -13.02 -4.86
CA ARG B 6 -4.82 -13.45 -4.03
C ARG B 6 -4.47 -13.59 -2.56
N ASN B 7 -3.52 -12.80 -2.08
CA ASN B 7 -3.27 -12.81 -0.65
C ASN B 7 -2.92 -11.45 -0.14
N GLU B 8 -3.22 -11.23 1.11
CA GLU B 8 -2.83 -10.04 1.80
C GLU B 8 -1.55 -10.36 2.58
N THR B 9 -0.67 -9.42 2.71
CA THR B 9 0.53 -9.62 3.50
C THR B 9 0.95 -8.29 4.15
N GLN B 10 1.47 -8.36 5.38
CA GLN B 10 1.92 -7.19 6.09
C GLN B 10 3.27 -6.72 5.55
N VAL B 11 3.38 -5.44 5.38
CA VAL B 11 4.62 -4.84 5.01
C VAL B 11 5.44 -4.52 6.26
N MET A 1 -3.75 12.53 -1.32
CA MET A 1 -3.70 12.32 0.13
C MET A 1 -2.41 11.62 0.40
N GLU A 2 -1.50 12.31 0.97
CA GLU A 2 -0.20 11.79 1.18
C GLU A 2 0.21 11.69 2.61
N ILE A 3 0.81 10.58 2.88
CA ILE A 3 1.16 10.17 4.19
C ILE A 3 2.63 9.83 4.25
N LYS A 4 3.34 10.60 4.99
CA LYS A 4 4.71 10.30 5.28
C LYS A 4 4.74 9.25 6.37
N LEU A 5 5.57 8.28 6.22
CA LEU A 5 5.72 7.23 7.21
C LEU A 5 7.17 7.04 7.51
N ILE A 6 7.43 6.50 8.63
CA ILE A 6 8.74 6.06 9.02
C ILE A 6 8.70 4.53 8.96
N LYS A 7 9.77 3.92 8.50
CA LYS A 7 9.84 2.46 8.46
C LYS A 7 10.08 1.96 9.90
N GLY A 8 10.13 0.69 10.09
CA GLY A 8 10.31 0.15 11.39
C GLY A 8 10.79 -1.27 11.32
N PRO A 9 10.87 -1.98 12.47
CA PRO A 9 11.32 -3.38 12.50
C PRO A 9 10.30 -4.33 11.91
N LYS A 10 9.09 -3.86 11.73
CA LYS A 10 8.03 -4.65 11.15
C LYS A 10 7.60 -4.10 9.83
N GLY A 11 8.44 -3.31 9.24
CA GLY A 11 8.12 -2.71 7.96
C GLY A 11 7.33 -1.45 8.15
N LEU A 12 6.20 -1.36 7.49
CA LEU A 12 5.32 -0.21 7.61
C LEU A 12 4.11 -0.61 8.45
N GLY A 13 3.82 -1.92 8.39
CA GLY A 13 2.80 -2.52 9.20
C GLY A 13 1.39 -2.46 8.65
N PHE A 14 1.23 -2.85 7.41
CA PHE A 14 -0.11 -2.98 6.82
C PHE A 14 -0.10 -3.98 5.67
N SER A 15 -1.17 -4.69 5.54
CA SER A 15 -1.34 -5.69 4.54
C SER A 15 -2.09 -5.11 3.37
N ILE A 16 -1.53 -5.24 2.20
CA ILE A 16 -2.12 -4.68 1.01
C ILE A 16 -2.50 -5.77 0.02
N ALA A 17 -3.58 -5.55 -0.67
CA ALA A 17 -4.05 -6.38 -1.73
C ALA A 17 -4.36 -5.47 -2.88
N GLY A 18 -3.97 -5.87 -4.02
CA GLY A 18 -4.17 -5.06 -5.18
C GLY A 18 -3.02 -5.21 -6.11
N GLY A 19 -3.23 -4.87 -7.33
CA GLY A 19 -2.23 -5.00 -8.33
C GLY A 19 -2.88 -5.60 -9.52
N VAL A 20 -2.18 -5.69 -10.62
CA VAL A 20 -2.72 -6.30 -11.84
C VAL A 20 -3.25 -7.70 -11.55
N GLY A 21 -4.57 -7.82 -11.56
CA GLY A 21 -5.23 -9.07 -11.33
C GLY A 21 -5.65 -9.25 -9.87
N ASN A 22 -5.06 -8.48 -8.98
CA ASN A 22 -5.35 -8.56 -7.54
C ASN A 22 -6.18 -7.36 -7.11
N GLN A 23 -6.79 -6.70 -8.09
CA GLN A 23 -7.59 -5.51 -7.87
C GLN A 23 -8.65 -5.74 -6.77
N HIS A 24 -8.55 -4.96 -5.72
CA HIS A 24 -9.43 -5.09 -4.56
C HIS A 24 -10.80 -4.50 -4.88
N ILE A 25 -10.79 -3.39 -5.57
CA ILE A 25 -12.03 -2.75 -5.96
C ILE A 25 -12.30 -3.00 -7.44
N PRO A 26 -13.45 -3.63 -7.75
CA PRO A 26 -13.87 -3.90 -9.15
C PRO A 26 -13.86 -2.64 -10.00
N GLY A 27 -12.89 -2.55 -10.87
CA GLY A 27 -12.77 -1.42 -11.74
C GLY A 27 -11.63 -0.51 -11.35
N ASP A 28 -10.96 -0.84 -10.25
CA ASP A 28 -9.86 -0.03 -9.79
C ASP A 28 -8.68 -0.94 -9.47
N ASN A 29 -7.77 -1.04 -10.42
CA ASN A 29 -6.66 -2.01 -10.39
C ASN A 29 -5.47 -1.50 -9.54
N SER A 30 -5.78 -0.85 -8.45
CA SER A 30 -4.78 -0.28 -7.58
C SER A 30 -4.54 -1.12 -6.33
N ILE A 31 -3.62 -0.65 -5.52
CA ILE A 31 -3.24 -1.33 -4.30
C ILE A 31 -4.13 -0.83 -3.18
N TYR A 32 -4.70 -1.74 -2.42
CA TYR A 32 -5.59 -1.38 -1.35
C TYR A 32 -5.14 -1.96 -0.04
N VAL A 33 -5.28 -1.19 0.98
CA VAL A 33 -4.91 -1.60 2.33
C VAL A 33 -6.02 -2.48 2.89
N THR A 34 -5.74 -3.74 3.07
CA THR A 34 -6.71 -4.69 3.56
C THR A 34 -6.68 -4.74 5.09
N LYS A 35 -5.53 -4.51 5.68
CA LYS A 35 -5.42 -4.61 7.11
C LYS A 35 -4.27 -3.73 7.57
N ILE A 36 -4.44 -3.02 8.63
CA ILE A 36 -3.35 -2.25 9.19
C ILE A 36 -2.94 -2.92 10.49
N ILE A 37 -1.66 -3.16 10.64
CA ILE A 37 -1.13 -3.86 11.79
C ILE A 37 -1.09 -2.93 12.98
N GLU A 38 -1.69 -3.38 14.04
CA GLU A 38 -1.79 -2.68 15.26
C GLU A 38 -0.42 -2.45 15.85
N GLY A 39 -0.15 -1.21 16.16
CA GLY A 39 1.13 -0.84 16.68
C GLY A 39 2.07 -0.34 15.61
N GLY A 40 1.78 -0.68 14.34
CA GLY A 40 2.65 -0.35 13.21
C GLY A 40 2.72 1.14 12.91
N ALA A 41 3.68 1.51 12.08
CA ALA A 41 3.95 2.89 11.72
C ALA A 41 2.76 3.51 11.02
N ALA A 42 2.14 2.75 10.13
CA ALA A 42 0.98 3.27 9.44
C ALA A 42 -0.27 3.30 10.33
N HIS A 43 -0.16 2.72 11.50
CA HIS A 43 -1.21 2.72 12.47
C HIS A 43 -1.01 3.89 13.43
N LYS A 44 0.25 4.25 13.64
CA LYS A 44 0.57 5.34 14.55
C LYS A 44 0.60 6.68 13.83
N ASP A 45 1.47 6.78 12.85
CA ASP A 45 1.64 8.02 12.08
C ASP A 45 0.66 8.01 10.97
N GLY A 46 0.51 6.83 10.42
CA GLY A 46 -0.16 6.58 9.16
C GLY A 46 -1.47 7.25 8.89
N LYS A 47 -2.28 7.52 9.92
CA LYS A 47 -3.68 8.09 9.78
C LYS A 47 -4.44 7.43 8.58
N LEU A 48 -4.13 6.17 8.36
CA LEU A 48 -4.54 5.40 7.20
C LEU A 48 -5.75 4.56 7.56
N GLN A 49 -6.55 4.22 6.58
CA GLN A 49 -7.71 3.41 6.79
C GLN A 49 -7.70 2.18 5.92
N ILE A 50 -8.32 1.13 6.40
CA ILE A 50 -8.50 -0.06 5.62
C ILE A 50 -9.44 0.27 4.45
N GLY A 51 -8.98 0.03 3.23
CA GLY A 51 -9.76 0.38 2.07
C GLY A 51 -9.11 1.50 1.27
N ASP A 52 -8.00 2.00 1.76
CA ASP A 52 -7.24 3.05 1.06
C ASP A 52 -6.52 2.53 -0.18
N LYS A 53 -6.60 3.32 -1.27
CA LYS A 53 -6.00 3.02 -2.58
C LYS A 53 -4.65 3.71 -2.69
N LEU A 54 -3.61 2.97 -2.79
CA LEU A 54 -2.30 3.53 -2.88
C LEU A 54 -1.99 3.85 -4.31
N LEU A 55 -1.78 5.11 -4.53
CA LEU A 55 -1.53 5.65 -5.82
C LEU A 55 -0.04 5.56 -6.11
N ALA A 56 0.77 5.82 -5.08
CA ALA A 56 2.20 5.82 -5.23
C ALA A 56 2.89 5.67 -3.90
N VAL A 57 4.10 5.18 -3.91
CA VAL A 57 4.91 5.12 -2.71
C VAL A 57 6.32 5.61 -3.05
N ASN A 58 6.77 6.64 -2.34
CA ASN A 58 8.09 7.33 -2.54
C ASN A 58 8.10 7.92 -3.91
N ASN A 59 6.90 8.24 -4.26
CA ASN A 59 6.48 8.84 -5.51
C ASN A 59 6.66 7.88 -6.72
N VAL A 60 6.80 6.60 -6.43
CA VAL A 60 6.82 5.58 -7.46
C VAL A 60 5.37 5.17 -7.70
N CYS A 61 4.95 5.20 -8.94
CA CYS A 61 3.58 4.91 -9.31
C CYS A 61 3.15 3.46 -8.99
N LEU A 62 2.07 3.34 -8.23
CA LEU A 62 1.49 2.04 -7.87
C LEU A 62 0.17 1.81 -8.60
N GLU A 63 -0.24 2.80 -9.37
CA GLU A 63 -1.43 2.69 -10.19
C GLU A 63 -1.19 1.68 -11.31
N GLU A 64 -1.82 0.53 -11.16
CA GLU A 64 -1.75 -0.57 -12.10
C GLU A 64 -0.31 -1.12 -12.29
N VAL A 65 0.11 -1.86 -11.30
CA VAL A 65 1.41 -2.54 -11.28
C VAL A 65 1.17 -3.95 -10.76
N THR A 66 2.11 -4.84 -10.90
CA THR A 66 1.90 -6.20 -10.44
C THR A 66 2.09 -6.30 -8.92
N HIS A 67 1.24 -7.11 -8.24
CA HIS A 67 1.24 -7.19 -6.76
C HIS A 67 2.66 -7.31 -6.14
N GLU A 68 3.47 -8.22 -6.65
CA GLU A 68 4.86 -8.42 -6.17
C GLU A 68 5.70 -7.15 -6.36
N GLU A 69 5.50 -6.50 -7.47
CA GLU A 69 6.24 -5.32 -7.86
C GLU A 69 5.83 -4.17 -6.95
N ALA A 70 4.57 -4.18 -6.58
CA ALA A 70 3.99 -3.20 -5.72
C ALA A 70 4.50 -3.36 -4.32
N VAL A 71 4.38 -4.56 -3.76
CA VAL A 71 4.79 -4.81 -2.39
C VAL A 71 6.27 -4.51 -2.22
N THR A 72 7.06 -4.95 -3.17
CA THR A 72 8.48 -4.68 -3.15
C THR A 72 8.79 -3.16 -3.22
N ALA A 73 7.92 -2.40 -3.87
CA ALA A 73 8.08 -0.94 -3.92
C ALA A 73 7.88 -0.34 -2.51
N LEU A 74 6.97 -0.91 -1.73
CA LEU A 74 6.77 -0.45 -0.36
C LEU A 74 7.81 -1.02 0.57
N LYS A 75 8.32 -2.19 0.23
CA LYS A 75 9.35 -2.80 1.04
C LYS A 75 10.69 -2.11 0.86
N ASN A 76 10.86 -1.47 -0.29
CA ASN A 76 12.03 -0.65 -0.55
C ASN A 76 11.86 0.71 0.07
N THR A 77 11.79 0.71 1.35
CA THR A 77 11.69 1.87 2.15
C THR A 77 12.72 1.79 3.22
N SER A 78 13.27 2.88 3.60
CA SER A 78 14.23 2.83 4.67
C SER A 78 14.10 4.02 5.56
N ASP A 79 13.28 3.79 6.54
CA ASP A 79 13.03 4.64 7.69
C ASP A 79 12.37 5.95 7.39
N PHE A 80 12.04 6.13 6.14
CA PHE A 80 11.25 7.22 5.70
C PHE A 80 10.51 6.74 4.47
N VAL A 81 9.24 7.04 4.41
CA VAL A 81 8.36 6.64 3.34
C VAL A 81 7.47 7.82 3.00
N TYR A 82 7.13 7.96 1.75
CA TYR A 82 6.20 8.98 1.33
C TYR A 82 5.08 8.30 0.54
N LEU A 83 4.03 8.01 1.19
CA LEU A 83 2.93 7.27 0.63
C LEU A 83 1.89 8.21 0.04
N LYS A 84 1.45 7.94 -1.16
CA LYS A 84 0.38 8.69 -1.77
C LYS A 84 -0.80 7.78 -1.96
N VAL A 85 -1.87 8.15 -1.33
CA VAL A 85 -3.10 7.43 -1.38
C VAL A 85 -4.21 8.31 -1.99
N ALA A 86 -5.12 7.66 -2.65
CA ALA A 86 -6.25 8.25 -3.26
C ALA A 86 -7.44 7.38 -2.95
N LYS A 87 -8.62 7.91 -3.04
CA LYS A 87 -9.81 7.10 -2.85
C LYS A 87 -10.17 6.42 -4.16
N PRO A 88 -10.88 5.26 -4.09
CA PRO A 88 -11.24 4.43 -5.25
C PRO A 88 -11.80 5.22 -6.42
N THR A 89 -11.12 5.14 -7.53
CA THR A 89 -11.50 5.87 -8.73
C THR A 89 -12.33 5.03 -9.66
N GLY A 90 -12.37 3.75 -9.39
CA GLY A 90 -13.15 2.86 -10.18
C GLY A 90 -14.44 2.49 -9.49
N SER A 91 -14.86 3.33 -8.58
CA SER A 91 -16.05 3.13 -7.82
C SER A 91 -16.34 4.44 -7.10
N HIS A 92 -17.20 4.42 -6.11
CA HIS A 92 -17.51 5.61 -5.37
C HIS A 92 -16.41 5.80 -4.32
N HIS A 93 -16.07 7.03 -4.05
CA HIS A 93 -15.04 7.33 -3.07
C HIS A 93 -15.56 7.11 -1.64
N HIS A 94 -14.71 6.65 -0.79
CA HIS A 94 -15.01 6.48 0.60
C HIS A 94 -13.80 6.97 1.38
N PCA B 1 8.87 -9.46 -2.64
CA PCA B 1 9.97 -10.40 -2.78
CB PCA B 1 10.97 -10.13 -1.67
CG PCA B 1 10.38 -8.94 -0.96
CD PCA B 1 8.89 -8.97 -1.27
OE PCA B 1 8.09 -9.40 -0.41
C PCA B 1 9.44 -11.84 -2.68
O PCA B 1 10.07 -12.78 -3.15
H1 PCA B 1 8.03 -9.95 -2.99
H2 PCA B 1 9.01 -8.83 -3.47
HA PCA B 1 10.45 -10.26 -3.73
HB2 PCA B 1 11.05 -10.99 -1.03
HB3 PCA B 1 11.94 -9.85 -2.07
HG2 PCA B 1 10.54 -9.02 0.11
HG3 PCA B 1 10.80 -8.03 -1.34
N ARG B 2 8.31 -12.01 -2.00
CA ARG B 2 7.64 -13.30 -1.89
C ARG B 2 6.15 -13.07 -2.03
N THR B 3 5.80 -12.04 -2.76
CA THR B 3 4.44 -11.67 -2.90
C THR B 3 3.85 -12.17 -4.20
N ARG B 4 2.56 -12.32 -4.22
CA ARG B 4 1.91 -13.00 -5.29
C ARG B 4 0.51 -12.44 -5.36
N GLN B 5 0.05 -12.15 -6.53
CA GLN B 5 -1.26 -11.56 -6.72
C GLN B 5 -2.40 -12.48 -6.33
N ARG B 6 -3.47 -11.86 -5.94
CA ARG B 6 -4.69 -12.44 -5.40
C ARG B 6 -4.48 -13.07 -4.05
N ASN B 7 -4.05 -12.16 -3.17
CA ASN B 7 -3.87 -12.31 -1.74
C ASN B 7 -3.23 -11.04 -1.23
N GLU B 8 -3.38 -10.77 0.04
CA GLU B 8 -2.72 -9.66 0.67
C GLU B 8 -1.44 -10.10 1.35
N THR B 9 -0.55 -9.17 1.56
CA THR B 9 0.67 -9.40 2.28
C THR B 9 1.07 -8.11 3.02
N GLN B 10 1.68 -8.25 4.20
CA GLN B 10 2.07 -7.09 4.99
C GLN B 10 3.36 -6.49 4.46
N VAL B 11 3.40 -5.19 4.40
CA VAL B 11 4.58 -4.49 4.04
C VAL B 11 5.45 -4.23 5.25
N MET A 1 -5.66 11.84 -0.36
CA MET A 1 -5.51 11.60 1.06
C MET A 1 -4.09 11.22 1.30
N GLU A 2 -3.36 12.12 1.82
CA GLU A 2 -1.99 11.96 2.03
C GLU A 2 -1.60 11.97 3.48
N ILE A 3 -0.73 11.06 3.79
CA ILE A 3 -0.35 10.71 5.12
C ILE A 3 1.17 10.75 5.20
N LYS A 4 1.69 11.40 6.17
CA LYS A 4 3.09 11.51 6.29
C LYS A 4 3.53 10.65 7.46
N LEU A 5 4.15 9.55 7.14
CA LEU A 5 4.58 8.57 8.11
C LEU A 5 6.07 8.65 8.30
N ILE A 6 6.51 8.14 9.39
CA ILE A 6 7.91 7.97 9.66
C ILE A 6 8.23 6.49 9.53
N LYS A 7 9.04 6.13 8.53
CA LYS A 7 9.51 4.76 8.40
C LYS A 7 10.41 4.49 9.56
N GLY A 8 10.32 3.34 10.09
CA GLY A 8 11.00 3.01 11.31
C GLY A 8 11.55 1.61 11.32
N PRO A 9 11.86 1.05 12.50
CA PRO A 9 12.42 -0.32 12.66
C PRO A 9 11.44 -1.43 12.24
N LYS A 10 10.19 -1.08 12.07
CA LYS A 10 9.16 -2.03 11.66
C LYS A 10 8.74 -1.73 10.21
N GLY A 11 9.46 -0.81 9.63
CA GLY A 11 9.16 -0.35 8.29
C GLY A 11 8.10 0.70 8.37
N LEU A 12 7.01 0.46 7.71
CA LEU A 12 5.85 1.32 7.77
C LEU A 12 4.78 0.61 8.59
N GLY A 13 4.90 -0.71 8.58
CA GLY A 13 4.07 -1.55 9.39
C GLY A 13 2.74 -1.89 8.77
N PHE A 14 2.73 -2.22 7.51
CA PHE A 14 1.53 -2.69 6.84
C PHE A 14 1.89 -3.53 5.65
N SER A 15 1.04 -4.44 5.33
CA SER A 15 1.19 -5.35 4.24
C SER A 15 0.26 -4.95 3.11
N ILE A 16 0.80 -4.85 1.95
CA ILE A 16 0.05 -4.46 0.78
C ILE A 16 0.00 -5.61 -0.22
N ALA A 17 -1.00 -5.58 -1.06
CA ALA A 17 -1.19 -6.51 -2.16
C ALA A 17 -1.76 -5.70 -3.28
N GLY A 18 -1.19 -5.84 -4.40
CA GLY A 18 -1.61 -5.10 -5.55
C GLY A 18 -0.43 -4.86 -6.43
N GLY A 19 -0.68 -4.71 -7.68
CA GLY A 19 0.34 -4.55 -8.65
C GLY A 19 0.00 -5.46 -9.78
N VAL A 20 0.73 -5.39 -10.88
CA VAL A 20 0.49 -6.25 -12.06
C VAL A 20 0.27 -7.72 -11.67
N GLY A 21 -0.98 -8.15 -11.77
CA GLY A 21 -1.34 -9.53 -11.47
C GLY A 21 -1.77 -9.72 -10.01
N ASN A 22 -1.32 -8.84 -9.17
CA ASN A 22 -1.61 -8.92 -7.74
C ASN A 22 -2.79 -7.99 -7.42
N GLN A 23 -3.57 -7.65 -8.47
CA GLN A 23 -4.71 -6.79 -8.32
C GLN A 23 -5.63 -7.29 -7.19
N HIS A 24 -5.79 -6.46 -6.20
CA HIS A 24 -6.55 -6.79 -5.01
C HIS A 24 -8.04 -6.70 -5.33
N ILE A 25 -8.38 -5.65 -6.02
CA ILE A 25 -9.76 -5.45 -6.41
C ILE A 25 -9.89 -5.80 -7.89
N PRO A 26 -10.91 -6.61 -8.27
CA PRO A 26 -11.15 -7.03 -9.66
C PRO A 26 -11.23 -5.87 -10.65
N GLY A 27 -10.21 -5.76 -11.49
CA GLY A 27 -10.17 -4.73 -12.49
C GLY A 27 -9.36 -3.53 -12.04
N ASP A 28 -8.91 -3.58 -10.82
CA ASP A 28 -8.18 -2.46 -10.23
C ASP A 28 -6.79 -2.95 -9.85
N ASN A 29 -5.83 -2.65 -10.69
CA ASN A 29 -4.48 -3.17 -10.56
C ASN A 29 -3.65 -2.33 -9.57
N SER A 30 -4.33 -1.67 -8.65
CA SER A 30 -3.67 -0.77 -7.73
C SER A 30 -3.19 -1.49 -6.49
N ILE A 31 -2.44 -0.77 -5.67
CA ILE A 31 -1.89 -1.30 -4.46
C ILE A 31 -2.89 -1.12 -3.34
N TYR A 32 -3.29 -2.19 -2.70
CA TYR A 32 -4.26 -2.12 -1.63
C TYR A 32 -3.69 -2.71 -0.36
N VAL A 33 -3.84 -1.99 0.73
CA VAL A 33 -3.36 -2.45 2.03
C VAL A 33 -4.21 -3.60 2.52
N THR A 34 -3.60 -4.72 2.73
CA THR A 34 -4.29 -5.92 3.09
C THR A 34 -4.22 -6.19 4.60
N LYS A 35 -3.22 -5.65 5.25
CA LYS A 35 -3.05 -5.87 6.66
C LYS A 35 -2.27 -4.72 7.22
N ILE A 36 -2.65 -4.21 8.34
CA ILE A 36 -1.85 -3.22 9.01
C ILE A 36 -1.25 -3.88 10.24
N ILE A 37 0.04 -3.80 10.36
CA ILE A 37 0.76 -4.45 11.43
C ILE A 37 0.54 -3.70 12.72
N GLU A 38 0.28 -4.45 13.75
CA GLU A 38 0.02 -3.96 15.05
C GLU A 38 1.23 -3.22 15.63
N GLY A 39 1.00 -1.97 15.94
CA GLY A 39 2.03 -1.10 16.43
C GLY A 39 2.89 -0.58 15.29
N GLY A 40 2.37 -0.65 14.07
CA GLY A 40 3.02 -0.06 12.93
C GLY A 40 2.84 1.45 12.89
N ALA A 41 3.67 2.12 12.11
CA ALA A 41 3.59 3.56 11.97
C ALA A 41 2.25 3.92 11.36
N ALA A 42 1.84 3.15 10.37
CA ALA A 42 0.55 3.39 9.76
C ALA A 42 -0.62 2.91 10.66
N HIS A 43 -0.28 2.19 11.71
CA HIS A 43 -1.28 1.72 12.64
C HIS A 43 -1.49 2.78 13.72
N LYS A 44 -0.46 3.54 13.98
CA LYS A 44 -0.57 4.62 14.94
C LYS A 44 -0.87 5.95 14.30
N ASP A 45 -0.04 6.36 13.40
CA ASP A 45 -0.23 7.64 12.72
C ASP A 45 -1.12 7.49 11.57
N GLY A 46 -0.85 6.41 10.86
CA GLY A 46 -1.33 6.19 9.49
C GLY A 46 -2.74 6.54 9.14
N LYS A 47 -3.67 6.54 10.11
CA LYS A 47 -5.12 6.84 9.88
C LYS A 47 -5.64 6.13 8.59
N LEU A 48 -5.09 4.96 8.36
CA LEU A 48 -5.27 4.20 7.15
C LEU A 48 -6.13 3.01 7.48
N GLN A 49 -6.91 2.57 6.52
CA GLN A 49 -7.80 1.47 6.71
C GLN A 49 -7.41 0.33 5.79
N ILE A 50 -7.52 -0.90 6.27
CA ILE A 50 -7.25 -2.05 5.43
C ILE A 50 -8.23 -2.04 4.26
N GLY A 51 -7.70 -2.00 3.08
CA GLY A 51 -8.52 -1.85 1.90
C GLY A 51 -8.24 -0.55 1.18
N ASP A 52 -7.37 0.29 1.76
CA ASP A 52 -7.01 1.54 1.14
C ASP A 52 -6.03 1.35 -0.02
N LYS A 53 -6.32 2.07 -1.10
CA LYS A 53 -5.52 2.07 -2.32
C LYS A 53 -4.42 3.10 -2.27
N LEU A 54 -3.22 2.65 -2.38
CA LEU A 54 -2.11 3.53 -2.39
C LEU A 54 -1.89 4.00 -3.79
N LEU A 55 -1.88 5.28 -3.93
CA LEU A 55 -1.74 5.95 -5.19
C LEU A 55 -0.26 6.22 -5.43
N ALA A 56 0.43 6.60 -4.36
CA ALA A 56 1.82 6.94 -4.48
C ALA A 56 2.53 6.88 -3.15
N VAL A 57 3.84 6.78 -3.21
CA VAL A 57 4.67 6.90 -2.03
C VAL A 57 5.84 7.83 -2.34
N ASN A 58 5.87 8.94 -1.61
CA ASN A 58 6.81 10.07 -1.83
C ASN A 58 6.64 10.60 -3.20
N ASN A 59 5.39 10.56 -3.56
CA ASN A 59 4.84 10.99 -4.87
C ASN A 59 5.28 10.11 -6.03
N VAL A 60 5.93 9.00 -5.74
CA VAL A 60 6.25 8.03 -6.77
C VAL A 60 4.99 7.24 -7.03
N CYS A 61 4.53 7.28 -8.25
CA CYS A 61 3.27 6.66 -8.64
C CYS A 61 3.27 5.14 -8.49
N LEU A 62 2.29 4.67 -7.76
CA LEU A 62 2.03 3.24 -7.54
C LEU A 62 0.90 2.78 -8.44
N GLU A 63 0.50 3.68 -9.30
CA GLU A 63 -0.55 3.43 -10.26
C GLU A 63 0.03 2.64 -11.42
N GLU A 64 -0.40 1.38 -11.55
CA GLU A 64 0.01 0.47 -12.59
C GLU A 64 1.54 0.20 -12.57
N VAL A 65 1.90 -0.71 -11.74
CA VAL A 65 3.29 -1.13 -11.47
C VAL A 65 3.23 -2.57 -10.99
N THR A 66 4.33 -3.27 -10.96
CA THR A 66 4.32 -4.60 -10.45
C THR A 66 4.50 -4.51 -8.92
N HIS A 67 4.05 -5.53 -8.19
CA HIS A 67 3.97 -5.50 -6.73
C HIS A 67 5.32 -5.20 -6.15
N GLU A 68 6.29 -5.79 -6.73
CA GLU A 68 7.64 -5.61 -6.40
C GLU A 68 8.09 -4.17 -6.42
N GLU A 69 7.77 -3.42 -7.46
CA GLU A 69 8.22 -2.05 -7.54
C GLU A 69 7.50 -1.24 -6.54
N ALA A 70 6.27 -1.62 -6.31
CA ALA A 70 5.43 -0.94 -5.38
C ALA A 70 6.01 -1.07 -4.00
N VAL A 71 6.20 -2.31 -3.55
CA VAL A 71 6.71 -2.55 -2.22
C VAL A 71 8.10 -1.97 -2.07
N THR A 72 8.90 -2.14 -3.08
CA THR A 72 10.25 -1.62 -3.10
C THR A 72 10.26 -0.06 -3.00
N ALA A 73 9.27 0.59 -3.60
CA ALA A 73 9.15 2.03 -3.53
C ALA A 73 8.82 2.48 -2.10
N LEU A 74 7.99 1.71 -1.39
CA LEU A 74 7.68 2.08 -0.02
C LEU A 74 8.80 1.66 0.91
N LYS A 75 9.47 0.55 0.59
CA LYS A 75 10.58 0.09 1.38
C LYS A 75 11.75 1.05 1.35
N ASN A 76 11.96 1.67 0.21
CA ASN A 76 13.02 2.65 0.07
C ASN A 76 12.56 4.00 0.56
N THR A 77 12.24 4.05 1.82
CA THR A 77 11.85 5.24 2.48
C THR A 77 12.63 5.33 3.76
N SER A 78 12.91 6.50 4.19
CA SER A 78 13.68 6.60 5.40
C SER A 78 13.23 7.73 6.26
N ASP A 79 12.48 7.33 7.26
CA ASP A 79 12.03 8.13 8.40
C ASP A 79 11.14 9.29 8.02
N PHE A 80 10.79 9.32 6.77
CA PHE A 80 9.86 10.25 6.22
C PHE A 80 9.22 9.56 5.02
N VAL A 81 7.96 9.33 5.12
CA VAL A 81 7.21 8.68 4.08
C VAL A 81 6.01 9.53 3.76
N TYR A 82 5.95 10.08 2.60
CA TYR A 82 4.77 10.79 2.21
C TYR A 82 3.89 9.84 1.43
N LEU A 83 2.97 9.23 2.11
CA LEU A 83 2.11 8.24 1.52
C LEU A 83 0.88 8.90 0.96
N LYS A 84 0.47 8.46 -0.18
CA LYS A 84 -0.62 9.05 -0.84
C LYS A 84 -1.63 7.96 -1.19
N VAL A 85 -2.76 8.01 -0.54
CA VAL A 85 -3.83 7.04 -0.71
C VAL A 85 -5.08 7.71 -1.32
N ALA A 86 -5.79 6.96 -2.12
CA ALA A 86 -7.04 7.33 -2.70
C ALA A 86 -7.94 6.13 -2.59
N LYS A 87 -9.20 6.31 -2.43
CA LYS A 87 -10.09 5.17 -2.35
C LYS A 87 -10.69 4.91 -3.74
N PRO A 88 -11.14 3.66 -4.05
CA PRO A 88 -11.66 3.32 -5.38
C PRO A 88 -13.04 3.96 -5.68
N THR A 89 -13.08 5.26 -5.74
CA THR A 89 -14.26 5.99 -6.07
C THR A 89 -14.33 6.08 -7.59
N GLY A 90 -14.94 5.09 -8.16
CA GLY A 90 -15.03 4.98 -9.58
C GLY A 90 -14.72 3.57 -9.98
N SER A 91 -14.08 2.89 -9.06
CA SER A 91 -13.73 1.52 -9.20
C SER A 91 -14.63 0.73 -8.24
N HIS A 92 -14.35 -0.53 -8.05
CA HIS A 92 -15.17 -1.37 -7.23
C HIS A 92 -14.85 -1.18 -5.74
N HIS A 93 -15.56 -0.29 -5.12
CA HIS A 93 -15.45 -0.06 -3.70
C HIS A 93 -16.52 -0.88 -3.00
N HIS A 94 -16.17 -1.42 -1.86
CA HIS A 94 -17.03 -2.23 -1.07
C HIS A 94 -16.41 -2.19 0.29
N PCA B 1 12.28 -9.99 0.31
CA PCA B 1 11.02 -9.95 1.03
CB PCA B 1 10.53 -8.51 1.04
CG PCA B 1 11.52 -7.80 0.17
CD PCA B 1 12.78 -8.63 0.23
OE PCA B 1 13.71 -8.26 0.93
C PCA B 1 10.04 -10.83 0.29
O PCA B 1 10.45 -11.55 -0.60
H1 PCA B 1 12.03 -10.44 -0.59
H2 PCA B 1 12.83 -10.73 0.80
HA PCA B 1 11.16 -10.31 2.03
HB2 PCA B 1 9.52 -8.46 0.66
HB3 PCA B 1 10.59 -8.10 2.04
HG2 PCA B 1 11.13 -7.76 -0.85
HG3 PCA B 1 11.72 -6.82 0.54
N ARG B 2 8.76 -10.76 0.63
CA ARG B 2 7.74 -11.61 0.01
C ARG B 2 7.11 -10.93 -1.19
N THR B 3 7.80 -9.93 -1.75
CA THR B 3 7.24 -9.13 -2.83
C THR B 3 7.03 -10.01 -4.07
N ARG B 4 5.80 -10.36 -4.31
CA ARG B 4 5.43 -11.28 -5.35
C ARG B 4 3.97 -11.03 -5.64
N GLN B 5 3.46 -11.59 -6.68
CA GLN B 5 2.08 -11.41 -7.05
C GLN B 5 1.20 -12.40 -6.29
N ARG B 6 -0.05 -12.00 -6.13
CA ARG B 6 -1.09 -12.76 -5.41
C ARG B 6 -0.83 -12.90 -3.91
N ASN B 7 0.11 -12.14 -3.39
CA ASN B 7 0.41 -12.22 -1.98
C ASN B 7 0.77 -10.85 -1.45
N GLU B 8 0.88 -10.75 -0.16
CA GLU B 8 1.16 -9.49 0.49
C GLU B 8 2.63 -9.32 0.77
N THR B 9 3.01 -8.13 1.09
CA THR B 9 4.29 -7.88 1.64
C THR B 9 4.21 -6.74 2.63
N GLN B 10 4.64 -7.02 3.84
CA GLN B 10 4.77 -6.00 4.86
C GLN B 10 5.89 -5.06 4.45
N VAL B 11 5.62 -3.79 4.48
CA VAL B 11 6.61 -2.81 4.16
C VAL B 11 7.37 -2.45 5.41
N MET A 1 -3.29 12.56 -1.77
CA MET A 1 -3.29 12.48 -0.32
C MET A 1 -2.06 11.74 0.06
N GLU A 2 -1.16 12.40 0.68
CA GLU A 2 0.08 11.81 0.98
C GLU A 2 0.44 11.70 2.43
N ILE A 3 0.76 10.50 2.73
CA ILE A 3 1.09 10.03 4.02
C ILE A 3 2.56 9.87 4.13
N LYS A 4 3.16 10.78 4.85
CA LYS A 4 4.52 10.61 5.20
C LYS A 4 4.56 9.67 6.35
N LEU A 5 5.05 8.53 6.08
CA LEU A 5 5.04 7.43 6.97
C LEU A 5 6.42 7.15 7.46
N ILE A 6 6.52 6.74 8.66
CA ILE A 6 7.78 6.33 9.19
C ILE A 6 7.87 4.81 9.29
N LYS A 7 8.79 4.25 8.53
CA LYS A 7 9.10 2.85 8.55
C LYS A 7 9.69 2.43 9.90
N GLY A 8 9.57 1.17 10.22
CA GLY A 8 10.05 0.66 11.48
C GLY A 8 10.70 -0.70 11.29
N PRO A 9 10.95 -1.46 12.38
CA PRO A 9 11.58 -2.80 12.29
C PRO A 9 10.73 -3.82 11.53
N LYS A 10 9.44 -3.55 11.47
CA LYS A 10 8.47 -4.41 10.79
C LYS A 10 8.31 -3.97 9.33
N GLY A 11 8.85 -2.86 9.03
CA GLY A 11 8.63 -2.24 7.76
C GLY A 11 7.56 -1.22 7.93
N LEU A 12 6.44 -1.43 7.33
CA LEU A 12 5.37 -0.46 7.47
C LEU A 12 4.26 -1.03 8.35
N GLY A 13 4.05 -2.31 8.22
CA GLY A 13 3.09 -2.97 9.09
C GLY A 13 1.64 -2.88 8.61
N PHE A 14 1.40 -3.23 7.38
CA PHE A 14 0.04 -3.32 6.86
C PHE A 14 0.00 -4.28 5.68
N SER A 15 -1.16 -4.72 5.34
CA SER A 15 -1.35 -5.66 4.28
C SER A 15 -1.99 -4.98 3.11
N ILE A 16 -1.46 -5.20 1.95
CA ILE A 16 -1.99 -4.64 0.74
C ILE A 16 -2.33 -5.74 -0.23
N ALA A 17 -3.32 -5.50 -1.02
CA ALA A 17 -3.72 -6.38 -2.07
C ALA A 17 -4.24 -5.56 -3.23
N GLY A 18 -3.73 -5.84 -4.37
CA GLY A 18 -4.14 -5.19 -5.57
C GLY A 18 -3.14 -5.47 -6.63
N GLY A 19 -3.31 -4.94 -7.79
CA GLY A 19 -2.39 -5.17 -8.85
C GLY A 19 -3.15 -5.50 -10.07
N VAL A 20 -2.49 -5.61 -11.19
CA VAL A 20 -3.14 -6.01 -12.45
C VAL A 20 -3.85 -7.37 -12.27
N GLY A 21 -5.16 -7.30 -12.09
CA GLY A 21 -5.97 -8.49 -11.92
C GLY A 21 -6.06 -8.93 -10.47
N ASN A 22 -5.38 -8.22 -9.58
CA ASN A 22 -5.48 -8.50 -8.13
C ASN A 22 -6.23 -7.36 -7.45
N GLN A 23 -6.72 -6.43 -8.24
CA GLN A 23 -7.34 -5.25 -7.72
C GLN A 23 -8.60 -5.51 -6.88
N HIS A 24 -8.56 -4.94 -5.69
CA HIS A 24 -9.61 -5.09 -4.69
C HIS A 24 -10.90 -4.41 -5.17
N ILE A 25 -10.76 -3.34 -5.93
CA ILE A 25 -11.92 -2.66 -6.46
C ILE A 25 -12.07 -2.98 -7.96
N PRO A 26 -13.17 -3.67 -8.33
CA PRO A 26 -13.44 -4.01 -9.73
C PRO A 26 -13.54 -2.77 -10.60
N GLY A 27 -12.57 -2.60 -11.49
CA GLY A 27 -12.55 -1.46 -12.37
C GLY A 27 -11.43 -0.51 -12.02
N ASP A 28 -10.97 -0.57 -10.80
CA ASP A 28 -9.90 0.30 -10.32
C ASP A 28 -8.66 -0.53 -10.05
N ASN A 29 -7.67 -0.41 -10.91
CA ASN A 29 -6.49 -1.25 -10.85
C ASN A 29 -5.45 -0.67 -9.88
N SER A 30 -5.81 -0.62 -8.64
CA SER A 30 -4.89 -0.09 -7.66
C SER A 30 -4.54 -1.11 -6.61
N ILE A 31 -3.68 -0.70 -5.74
CA ILE A 31 -3.27 -1.48 -4.62
C ILE A 31 -4.09 -0.98 -3.44
N TYR A 32 -4.68 -1.87 -2.70
CA TYR A 32 -5.54 -1.48 -1.61
C TYR A 32 -5.12 -2.05 -0.29
N VAL A 33 -5.07 -1.20 0.70
CA VAL A 33 -4.74 -1.58 2.05
C VAL A 33 -5.86 -2.45 2.60
N THR A 34 -5.57 -3.69 2.82
CA THR A 34 -6.55 -4.64 3.27
C THR A 34 -6.56 -4.72 4.78
N LYS A 35 -5.42 -4.46 5.35
CA LYS A 35 -5.30 -4.57 6.76
C LYS A 35 -4.18 -3.69 7.19
N ILE A 36 -4.24 -3.25 8.40
CA ILE A 36 -3.15 -2.59 9.01
C ILE A 36 -2.77 -3.46 10.19
N ILE A 37 -1.51 -3.55 10.51
CA ILE A 37 -1.09 -4.37 11.61
C ILE A 37 -1.29 -3.64 12.90
N GLU A 38 -1.93 -4.32 13.80
CA GLU A 38 -2.28 -3.83 15.09
C GLU A 38 -1.05 -3.50 15.91
N GLY A 39 -0.79 -2.22 16.02
CA GLY A 39 0.36 -1.77 16.74
C GLY A 39 1.54 -1.47 15.82
N GLY A 40 1.36 -1.74 14.53
CA GLY A 40 2.40 -1.53 13.54
C GLY A 40 2.67 -0.04 13.29
N ALA A 41 3.72 0.24 12.52
CA ALA A 41 4.14 1.60 12.23
C ALA A 41 3.02 2.39 11.58
N ALA A 42 2.35 1.78 10.64
CA ALA A 42 1.27 2.46 9.98
C ALA A 42 0.00 2.55 10.84
N HIS A 43 -0.01 1.87 11.95
CA HIS A 43 -1.14 1.95 12.86
C HIS A 43 -0.81 3.01 13.91
N LYS A 44 0.46 3.26 14.14
CA LYS A 44 0.89 4.28 15.10
C LYS A 44 1.03 5.62 14.39
N ASP A 45 1.91 5.63 13.42
CA ASP A 45 2.23 6.80 12.64
C ASP A 45 1.33 6.94 11.49
N GLY A 46 1.15 5.81 10.85
CA GLY A 46 0.61 5.70 9.49
C GLY A 46 -0.55 6.54 9.09
N LYS A 47 -1.39 6.98 10.02
CA LYS A 47 -2.59 7.81 9.75
C LYS A 47 -3.36 7.29 8.49
N LEU A 48 -3.37 5.96 8.37
CA LEU A 48 -3.82 5.24 7.18
C LEU A 48 -5.16 4.54 7.46
N GLN A 49 -5.90 4.24 6.42
CA GLN A 49 -7.19 3.58 6.52
C GLN A 49 -7.17 2.26 5.74
N ILE A 50 -7.85 1.27 6.27
CA ILE A 50 -8.08 0.07 5.51
C ILE A 50 -9.00 0.44 4.33
N GLY A 51 -8.61 0.12 3.13
CA GLY A 51 -9.39 0.49 1.98
C GLY A 51 -8.72 1.58 1.16
N ASP A 52 -7.56 2.02 1.62
CA ASP A 52 -6.78 3.02 0.91
C ASP A 52 -6.24 2.54 -0.42
N LYS A 53 -6.44 3.36 -1.45
CA LYS A 53 -5.98 3.11 -2.82
C LYS A 53 -4.61 3.75 -3.00
N LEU A 54 -3.62 2.95 -3.19
CA LEU A 54 -2.29 3.45 -3.35
C LEU A 54 -2.06 3.84 -4.79
N LEU A 55 -1.83 5.11 -4.97
CA LEU A 55 -1.62 5.70 -6.27
C LEU A 55 -0.12 5.60 -6.57
N ALA A 56 0.68 5.82 -5.54
CA ALA A 56 2.12 5.79 -5.67
C ALA A 56 2.77 5.75 -4.30
N VAL A 57 3.97 5.26 -4.22
CA VAL A 57 4.73 5.31 -2.99
C VAL A 57 6.15 5.75 -3.30
N ASN A 58 6.56 6.84 -2.66
CA ASN A 58 7.88 7.50 -2.86
C ASN A 58 8.00 7.93 -4.27
N ASN A 59 6.85 8.32 -4.71
CA ASN A 59 6.54 8.79 -6.08
C ASN A 59 6.64 7.69 -7.15
N VAL A 60 6.85 6.45 -6.73
CA VAL A 60 6.83 5.33 -7.65
C VAL A 60 5.38 4.99 -7.91
N CYS A 61 4.99 4.99 -9.16
CA CYS A 61 3.61 4.76 -9.57
C CYS A 61 3.11 3.36 -9.20
N LEU A 62 2.02 3.30 -8.47
CA LEU A 62 1.34 2.07 -8.09
C LEU A 62 -0.02 1.98 -8.76
N GLU A 63 -0.37 3.05 -9.42
CA GLU A 63 -1.60 3.17 -10.17
C GLU A 63 -1.45 2.30 -11.43
N GLU A 64 -2.12 1.15 -11.42
CA GLU A 64 -2.07 0.13 -12.47
C GLU A 64 -0.66 -0.44 -12.72
N VAL A 65 -0.27 -1.36 -11.83
CA VAL A 65 1.00 -2.09 -11.89
C VAL A 65 0.76 -3.49 -11.31
N THR A 66 1.74 -4.34 -11.36
CA THR A 66 1.59 -5.65 -10.76
C THR A 66 1.85 -5.51 -9.26
N HIS A 67 1.28 -6.42 -8.47
CA HIS A 67 1.31 -6.32 -7.01
C HIS A 67 2.74 -6.28 -6.55
N GLU A 68 3.54 -7.10 -7.16
CA GLU A 68 4.95 -7.18 -6.96
C GLU A 68 5.65 -5.84 -7.05
N GLU A 69 5.32 -5.05 -8.06
CA GLU A 69 5.98 -3.78 -8.29
C GLU A 69 5.63 -2.82 -7.18
N ALA A 70 4.42 -2.97 -6.70
CA ALA A 70 3.89 -2.14 -5.67
C ALA A 70 4.51 -2.48 -4.35
N VAL A 71 4.34 -3.75 -3.93
CA VAL A 71 4.82 -4.19 -2.62
C VAL A 71 6.31 -3.97 -2.51
N THR A 72 7.02 -4.24 -3.58
CA THR A 72 8.45 -4.05 -3.61
C THR A 72 8.81 -2.56 -3.41
N ALA A 73 8.01 -1.67 -3.97
CA ALA A 73 8.23 -0.24 -3.82
C ALA A 73 7.99 0.20 -2.36
N LEU A 74 7.03 -0.44 -1.69
CA LEU A 74 6.80 -0.16 -0.28
C LEU A 74 7.87 -0.82 0.58
N LYS A 75 8.36 -1.95 0.14
CA LYS A 75 9.38 -2.64 0.88
C LYS A 75 10.73 -1.95 0.78
N ASN A 76 10.92 -1.23 -0.30
CA ASN A 76 12.12 -0.44 -0.53
C ASN A 76 12.04 0.90 0.22
N THR A 77 11.67 0.86 1.48
CA THR A 77 11.57 2.05 2.28
C THR A 77 12.43 1.90 3.49
N SER A 78 12.97 2.99 3.96
CA SER A 78 13.78 2.93 5.13
C SER A 78 13.67 4.18 5.95
N ASP A 79 12.86 4.01 6.95
CA ASP A 79 12.67 4.89 8.10
C ASP A 79 12.09 6.25 7.73
N PHE A 80 11.61 6.34 6.50
CA PHE A 80 11.01 7.53 5.96
C PHE A 80 10.27 7.11 4.68
N VAL A 81 9.01 7.48 4.56
CA VAL A 81 8.17 7.09 3.42
C VAL A 81 7.24 8.25 3.01
N TYR A 82 7.02 8.42 1.72
CA TYR A 82 5.99 9.30 1.21
C TYR A 82 5.00 8.48 0.40
N LEU A 83 3.94 8.10 1.03
CA LEU A 83 2.92 7.25 0.44
C LEU A 83 1.81 8.13 -0.14
N LYS A 84 1.58 7.99 -1.42
CA LYS A 84 0.59 8.78 -2.11
C LYS A 84 -0.65 7.91 -2.34
N VAL A 85 -1.66 8.22 -1.61
CA VAL A 85 -2.88 7.48 -1.63
C VAL A 85 -4.02 8.37 -2.17
N ALA A 86 -5.04 7.71 -2.66
CA ALA A 86 -6.24 8.30 -3.14
C ALA A 86 -7.39 7.48 -2.59
N LYS A 87 -8.56 8.04 -2.55
CA LYS A 87 -9.72 7.28 -2.07
C LYS A 87 -10.21 6.41 -3.19
N PRO A 88 -10.87 5.29 -2.85
CA PRO A 88 -11.34 4.34 -3.84
C PRO A 88 -12.28 4.96 -4.86
N THR A 89 -11.97 4.72 -6.11
CA THR A 89 -12.70 5.24 -7.22
C THR A 89 -14.07 4.57 -7.35
N GLY A 90 -15.03 5.13 -6.68
CA GLY A 90 -16.36 4.64 -6.77
C GLY A 90 -17.23 5.23 -5.72
N SER A 91 -18.43 4.72 -5.59
CA SER A 91 -19.35 5.19 -4.59
C SER A 91 -19.02 4.56 -3.23
N HIS A 92 -18.19 3.54 -3.27
CA HIS A 92 -17.75 2.88 -2.08
C HIS A 92 -16.36 3.37 -1.79
N HIS A 93 -16.25 4.37 -0.97
CA HIS A 93 -15.00 4.95 -0.63
C HIS A 93 -14.87 5.16 0.86
N HIS A 94 -13.68 4.98 1.35
CA HIS A 94 -13.35 5.10 2.74
C HIS A 94 -11.98 5.72 2.80
N PCA B 1 7.81 -16.94 -3.54
CA PCA B 1 9.16 -16.70 -3.01
CB PCA B 1 10.15 -17.07 -4.10
CG PCA B 1 9.30 -17.66 -5.18
CD PCA B 1 7.91 -17.08 -5.00
OE PCA B 1 7.50 -16.19 -5.76
C PCA B 1 9.27 -15.25 -2.64
O PCA B 1 9.59 -14.90 -1.53
H1 PCA B 1 7.28 -16.10 -3.20
H2 PCA B 1 7.45 -17.70 -2.94
HA PCA B 1 9.31 -17.31 -2.14
HB2 PCA B 1 10.67 -16.18 -4.44
HB3 PCA B 1 10.86 -17.82 -3.74
HG2 PCA B 1 9.70 -17.39 -6.15
HG3 PCA B 1 9.26 -18.74 -5.07
N ARG B 2 8.99 -14.40 -3.60
CA ARG B 2 8.91 -12.98 -3.39
C ARG B 2 7.47 -12.62 -3.25
N THR B 3 7.21 -11.33 -3.09
CA THR B 3 5.88 -10.76 -3.00
C THR B 3 5.07 -11.20 -4.24
N ARG B 4 3.75 -11.29 -4.15
CA ARG B 4 2.96 -11.84 -5.27
C ARG B 4 1.56 -11.31 -5.33
N GLN B 5 1.06 -11.29 -6.53
CA GLN B 5 -0.28 -10.87 -6.87
C GLN B 5 -1.28 -12.02 -6.74
N ARG B 6 -2.53 -11.62 -6.55
CA ARG B 6 -3.68 -12.51 -6.29
C ARG B 6 -3.56 -13.19 -4.96
N ASN B 7 -2.99 -12.41 -4.07
CA ASN B 7 -2.83 -12.67 -2.67
C ASN B 7 -2.39 -11.37 -2.05
N GLU B 8 -2.35 -11.31 -0.75
CA GLU B 8 -1.90 -10.11 -0.09
C GLU B 8 -0.44 -10.23 0.12
N THR B 9 0.20 -9.16 0.34
CA THR B 9 1.55 -9.22 0.75
C THR B 9 1.80 -8.14 1.77
N GLN B 10 1.87 -8.57 2.99
CA GLN B 10 2.10 -7.71 4.12
C GLN B 10 3.45 -6.99 3.99
N VAL B 11 3.43 -5.71 4.21
CA VAL B 11 4.63 -4.93 4.16
C VAL B 11 5.37 -4.96 5.49
N MET A 1 -4.62 10.93 -2.36
CA MET A 1 -4.56 11.13 -0.92
C MET A 1 -3.19 10.75 -0.45
N GLU A 2 -2.57 11.58 0.32
CA GLU A 2 -1.26 11.29 0.81
C GLU A 2 -1.11 11.18 2.28
N ILE A 3 -0.53 10.10 2.62
CA ILE A 3 -0.32 9.64 3.93
C ILE A 3 1.16 9.55 4.21
N LYS A 4 1.62 10.45 5.00
CA LYS A 4 2.97 10.40 5.46
C LYS A 4 3.00 9.51 6.69
N LEU A 5 3.94 8.59 6.71
CA LEU A 5 4.13 7.67 7.82
C LEU A 5 5.58 7.73 8.21
N ILE A 6 5.84 7.45 9.43
CA ILE A 6 7.18 7.30 9.87
C ILE A 6 7.42 5.81 10.11
N LYS A 7 8.28 5.20 9.29
CA LYS A 7 8.59 3.78 9.44
C LYS A 7 9.18 3.57 10.82
N GLY A 8 8.75 2.55 11.47
CA GLY A 8 9.12 2.33 12.85
C GLY A 8 9.53 0.90 13.14
N PRO A 9 9.52 0.49 14.42
CA PRO A 9 9.94 -0.86 14.86
C PRO A 9 9.10 -2.00 14.27
N LYS A 10 7.88 -1.70 13.87
CA LYS A 10 6.99 -2.72 13.31
C LYS A 10 6.82 -2.50 11.82
N GLY A 11 7.74 -1.72 11.27
CA GLY A 11 7.71 -1.40 9.86
C GLY A 11 6.80 -0.25 9.62
N LEU A 12 5.79 -0.47 8.83
CA LEU A 12 4.78 0.52 8.58
C LEU A 12 3.53 0.11 9.31
N GLY A 13 3.37 -1.20 9.44
CA GLY A 13 2.34 -1.76 10.26
C GLY A 13 1.00 -1.91 9.59
N PHE A 14 0.98 -2.49 8.42
CA PHE A 14 -0.27 -2.82 7.77
C PHE A 14 -0.08 -3.99 6.81
N SER A 15 -1.16 -4.65 6.47
CA SER A 15 -1.11 -5.77 5.58
C SER A 15 -1.74 -5.39 4.27
N ILE A 16 -1.04 -5.63 3.20
CA ILE A 16 -1.52 -5.30 1.88
C ILE A 16 -1.65 -6.54 1.03
N ALA A 17 -2.52 -6.46 0.07
CA ALA A 17 -2.72 -7.48 -0.91
C ALA A 17 -3.17 -6.77 -2.18
N GLY A 18 -2.43 -6.92 -3.23
CA GLY A 18 -2.78 -6.29 -4.48
C GLY A 18 -1.57 -6.12 -5.35
N GLY A 19 -1.78 -6.06 -6.62
CA GLY A 19 -0.70 -5.95 -7.56
C GLY A 19 -0.95 -6.89 -8.68
N VAL A 20 -0.04 -6.99 -9.63
CA VAL A 20 -0.18 -7.88 -10.78
C VAL A 20 -0.45 -9.32 -10.34
N GLY A 21 -1.69 -9.75 -10.57
CA GLY A 21 -2.11 -11.11 -10.25
C GLY A 21 -2.64 -11.23 -8.83
N ASN A 22 -2.33 -10.25 -8.02
CA ASN A 22 -2.72 -10.22 -6.62
C ASN A 22 -3.84 -9.17 -6.42
N GLN A 23 -4.37 -8.65 -7.55
CA GLN A 23 -5.34 -7.55 -7.54
C GLN A 23 -6.50 -7.80 -6.58
N HIS A 24 -6.72 -6.84 -5.70
CA HIS A 24 -7.70 -6.97 -4.63
C HIS A 24 -9.09 -6.65 -5.15
N ILE A 25 -9.19 -5.59 -5.90
CA ILE A 25 -10.46 -5.17 -6.45
C ILE A 25 -10.50 -5.54 -7.92
N PRO A 26 -11.50 -6.36 -8.33
CA PRO A 26 -11.65 -6.78 -9.73
C PRO A 26 -11.66 -5.62 -10.71
N GLY A 27 -10.56 -5.48 -11.40
CA GLY A 27 -10.44 -4.42 -12.36
C GLY A 27 -9.44 -3.36 -11.93
N ASP A 28 -8.95 -3.48 -10.71
CA ASP A 28 -8.02 -2.50 -10.21
C ASP A 28 -6.78 -3.21 -9.70
N ASN A 29 -5.77 -3.23 -10.53
CA ASN A 29 -4.57 -4.04 -10.33
C ASN A 29 -3.56 -3.35 -9.38
N SER A 30 -4.09 -2.63 -8.42
CA SER A 30 -3.28 -1.90 -7.47
C SER A 30 -3.16 -2.63 -6.14
N ILE A 31 -2.33 -2.10 -5.28
CA ILE A 31 -2.07 -2.69 -4.00
C ILE A 31 -3.13 -2.18 -3.02
N TYR A 32 -3.77 -3.06 -2.30
CA TYR A 32 -4.81 -2.64 -1.37
C TYR A 32 -4.52 -3.11 0.03
N VAL A 33 -4.78 -2.26 0.97
CA VAL A 33 -4.58 -2.58 2.36
C VAL A 33 -5.71 -3.45 2.85
N THR A 34 -5.39 -4.65 3.22
CA THR A 34 -6.37 -5.61 3.67
C THR A 34 -6.54 -5.53 5.19
N LYS A 35 -5.48 -5.13 5.88
CA LYS A 35 -5.48 -5.06 7.34
C LYS A 35 -4.51 -4.00 7.79
N ILE A 36 -4.67 -3.56 8.99
CA ILE A 36 -3.76 -2.61 9.58
C ILE A 36 -3.29 -3.23 10.88
N ILE A 37 -2.01 -3.16 11.14
CA ILE A 37 -1.40 -3.82 12.28
C ILE A 37 -1.51 -2.97 13.54
N GLU A 38 -1.84 -3.60 14.65
CA GLU A 38 -1.98 -2.95 15.93
C GLU A 38 -0.72 -2.19 16.35
N GLY A 39 -0.90 -0.93 16.70
CA GLY A 39 0.21 -0.10 17.12
C GLY A 39 1.16 0.25 15.96
N GLY A 40 0.75 -0.08 14.75
CA GLY A 40 1.54 0.22 13.60
C GLY A 40 1.48 1.69 13.27
N ALA A 41 2.44 2.15 12.52
CA ALA A 41 2.51 3.55 12.16
C ALA A 41 1.27 3.96 11.40
N ALA A 42 0.82 3.11 10.51
CA ALA A 42 -0.38 3.42 9.75
C ALA A 42 -1.66 3.32 10.61
N HIS A 43 -1.54 2.77 11.80
CA HIS A 43 -2.68 2.66 12.68
C HIS A 43 -2.70 3.87 13.62
N LYS A 44 -1.53 4.42 13.90
CA LYS A 44 -1.46 5.60 14.79
C LYS A 44 -1.45 6.89 13.95
N ASP A 45 -0.43 6.94 13.15
CA ASP A 45 -0.04 8.09 12.35
C ASP A 45 -0.74 8.08 11.05
N GLY A 46 -1.09 6.92 10.70
CA GLY A 46 -1.61 6.53 9.43
C GLY A 46 -2.65 7.36 8.76
N LYS A 47 -3.73 7.72 9.45
CA LYS A 47 -4.95 8.25 8.78
C LYS A 47 -5.37 7.36 7.61
N LEU A 48 -5.08 6.08 7.74
CA LEU A 48 -5.21 5.12 6.68
C LEU A 48 -6.34 4.15 7.01
N GLN A 49 -6.98 3.64 5.99
CA GLN A 49 -8.12 2.77 6.13
C GLN A 49 -7.87 1.43 5.45
N ILE A 50 -8.51 0.40 5.95
CA ILE A 50 -8.50 -0.86 5.25
C ILE A 50 -9.25 -0.65 3.92
N GLY A 51 -8.67 -1.03 2.80
CA GLY A 51 -9.31 -0.80 1.52
C GLY A 51 -8.60 0.29 0.73
N ASP A 52 -7.53 0.79 1.28
CA ASP A 52 -6.70 1.82 0.63
C ASP A 52 -5.88 1.28 -0.54
N LYS A 53 -5.99 1.96 -1.70
CA LYS A 53 -5.29 1.61 -2.95
C LYS A 53 -3.98 2.39 -3.03
N LEU A 54 -2.89 1.69 -2.99
CA LEU A 54 -1.60 2.32 -3.03
C LEU A 54 -1.24 2.68 -4.43
N LEU A 55 -1.21 3.95 -4.68
CA LEU A 55 -0.94 4.50 -5.98
C LEU A 55 0.57 4.62 -6.13
N ALA A 56 1.23 5.02 -5.06
CA ALA A 56 2.66 5.21 -5.05
C ALA A 56 3.19 5.28 -3.63
N VAL A 57 4.44 4.95 -3.45
CA VAL A 57 5.09 5.12 -2.17
C VAL A 57 6.43 5.80 -2.39
N ASN A 58 6.61 6.95 -1.75
CA ASN A 58 7.79 7.85 -1.90
C ASN A 58 7.83 8.33 -3.31
N ASN A 59 6.63 8.39 -3.79
CA ASN A 59 6.22 8.80 -5.10
C ASN A 59 6.69 7.82 -6.21
N VAL A 60 7.07 6.62 -5.80
CA VAL A 60 7.38 5.56 -6.74
C VAL A 60 6.07 4.88 -7.07
N CYS A 61 5.75 4.80 -8.34
CA CYS A 61 4.48 4.26 -8.82
C CYS A 61 4.25 2.79 -8.43
N LEU A 62 3.15 2.55 -7.75
CA LEU A 62 2.73 1.21 -7.34
C LEU A 62 1.53 0.74 -8.16
N GLU A 63 1.06 1.62 -9.03
CA GLU A 63 0.00 1.29 -9.96
C GLU A 63 0.49 0.25 -10.95
N GLU A 64 0.01 -0.96 -10.76
CA GLU A 64 0.33 -2.10 -11.60
C GLU A 64 1.82 -2.50 -11.55
N VAL A 65 2.18 -3.11 -10.44
CA VAL A 65 3.50 -3.70 -10.20
C VAL A 65 3.25 -5.03 -9.54
N THR A 66 4.23 -5.85 -9.40
CA THR A 66 4.00 -7.12 -8.75
C THR A 66 3.96 -6.91 -7.24
N HIS A 67 3.02 -7.57 -6.55
CA HIS A 67 2.78 -7.35 -5.11
C HIS A 67 4.07 -7.33 -4.29
N GLU A 68 4.86 -8.34 -4.45
CA GLU A 68 6.07 -8.53 -3.68
C GLU A 68 7.10 -7.40 -3.98
N GLU A 69 7.03 -6.87 -5.19
CA GLU A 69 7.88 -5.79 -5.66
C GLU A 69 7.43 -4.51 -4.98
N ALA A 70 6.12 -4.38 -4.86
CA ALA A 70 5.52 -3.24 -4.21
C ALA A 70 5.83 -3.25 -2.74
N VAL A 71 5.68 -4.41 -2.11
CA VAL A 71 5.99 -4.55 -0.68
C VAL A 71 7.41 -4.16 -0.43
N THR A 72 8.30 -4.63 -1.28
CA THR A 72 9.70 -4.27 -1.19
C THR A 72 9.89 -2.74 -1.27
N ALA A 73 9.09 -2.06 -2.11
CA ALA A 73 9.15 -0.61 -2.23
C ALA A 73 8.72 0.06 -0.91
N LEU A 74 7.78 -0.55 -0.19
CA LEU A 74 7.37 -0.02 1.11
C LEU A 74 8.33 -0.44 2.21
N LYS A 75 9.00 -1.56 2.02
CA LYS A 75 9.95 -2.03 3.01
C LYS A 75 11.24 -1.24 2.96
N ASN A 76 11.55 -0.71 1.80
CA ASN A 76 12.72 0.13 1.59
C ASN A 76 12.45 1.56 2.06
N THR A 77 11.82 1.70 3.21
CA THR A 77 11.51 2.97 3.75
C THR A 77 12.10 3.07 5.12
N SER A 78 12.56 4.22 5.47
CA SER A 78 13.09 4.41 6.79
C SER A 78 12.81 5.79 7.28
N ASP A 79 12.04 5.79 8.35
CA ASP A 79 11.68 6.92 9.19
C ASP A 79 11.03 8.09 8.44
N PHE A 80 10.61 7.82 7.22
CA PHE A 80 9.86 8.73 6.40
C PHE A 80 9.23 7.91 5.28
N VAL A 81 7.94 8.03 5.15
CA VAL A 81 7.19 7.37 4.11
C VAL A 81 6.16 8.35 3.56
N TYR A 82 6.18 8.57 2.29
CA TYR A 82 5.17 9.36 1.64
C TYR A 82 4.31 8.38 0.86
N LEU A 83 3.26 7.98 1.43
CA LEU A 83 2.40 7.01 0.84
C LEU A 83 1.29 7.73 0.10
N LYS A 84 1.26 7.57 -1.20
CA LYS A 84 0.25 8.18 -2.02
C LYS A 84 -0.77 7.11 -2.31
N VAL A 85 -1.88 7.24 -1.71
CA VAL A 85 -2.93 6.29 -1.79
C VAL A 85 -4.13 6.94 -2.49
N ALA A 86 -5.02 6.15 -2.96
CA ALA A 86 -6.23 6.63 -3.52
C ALA A 86 -7.36 5.77 -3.03
N LYS A 87 -8.51 6.35 -2.88
CA LYS A 87 -9.72 5.57 -2.64
C LYS A 87 -9.99 4.70 -3.86
N PRO A 88 -10.74 3.60 -3.70
CA PRO A 88 -10.89 2.62 -4.75
C PRO A 88 -11.62 3.16 -5.96
N THR A 89 -11.04 2.88 -7.11
CA THR A 89 -11.52 3.32 -8.45
C THR A 89 -12.92 2.78 -8.83
N GLY A 90 -13.56 2.11 -7.90
CA GLY A 90 -14.89 1.62 -8.12
C GLY A 90 -15.89 2.60 -7.54
N SER A 91 -15.40 3.78 -7.22
CA SER A 91 -16.14 4.85 -6.67
C SER A 91 -15.27 6.10 -6.86
N HIS A 92 -15.60 7.16 -6.16
CA HIS A 92 -14.85 8.39 -6.26
C HIS A 92 -13.50 8.26 -5.58
N HIS A 93 -12.48 8.11 -6.37
CA HIS A 93 -11.12 7.99 -5.88
C HIS A 93 -10.63 9.35 -5.35
N HIS A 94 -9.96 9.30 -4.24
CA HIS A 94 -9.43 10.47 -3.57
C HIS A 94 -8.11 10.06 -3.00
N PCA B 1 8.06 -16.35 3.66
CA PCA B 1 8.37 -15.19 4.47
CB PCA B 1 9.33 -14.30 3.70
CG PCA B 1 9.53 -15.00 2.38
CD PCA B 1 8.49 -16.10 2.28
OE PCA B 1 8.59 -17.00 1.46
C PCA B 1 7.07 -14.47 4.72
O PCA B 1 6.03 -15.03 4.43
H1 PCA B 1 7.02 -16.39 3.79
H2 PCA B 1 8.41 -17.17 4.19
HA PCA B 1 8.81 -15.51 5.41
HB2 PCA B 1 8.90 -13.32 3.58
HB3 PCA B 1 10.29 -14.24 4.21
HG2 PCA B 1 9.40 -14.29 1.59
HG3 PCA B 1 10.52 -15.44 2.34
N ARG B 2 7.12 -13.26 5.29
CA ARG B 2 5.89 -12.49 5.50
C ARG B 2 5.52 -11.66 4.29
N THR B 3 6.39 -11.63 3.30
CA THR B 3 6.14 -10.95 2.06
C THR B 3 6.17 -11.91 0.89
N ARG B 4 5.05 -12.01 0.21
CA ARG B 4 4.87 -12.86 -0.98
C ARG B 4 3.71 -12.30 -1.79
N GLN B 5 3.69 -12.63 -3.05
CA GLN B 5 2.59 -12.27 -3.93
C GLN B 5 1.47 -13.32 -3.86
N ARG B 6 0.26 -12.87 -4.20
CA ARG B 6 -0.97 -13.67 -4.22
C ARG B 6 -1.41 -14.11 -2.83
N ASN B 7 -1.10 -13.25 -1.89
CA ASN B 7 -1.48 -13.37 -0.50
C ASN B 7 -1.38 -12.01 0.12
N GLU B 8 -1.71 -11.90 1.37
CA GLU B 8 -1.57 -10.67 2.05
C GLU B 8 -0.18 -10.61 2.66
N THR B 9 0.38 -9.46 2.69
CA THR B 9 1.70 -9.27 3.17
C THR B 9 1.79 -8.06 4.11
N GLN B 10 2.50 -8.24 5.22
CA GLN B 10 2.71 -7.18 6.19
C GLN B 10 3.91 -6.33 5.80
N VAL B 11 3.75 -5.06 5.80
CA VAL B 11 4.85 -4.15 5.63
C VAL B 11 5.46 -3.81 6.99
N MET A 1 -3.92 12.33 -0.69
CA MET A 1 -3.85 11.78 0.67
C MET A 1 -2.52 11.11 0.84
N GLU A 2 -1.54 11.90 1.13
CA GLU A 2 -0.22 11.43 1.25
C GLU A 2 0.26 11.29 2.66
N ILE A 3 0.82 10.17 2.87
CA ILE A 3 1.25 9.68 4.10
C ILE A 3 2.73 9.55 4.13
N LYS A 4 3.33 10.44 4.85
CA LYS A 4 4.69 10.34 5.15
C LYS A 4 4.74 9.46 6.35
N LEU A 5 5.16 8.28 6.11
CA LEU A 5 5.13 7.22 7.05
C LEU A 5 6.53 6.95 7.53
N ILE A 6 6.66 6.60 8.76
CA ILE A 6 7.94 6.21 9.28
C ILE A 6 8.02 4.69 9.29
N LYS A 7 8.87 4.16 8.43
CA LYS A 7 9.08 2.73 8.32
C LYS A 7 9.93 2.23 9.47
N GLY A 8 9.74 1.00 9.88
CA GLY A 8 10.47 0.47 10.99
C GLY A 8 10.88 -0.98 10.79
N PRO A 9 11.19 -1.72 11.88
CA PRO A 9 11.66 -3.13 11.80
C PRO A 9 10.57 -4.11 11.36
N LYS A 10 9.34 -3.64 11.35
CA LYS A 10 8.21 -4.47 10.91
C LYS A 10 7.81 -4.06 9.52
N GLY A 11 8.63 -3.21 8.94
CA GLY A 11 8.38 -2.68 7.64
C GLY A 11 7.47 -1.52 7.76
N LEU A 12 6.42 -1.54 7.02
CA LEU A 12 5.40 -0.56 7.17
C LEU A 12 4.33 -1.21 8.01
N GLY A 13 4.11 -2.48 7.73
CA GLY A 13 3.21 -3.25 8.54
C GLY A 13 1.77 -3.14 8.12
N PHE A 14 1.50 -3.44 6.88
CA PHE A 14 0.15 -3.53 6.38
C PHE A 14 0.15 -4.46 5.20
N SER A 15 -0.99 -4.98 4.89
CA SER A 15 -1.13 -5.91 3.81
C SER A 15 -1.85 -5.21 2.67
N ILE A 16 -1.30 -5.28 1.51
CA ILE A 16 -1.90 -4.69 0.35
C ILE A 16 -2.29 -5.76 -0.63
N ALA A 17 -3.29 -5.48 -1.40
CA ALA A 17 -3.75 -6.32 -2.46
C ALA A 17 -4.28 -5.43 -3.55
N GLY A 18 -3.73 -5.55 -4.70
CA GLY A 18 -4.16 -4.76 -5.80
C GLY A 18 -3.07 -4.60 -6.80
N GLY A 19 -3.43 -4.20 -7.97
CA GLY A 19 -2.49 -4.07 -9.05
C GLY A 19 -3.09 -4.66 -10.25
N VAL A 20 -2.34 -4.75 -11.33
CA VAL A 20 -2.82 -5.34 -12.59
C VAL A 20 -3.35 -6.75 -12.36
N GLY A 21 -4.67 -6.86 -12.36
CA GLY A 21 -5.33 -8.14 -12.18
C GLY A 21 -5.44 -8.57 -10.73
N ASN A 22 -4.81 -7.83 -9.85
CA ASN A 22 -4.80 -8.15 -8.41
C ASN A 22 -5.73 -7.17 -7.70
N GLN A 23 -6.33 -6.29 -8.47
CA GLN A 23 -7.14 -5.23 -7.96
C GLN A 23 -8.24 -5.65 -6.97
N HIS A 24 -8.40 -4.83 -5.97
CA HIS A 24 -9.37 -5.06 -4.93
C HIS A 24 -10.73 -4.53 -5.37
N ILE A 25 -10.69 -3.45 -6.13
CA ILE A 25 -11.90 -2.82 -6.62
C ILE A 25 -12.07 -3.15 -8.10
N PRO A 26 -13.22 -3.76 -8.48
CA PRO A 26 -13.52 -4.06 -9.88
C PRO A 26 -13.59 -2.77 -10.72
N GLY A 27 -12.60 -2.59 -11.56
CA GLY A 27 -12.57 -1.41 -12.40
C GLY A 27 -11.46 -0.46 -12.03
N ASP A 28 -10.96 -0.59 -10.81
CA ASP A 28 -9.90 0.28 -10.33
C ASP A 28 -8.66 -0.57 -10.12
N ASN A 29 -7.77 -0.52 -11.07
CA ASN A 29 -6.63 -1.42 -11.16
C ASN A 29 -5.45 -0.98 -10.24
N SER A 30 -5.78 -0.40 -9.11
CA SER A 30 -4.79 0.10 -8.17
C SER A 30 -4.54 -0.85 -7.00
N ILE A 31 -3.61 -0.47 -6.16
CA ILE A 31 -3.21 -1.27 -5.03
C ILE A 31 -4.06 -0.82 -3.84
N TYR A 32 -4.62 -1.75 -3.10
CA TYR A 32 -5.48 -1.40 -1.99
C TYR A 32 -5.02 -2.02 -0.71
N VAL A 33 -5.05 -1.24 0.33
CA VAL A 33 -4.71 -1.69 1.66
C VAL A 33 -5.82 -2.63 2.16
N THR A 34 -5.46 -3.85 2.41
CA THR A 34 -6.41 -4.87 2.80
C THR A 34 -6.42 -5.03 4.31
N LYS A 35 -5.29 -4.77 4.91
CA LYS A 35 -5.16 -4.96 6.31
C LYS A 35 -4.06 -4.06 6.77
N ILE A 36 -4.11 -3.65 7.99
CA ILE A 36 -3.02 -2.91 8.57
C ILE A 36 -2.57 -3.70 9.78
N ILE A 37 -1.38 -4.29 9.66
CA ILE A 37 -0.83 -5.25 10.63
C ILE A 37 -0.85 -4.72 12.04
N GLU A 38 -1.29 -5.55 12.93
CA GLU A 38 -1.42 -5.31 14.32
C GLU A 38 -0.09 -4.84 14.93
N GLY A 39 -0.10 -3.61 15.37
CA GLY A 39 1.07 -3.01 15.98
C GLY A 39 2.13 -2.69 14.93
N GLY A 40 1.70 -2.54 13.70
CA GLY A 40 2.59 -2.13 12.64
C GLY A 40 2.87 -0.65 12.71
N ALA A 41 3.90 -0.23 12.00
CA ALA A 41 4.27 1.18 11.98
C ALA A 41 3.14 1.97 11.35
N ALA A 42 2.56 1.43 10.33
CA ALA A 42 1.44 2.06 9.69
C ALA A 42 0.15 1.93 10.50
N HIS A 43 0.19 1.09 11.51
CA HIS A 43 -0.96 0.90 12.36
C HIS A 43 -0.91 1.95 13.45
N LYS A 44 0.28 2.35 13.81
CA LYS A 44 0.45 3.41 14.78
C LYS A 44 0.65 4.79 14.16
N ASP A 45 1.65 4.91 13.36
CA ASP A 45 2.01 6.18 12.69
C ASP A 45 1.24 6.37 11.45
N GLY A 46 1.09 5.26 10.76
CA GLY A 46 0.62 5.21 9.37
C GLY A 46 -0.52 6.09 8.95
N LYS A 47 -1.39 6.51 9.88
CA LYS A 47 -2.56 7.38 9.59
C LYS A 47 -3.30 6.92 8.30
N LEU A 48 -3.36 5.61 8.14
CA LEU A 48 -3.81 4.94 6.93
C LEU A 48 -5.12 4.20 7.20
N GLN A 49 -5.88 3.94 6.15
CA GLN A 49 -7.12 3.24 6.25
C GLN A 49 -7.09 1.97 5.41
N ILE A 50 -7.74 0.93 5.91
CA ILE A 50 -7.98 -0.24 5.12
C ILE A 50 -8.95 0.16 4.00
N GLY A 51 -8.59 -0.08 2.76
CA GLY A 51 -9.42 0.31 1.65
C GLY A 51 -8.83 1.48 0.88
N ASP A 52 -7.67 1.92 1.30
CA ASP A 52 -6.96 3.00 0.61
C ASP A 52 -6.31 2.55 -0.68
N LYS A 53 -6.44 3.39 -1.69
CA LYS A 53 -5.91 3.17 -3.04
C LYS A 53 -4.55 3.83 -3.14
N LEU A 54 -3.53 3.03 -3.33
CA LEU A 54 -2.19 3.54 -3.46
C LEU A 54 -1.98 4.07 -4.85
N LEU A 55 -1.84 5.35 -4.93
CA LEU A 55 -1.65 6.06 -6.16
C LEU A 55 -0.15 5.99 -6.47
N ALA A 56 0.65 6.13 -5.42
CA ALA A 56 2.08 6.10 -5.55
C ALA A 56 2.70 5.83 -4.19
N VAL A 57 3.90 5.33 -4.17
CA VAL A 57 4.63 5.18 -2.94
C VAL A 57 6.11 5.38 -3.23
N ASN A 58 6.78 6.11 -2.34
CA ASN A 58 8.23 6.39 -2.44
C ASN A 58 8.49 7.13 -3.77
N ASN A 59 7.54 8.01 -4.10
CA ASN A 59 7.48 8.80 -5.37
C ASN A 59 7.22 7.91 -6.63
N VAL A 60 7.25 6.60 -6.49
CA VAL A 60 7.00 5.69 -7.60
C VAL A 60 5.48 5.56 -7.79
N CYS A 61 5.03 5.71 -9.01
CA CYS A 61 3.62 5.61 -9.34
C CYS A 61 3.14 4.16 -9.28
N LEU A 62 2.04 3.95 -8.57
CA LEU A 62 1.45 2.62 -8.39
C LEU A 62 0.14 2.45 -9.13
N GLU A 63 -0.32 3.51 -9.77
CA GLU A 63 -1.50 3.43 -10.61
C GLU A 63 -1.21 2.53 -11.80
N GLU A 64 -1.80 1.35 -11.75
CA GLU A 64 -1.69 0.33 -12.78
C GLU A 64 -0.25 -0.20 -12.95
N VAL A 65 0.15 -0.97 -11.97
CA VAL A 65 1.42 -1.69 -11.97
C VAL A 65 1.10 -3.07 -11.44
N THR A 66 1.96 -4.03 -11.62
CA THR A 66 1.66 -5.31 -11.11
C THR A 66 2.03 -5.32 -9.64
N HIS A 67 1.26 -6.07 -8.86
CA HIS A 67 1.38 -6.10 -7.41
C HIS A 67 2.81 -6.34 -6.93
N GLU A 68 3.55 -7.11 -7.69
CA GLU A 68 4.91 -7.47 -7.32
C GLU A 68 5.79 -6.21 -7.29
N GLU A 69 5.63 -5.34 -8.30
CA GLU A 69 6.42 -4.14 -8.39
C GLU A 69 5.98 -3.17 -7.35
N ALA A 70 4.69 -3.23 -7.07
CA ALA A 70 4.07 -2.39 -6.09
C ALA A 70 4.67 -2.67 -4.74
N VAL A 71 4.65 -3.95 -4.34
CA VAL A 71 5.22 -4.36 -3.06
C VAL A 71 6.67 -3.96 -2.99
N THR A 72 7.40 -4.19 -4.07
CA THR A 72 8.80 -3.83 -4.16
C THR A 72 9.00 -2.31 -3.93
N ALA A 73 8.11 -1.49 -4.48
CA ALA A 73 8.17 -0.05 -4.29
C ALA A 73 7.96 0.32 -2.80
N LEU A 74 7.08 -0.41 -2.12
CA LEU A 74 6.88 -0.17 -0.69
C LEU A 74 8.01 -0.79 0.12
N LYS A 75 8.71 -1.75 -0.46
CA LYS A 75 9.79 -2.36 0.25
C LYS A 75 11.10 -1.60 0.14
N ASN A 76 11.26 -0.85 -0.95
CA ASN A 76 12.48 -0.03 -1.21
C ASN A 76 12.52 1.26 -0.37
N THR A 77 12.03 1.18 0.83
CA THR A 77 11.98 2.30 1.73
C THR A 77 12.67 1.95 3.03
N SER A 78 13.04 2.96 3.77
CA SER A 78 13.67 2.78 5.07
C SER A 78 13.54 4.05 5.87
N ASP A 79 12.99 3.92 7.08
CA ASP A 79 12.82 4.99 8.10
C ASP A 79 11.93 6.15 7.63
N PHE A 80 11.43 6.06 6.42
CA PHE A 80 10.58 7.05 5.83
C PHE A 80 9.96 6.48 4.57
N VAL A 81 8.70 6.73 4.41
CA VAL A 81 7.95 6.32 3.25
C VAL A 81 7.09 7.48 2.83
N TYR A 82 7.16 7.90 1.60
CA TYR A 82 6.26 8.92 1.13
C TYR A 82 5.20 8.18 0.34
N LEU A 83 4.15 7.87 0.97
CA LEU A 83 3.10 7.10 0.37
C LEU A 83 1.98 8.02 -0.06
N LYS A 84 1.39 7.77 -1.19
CA LYS A 84 0.40 8.64 -1.74
C LYS A 84 -0.85 7.84 -2.08
N VAL A 85 -1.91 8.12 -1.36
CA VAL A 85 -3.19 7.47 -1.52
C VAL A 85 -4.19 8.39 -2.22
N ALA A 86 -5.03 7.78 -2.99
CA ALA A 86 -6.18 8.36 -3.59
C ALA A 86 -7.35 7.60 -3.02
N LYS A 87 -8.50 8.17 -3.00
CA LYS A 87 -9.61 7.44 -2.43
C LYS A 87 -10.20 6.56 -3.53
N PRO A 88 -10.82 5.42 -3.17
CA PRO A 88 -11.43 4.49 -4.13
C PRO A 88 -12.45 5.20 -5.02
N THR A 89 -12.10 5.31 -6.28
CA THR A 89 -12.92 6.03 -7.23
C THR A 89 -13.97 5.12 -7.86
N GLY A 90 -13.84 3.84 -7.62
CA GLY A 90 -14.75 2.90 -8.19
C GLY A 90 -15.71 2.31 -7.17
N SER A 91 -15.81 2.96 -6.03
CA SER A 91 -16.69 2.54 -4.95
C SER A 91 -16.93 3.73 -4.05
N HIS A 92 -17.69 3.55 -2.99
CA HIS A 92 -17.91 4.62 -2.04
C HIS A 92 -16.65 4.73 -1.20
N HIS A 93 -16.08 5.88 -1.16
CA HIS A 93 -14.85 6.06 -0.45
C HIS A 93 -15.08 6.58 0.94
N HIS A 94 -14.25 6.16 1.84
CA HIS A 94 -14.20 6.78 3.11
C HIS A 94 -12.94 7.67 3.05
N PCA B 1 8.74 -10.95 4.32
CA PCA B 1 7.48 -11.65 4.13
CB PCA B 1 6.33 -10.72 4.48
CG PCA B 1 7.02 -9.60 5.17
CD PCA B 1 8.44 -9.55 4.63
OE PCA B 1 8.78 -8.63 3.88
C PCA B 1 7.41 -12.10 2.75
O PCA B 1 8.30 -11.82 1.95
H1 PCA B 1 9.18 -11.10 3.38
H2 PCA B 1 9.29 -11.55 4.96
HA PCA B 1 7.36 -12.61 4.60
HB2 PCA B 1 5.83 -10.41 3.57
HB3 PCA B 1 5.65 -11.20 5.16
HG2 PCA B 1 6.49 -8.67 4.96
HG3 PCA B 1 7.05 -9.77 6.24
N ARG B 2 6.39 -12.81 2.48
CA ARG B 2 6.19 -13.42 1.23
C ARG B 2 5.40 -12.47 0.35
N THR B 3 5.84 -12.27 -0.85
CA THR B 3 5.17 -11.42 -1.80
C THR B 3 4.72 -12.29 -2.97
N ARG B 4 3.68 -11.84 -3.69
CA ARG B 4 3.14 -12.40 -4.96
C ARG B 4 1.91 -11.63 -5.32
N GLN B 5 1.47 -11.76 -6.54
CA GLN B 5 0.23 -11.18 -6.96
C GLN B 5 -0.97 -12.09 -6.65
N ARG B 6 -2.16 -11.55 -6.85
CA ARG B 6 -3.47 -12.19 -6.63
C ARG B 6 -3.75 -12.50 -5.18
N ASN B 7 -3.04 -11.86 -4.31
CA ASN B 7 -3.18 -12.06 -2.88
C ASN B 7 -2.79 -10.83 -2.15
N GLU B 8 -2.90 -10.85 -0.85
CA GLU B 8 -2.45 -9.77 -0.06
C GLU B 8 -1.00 -10.01 0.32
N THR B 9 -0.25 -8.96 0.43
CA THR B 9 1.14 -9.03 0.76
C THR B 9 1.48 -7.97 1.82
N GLN B 10 2.29 -8.36 2.81
CA GLN B 10 2.74 -7.43 3.83
C GLN B 10 3.95 -6.66 3.34
N VAL B 11 3.91 -5.37 3.54
CA VAL B 11 4.96 -4.49 3.11
C VAL B 11 5.92 -4.13 4.25
N MET A 1 -4.21 12.57 -0.46
CA MET A 1 -4.11 12.37 0.99
C MET A 1 -2.80 11.72 1.25
N GLU A 2 -1.89 12.49 1.73
CA GLU A 2 -0.58 12.02 1.96
C GLU A 2 -0.15 12.00 3.38
N ILE A 3 0.40 10.89 3.71
CA ILE A 3 0.79 10.52 5.02
C ILE A 3 2.30 10.33 5.02
N LYS A 4 2.98 11.21 5.70
CA LYS A 4 4.41 11.14 5.81
C LYS A 4 4.74 10.17 6.93
N LEU A 5 5.28 9.05 6.58
CA LEU A 5 5.61 8.03 7.52
C LEU A 5 7.09 7.90 7.66
N ILE A 6 7.49 7.39 8.76
CA ILE A 6 8.87 7.08 9.01
C ILE A 6 9.03 5.57 8.93
N LYS A 7 9.80 5.14 7.94
CA LYS A 7 10.07 3.74 7.72
C LYS A 7 10.91 3.20 8.85
N GLY A 8 10.41 2.19 9.53
CA GLY A 8 11.09 1.69 10.69
C GLY A 8 11.20 0.17 10.72
N PRO A 9 11.31 -0.43 11.94
CA PRO A 9 11.54 -1.89 12.14
C PRO A 9 10.61 -2.83 11.35
N LYS A 10 9.35 -2.48 11.24
CA LYS A 10 8.41 -3.31 10.48
C LYS A 10 8.02 -2.62 9.20
N GLY A 11 8.79 -1.63 8.85
CA GLY A 11 8.57 -0.87 7.66
C GLY A 11 7.57 0.21 7.91
N LEU A 12 6.47 0.14 7.21
CA LEU A 12 5.39 1.10 7.40
C LEU A 12 4.38 0.46 8.35
N GLY A 13 4.32 -0.85 8.29
CA GLY A 13 3.45 -1.60 9.16
C GLY A 13 2.03 -1.73 8.68
N PHE A 14 1.86 -2.03 7.42
CA PHE A 14 0.56 -2.35 6.87
C PHE A 14 0.74 -3.27 5.70
N SER A 15 -0.27 -4.00 5.38
CA SER A 15 -0.23 -4.98 4.35
C SER A 15 -1.13 -4.58 3.21
N ILE A 16 -0.63 -4.75 2.02
CA ILE A 16 -1.32 -4.38 0.82
C ILE A 16 -1.57 -5.55 -0.11
N ALA A 17 -2.66 -5.45 -0.83
CA ALA A 17 -3.05 -6.36 -1.86
C ALA A 17 -3.73 -5.53 -2.92
N GLY A 18 -3.12 -5.49 -4.06
CA GLY A 18 -3.63 -4.73 -5.16
C GLY A 18 -2.54 -4.56 -6.17
N GLY A 19 -2.89 -4.17 -7.35
CA GLY A 19 -1.95 -4.02 -8.41
C GLY A 19 -2.50 -4.66 -9.62
N VAL A 20 -1.79 -4.59 -10.74
CA VAL A 20 -2.23 -5.23 -11.98
C VAL A 20 -2.56 -6.72 -11.74
N GLY A 21 -3.84 -7.02 -11.77
CA GLY A 21 -4.31 -8.38 -11.59
C GLY A 21 -4.71 -8.67 -10.16
N ASN A 22 -4.17 -7.91 -9.23
CA ASN A 22 -4.46 -8.12 -7.82
C ASN A 22 -5.39 -7.01 -7.31
N GLN A 23 -6.06 -6.35 -8.26
CA GLN A 23 -6.97 -5.26 -7.98
C GLN A 23 -7.98 -5.67 -6.90
N HIS A 24 -8.01 -4.89 -5.86
CA HIS A 24 -8.85 -5.16 -4.71
C HIS A 24 -10.28 -4.70 -4.97
N ILE A 25 -10.40 -3.56 -5.60
CA ILE A 25 -11.69 -2.98 -5.92
C ILE A 25 -11.98 -3.20 -7.40
N PRO A 26 -13.15 -3.80 -7.73
CA PRO A 26 -13.53 -4.10 -9.12
C PRO A 26 -13.57 -2.86 -10.00
N GLY A 27 -12.54 -2.69 -10.80
CA GLY A 27 -12.47 -1.55 -11.68
C GLY A 27 -11.39 -0.58 -11.27
N ASP A 28 -10.79 -0.82 -10.12
CA ASP A 28 -9.75 0.08 -9.64
C ASP A 28 -8.50 -0.74 -9.39
N ASN A 29 -7.64 -0.73 -10.38
CA ASN A 29 -6.47 -1.60 -10.46
C ASN A 29 -5.27 -1.04 -9.65
N SER A 30 -5.57 -0.46 -8.51
CA SER A 30 -4.57 0.12 -7.64
C SER A 30 -4.21 -0.81 -6.49
N ILE A 31 -3.27 -0.36 -5.68
CA ILE A 31 -2.80 -1.12 -4.55
C ILE A 31 -3.68 -0.77 -3.35
N TYR A 32 -4.16 -1.76 -2.64
CA TYR A 32 -5.07 -1.50 -1.52
C TYR A 32 -4.59 -2.07 -0.22
N VAL A 33 -4.74 -1.29 0.81
CA VAL A 33 -4.40 -1.67 2.16
C VAL A 33 -5.41 -2.71 2.64
N THR A 34 -4.95 -3.89 2.89
CA THR A 34 -5.82 -4.98 3.28
C THR A 34 -5.78 -5.19 4.80
N LYS A 35 -4.69 -4.82 5.42
CA LYS A 35 -4.55 -4.93 6.84
C LYS A 35 -3.59 -3.86 7.28
N ILE A 36 -3.82 -3.27 8.40
CA ILE A 36 -2.88 -2.33 8.95
C ILE A 36 -2.30 -3.01 10.16
N ILE A 37 -1.07 -3.42 10.02
CA ILE A 37 -0.39 -4.25 10.98
C ILE A 37 -0.34 -3.63 12.35
N GLU A 38 -0.79 -4.42 13.28
CA GLU A 38 -0.86 -4.11 14.65
C GLU A 38 0.51 -3.73 15.21
N GLY A 39 0.60 -2.50 15.67
CA GLY A 39 1.84 -1.97 16.19
C GLY A 39 2.67 -1.30 15.10
N GLY A 40 2.11 -1.20 13.92
CA GLY A 40 2.76 -0.53 12.83
C GLY A 40 2.72 0.99 12.95
N ALA A 41 3.64 1.66 12.27
CA ALA A 41 3.70 3.11 12.29
C ALA A 41 2.44 3.65 11.65
N ALA A 42 2.01 3.00 10.58
CA ALA A 42 0.80 3.42 9.92
C ALA A 42 -0.45 2.99 10.71
N HIS A 43 -0.25 2.17 11.73
CA HIS A 43 -1.33 1.73 12.58
C HIS A 43 -1.50 2.75 13.69
N LYS A 44 -0.43 3.39 14.07
CA LYS A 44 -0.50 4.42 15.07
C LYS A 44 -0.61 5.82 14.50
N ASP A 45 0.34 6.19 13.69
CA ASP A 45 0.37 7.52 13.08
C ASP A 45 -0.44 7.55 11.87
N GLY A 46 -0.32 6.46 11.15
CA GLY A 46 -0.73 6.34 9.75
C GLY A 46 -2.04 6.93 9.31
N LYS A 47 -2.99 7.14 10.24
CA LYS A 47 -4.34 7.72 9.93
C LYS A 47 -4.96 7.12 8.64
N LEU A 48 -4.63 5.86 8.41
CA LEU A 48 -4.92 5.11 7.21
C LEU A 48 -6.06 4.16 7.48
N GLN A 49 -6.80 3.81 6.44
CA GLN A 49 -7.90 2.90 6.57
C GLN A 49 -7.66 1.64 5.76
N ILE A 50 -8.15 0.53 6.27
CA ILE A 50 -8.15 -0.70 5.49
C ILE A 50 -9.14 -0.50 4.32
N GLY A 51 -8.66 -0.70 3.11
CA GLY A 51 -9.47 -0.44 1.94
C GLY A 51 -8.98 0.78 1.19
N ASP A 52 -7.91 1.37 1.69
CA ASP A 52 -7.29 2.53 1.07
C ASP A 52 -6.47 2.21 -0.16
N LYS A 53 -6.61 3.07 -1.15
CA LYS A 53 -5.97 2.97 -2.46
C LYS A 53 -4.67 3.77 -2.47
N LEU A 54 -3.58 3.09 -2.63
CA LEU A 54 -2.31 3.75 -2.72
C LEU A 54 -2.14 4.28 -4.09
N LEU A 55 -2.13 5.56 -4.18
CA LEU A 55 -2.01 6.25 -5.43
C LEU A 55 -0.52 6.34 -5.74
N ALA A 56 0.28 6.54 -4.70
CA ALA A 56 1.70 6.67 -4.85
C ALA A 56 2.41 6.47 -3.53
N VAL A 57 3.68 6.12 -3.60
CA VAL A 57 4.52 6.06 -2.43
C VAL A 57 5.83 6.76 -2.76
N ASN A 58 6.18 7.73 -1.94
CA ASN A 58 7.38 8.59 -2.15
C ASN A 58 7.30 9.30 -3.43
N ASN A 59 6.09 9.63 -3.65
CA ASN A 59 5.52 10.29 -4.78
C ASN A 59 5.69 9.48 -6.11
N VAL A 60 6.05 8.22 -6.00
CA VAL A 60 6.14 7.34 -7.15
C VAL A 60 4.76 6.74 -7.37
N CYS A 61 4.22 6.91 -8.56
CA CYS A 61 2.87 6.47 -8.89
C CYS A 61 2.71 4.94 -8.81
N LEU A 62 1.74 4.50 -8.05
CA LEU A 62 1.40 3.09 -7.87
C LEU A 62 0.11 2.74 -8.59
N GLU A 63 -0.43 3.71 -9.30
CA GLU A 63 -1.62 3.50 -10.10
C GLU A 63 -1.33 2.55 -11.26
N GLU A 64 -1.94 1.37 -11.19
CA GLU A 64 -1.85 0.35 -12.21
C GLU A 64 -0.40 -0.15 -12.45
N VAL A 65 0.27 -0.47 -11.37
CA VAL A 65 1.58 -1.08 -11.43
C VAL A 65 1.47 -2.52 -10.95
N THR A 66 2.49 -3.31 -11.12
CA THR A 66 2.40 -4.67 -10.72
C THR A 66 2.67 -4.78 -9.22
N HIS A 67 1.93 -5.66 -8.52
CA HIS A 67 2.03 -5.81 -7.06
C HIS A 67 3.49 -5.86 -6.55
N GLU A 68 4.34 -6.65 -7.21
CA GLU A 68 5.74 -6.79 -6.81
C GLU A 68 6.46 -5.47 -6.91
N GLU A 69 6.15 -4.75 -7.93
CA GLU A 69 6.77 -3.50 -8.26
C GLU A 69 6.36 -2.46 -7.22
N ALA A 70 5.13 -2.60 -6.76
CA ALA A 70 4.57 -1.71 -5.78
C ALA A 70 5.16 -1.97 -4.42
N VAL A 71 5.11 -3.23 -3.96
CA VAL A 71 5.62 -3.57 -2.63
C VAL A 71 7.09 -3.20 -2.54
N THR A 72 7.84 -3.47 -3.61
CA THR A 72 9.25 -3.16 -3.65
C THR A 72 9.48 -1.62 -3.55
N ALA A 73 8.54 -0.83 -4.08
CA ALA A 73 8.64 0.62 -3.98
C ALA A 73 8.44 1.08 -2.55
N LEU A 74 7.49 0.46 -1.83
CA LEU A 74 7.29 0.81 -0.43
C LEU A 74 8.41 0.24 0.43
N LYS A 75 9.04 -0.81 -0.05
CA LYS A 75 10.11 -1.41 0.68
C LYS A 75 11.43 -0.66 0.56
N ASN A 76 11.66 -0.04 -0.58
CA ASN A 76 12.87 0.74 -0.80
C ASN A 76 12.75 2.15 -0.26
N THR A 77 12.59 2.23 1.03
CA THR A 77 12.48 3.46 1.76
C THR A 77 13.09 3.26 3.14
N SER A 78 13.63 4.30 3.70
CA SER A 78 14.21 4.24 5.03
C SER A 78 14.05 5.59 5.71
N ASP A 79 13.50 5.56 6.93
CA ASP A 79 13.28 6.74 7.83
C ASP A 79 12.37 7.85 7.23
N PHE A 80 11.90 7.66 6.02
CA PHE A 80 11.07 8.66 5.38
C PHE A 80 10.27 8.06 4.24
N VAL A 81 8.98 8.15 4.36
CA VAL A 81 8.04 7.67 3.39
C VAL A 81 6.95 8.72 3.20
N TYR A 82 6.47 8.86 2.01
CA TYR A 82 5.36 9.71 1.72
C TYR A 82 4.29 8.88 1.07
N LEU A 83 3.38 8.43 1.84
CA LEU A 83 2.31 7.58 1.38
C LEU A 83 1.23 8.46 0.80
N LYS A 84 0.94 8.32 -0.47
CA LYS A 84 -0.10 9.08 -1.09
C LYS A 84 -1.26 8.16 -1.36
N VAL A 85 -2.30 8.32 -0.59
CA VAL A 85 -3.48 7.52 -0.69
C VAL A 85 -4.64 8.39 -1.21
N ALA A 86 -5.51 7.75 -1.92
CA ALA A 86 -6.73 8.28 -2.37
C ALA A 86 -7.73 7.18 -2.13
N LYS A 87 -8.97 7.47 -2.03
CA LYS A 87 -9.90 6.40 -1.91
C LYS A 87 -10.44 6.10 -3.30
N PRO A 88 -10.88 4.85 -3.57
CA PRO A 88 -11.29 4.35 -4.90
C PRO A 88 -12.00 5.37 -5.79
N THR A 89 -11.24 5.90 -6.72
CA THR A 89 -11.70 6.88 -7.67
C THR A 89 -12.10 6.25 -8.98
N GLY A 90 -11.64 5.05 -9.21
CA GLY A 90 -11.91 4.41 -10.46
C GLY A 90 -13.15 3.55 -10.42
N SER A 91 -13.75 3.43 -9.26
CA SER A 91 -14.90 2.62 -9.09
C SER A 91 -15.55 2.93 -7.74
N HIS A 92 -16.48 2.12 -7.35
CA HIS A 92 -17.21 2.24 -6.12
C HIS A 92 -16.34 1.63 -5.01
N HIS A 93 -16.55 2.03 -3.76
CA HIS A 93 -15.73 1.49 -2.67
C HIS A 93 -16.34 0.20 -2.11
N HIS A 94 -16.72 -0.65 -3.02
CA HIS A 94 -17.30 -1.93 -2.80
C HIS A 94 -17.50 -2.52 -4.18
N PCA B 1 9.01 -7.49 -3.53
CA PCA B 1 9.94 -8.50 -4.03
CB PCA B 1 11.23 -8.37 -3.25
CG PCA B 1 10.99 -7.25 -2.29
CD PCA B 1 9.48 -7.05 -2.24
OE PCA B 1 8.84 -7.28 -1.20
C PCA B 1 9.34 -9.89 -3.87
O PCA B 1 9.06 -10.31 -2.75
H1 PCA B 1 8.06 -7.93 -3.54
H2 PCA B 1 8.99 -6.78 -4.30
HA PCA B 1 10.13 -8.32 -5.08
HB2 PCA B 1 11.43 -9.30 -2.74
HB3 PCA B 1 12.05 -8.12 -3.90
HG2 PCA B 1 11.36 -7.52 -1.31
HG3 PCA B 1 11.45 -6.35 -2.66
N ARG B 2 9.10 -10.57 -4.99
CA ARG B 2 8.50 -11.92 -5.08
C ARG B 2 7.01 -11.95 -4.69
N THR B 3 6.62 -10.93 -4.00
CA THR B 3 5.26 -10.58 -3.71
C THR B 3 4.53 -10.46 -5.05
N ARG B 4 3.33 -10.99 -5.19
CA ARG B 4 2.68 -11.02 -6.49
C ARG B 4 1.16 -10.96 -6.32
N GLN B 5 0.44 -11.30 -7.36
CA GLN B 5 -0.99 -11.15 -7.35
C GLN B 5 -1.65 -12.14 -6.41
N ARG B 6 -2.71 -11.66 -5.79
CA ARG B 6 -3.56 -12.38 -4.87
C ARG B 6 -2.87 -12.79 -3.60
N ASN B 7 -2.05 -11.88 -3.11
CA ASN B 7 -1.42 -12.04 -1.83
C ASN B 7 -1.34 -10.68 -1.17
N GLU B 8 -1.40 -10.67 0.14
CA GLU B 8 -1.18 -9.46 0.88
C GLU B 8 0.27 -9.48 1.32
N THR B 9 0.86 -8.34 1.51
CA THR B 9 2.20 -8.29 2.02
C THR B 9 2.40 -7.05 2.87
N GLN B 10 2.92 -7.23 4.08
CA GLN B 10 3.30 -6.13 4.94
C GLN B 10 4.48 -5.39 4.31
N VAL B 11 4.36 -4.10 4.20
CA VAL B 11 5.37 -3.26 3.61
C VAL B 11 6.42 -2.79 4.62
N MET A 1 -5.50 12.44 0.79
CA MET A 1 -5.15 12.34 2.20
C MET A 1 -3.77 11.79 2.24
N GLU A 2 -2.87 12.53 2.76
CA GLU A 2 -1.51 12.15 2.74
C GLU A 2 -0.82 12.03 4.06
N ILE A 3 -0.23 10.90 4.17
CA ILE A 3 0.45 10.42 5.31
C ILE A 3 1.93 10.49 5.06
N LYS A 4 2.57 11.42 5.69
CA LYS A 4 3.98 11.40 5.66
C LYS A 4 4.34 10.34 6.65
N LEU A 5 4.90 9.31 6.15
CA LEU A 5 5.16 8.15 6.91
C LEU A 5 6.62 8.02 7.15
N ILE A 6 6.97 7.48 8.24
CA ILE A 6 8.34 7.20 8.53
C ILE A 6 8.56 5.69 8.40
N LYS A 7 9.65 5.29 7.74
CA LYS A 7 9.96 3.86 7.57
C LYS A 7 10.48 3.30 8.90
N GLY A 8 10.77 2.04 8.94
CA GLY A 8 11.21 1.44 10.17
C GLY A 8 12.02 0.20 9.90
N PRO A 9 12.39 -0.57 10.94
CA PRO A 9 13.18 -1.81 10.78
C PRO A 9 12.38 -2.94 10.14
N LYS A 10 11.08 -2.89 10.31
CA LYS A 10 10.17 -3.89 9.74
C LYS A 10 9.76 -3.43 8.32
N GLY A 11 10.13 -2.23 8.04
CA GLY A 11 9.85 -1.57 6.78
C GLY A 11 8.63 -0.73 6.93
N LEU A 12 7.74 -0.79 5.99
CA LEU A 12 6.51 -0.06 6.10
C LEU A 12 5.58 -0.93 6.92
N GLY A 13 5.56 -2.19 6.57
CA GLY A 13 4.89 -3.16 7.36
C GLY A 13 3.42 -3.25 7.10
N PHE A 14 3.05 -3.43 5.88
CA PHE A 14 1.67 -3.70 5.54
C PHE A 14 1.59 -4.47 4.25
N SER A 15 0.46 -5.03 3.97
CA SER A 15 0.29 -5.84 2.80
C SER A 15 -0.67 -5.15 1.85
N ILE A 16 -0.27 -5.02 0.62
CA ILE A 16 -1.09 -4.39 -0.38
C ILE A 16 -1.41 -5.37 -1.48
N ALA A 17 -2.52 -5.15 -2.14
CA ALA A 17 -2.93 -5.90 -3.28
C ALA A 17 -3.57 -4.92 -4.22
N GLY A 18 -3.26 -5.03 -5.47
CA GLY A 18 -3.80 -4.12 -6.44
C GLY A 18 -2.78 -3.86 -7.48
N GLY A 19 -3.20 -3.46 -8.62
CA GLY A 19 -2.31 -3.27 -9.72
C GLY A 19 -2.95 -3.81 -10.95
N VAL A 20 -2.32 -3.65 -12.10
CA VAL A 20 -2.84 -4.16 -13.37
C VAL A 20 -3.23 -5.65 -13.21
N GLY A 21 -4.52 -5.94 -13.24
CA GLY A 21 -4.99 -7.32 -13.13
C GLY A 21 -5.07 -7.81 -11.68
N ASN A 22 -4.39 -7.12 -10.79
CA ASN A 22 -4.33 -7.48 -9.37
C ASN A 22 -5.29 -6.56 -8.61
N GLN A 23 -5.98 -5.73 -9.37
CA GLN A 23 -6.93 -4.76 -8.89
C GLN A 23 -7.92 -5.39 -7.91
N HIS A 24 -8.02 -4.80 -6.74
CA HIS A 24 -8.84 -5.32 -5.66
C HIS A 24 -10.32 -5.01 -5.93
N ILE A 25 -10.57 -3.84 -6.49
CA ILE A 25 -11.92 -3.44 -6.85
C ILE A 25 -12.10 -3.54 -8.36
N PRO A 26 -13.14 -4.27 -8.85
CA PRO A 26 -13.41 -4.41 -10.28
C PRO A 26 -13.65 -3.07 -10.97
N GLY A 27 -12.69 -2.64 -11.74
CA GLY A 27 -12.80 -1.40 -12.45
C GLY A 27 -11.95 -0.31 -11.83
N ASP A 28 -11.28 -0.63 -10.74
CA ASP A 28 -10.46 0.34 -10.03
C ASP A 28 -9.10 -0.29 -9.79
N ASN A 29 -8.12 0.12 -10.58
CA ASN A 29 -6.75 -0.36 -10.46
C ASN A 29 -6.08 0.32 -9.27
N SER A 30 -6.61 0.01 -8.15
CA SER A 30 -6.23 0.56 -6.91
C SER A 30 -5.26 -0.32 -6.17
N ILE A 31 -4.23 0.27 -5.64
CA ILE A 31 -3.37 -0.40 -4.72
C ILE A 31 -4.10 -0.32 -3.40
N TYR A 32 -4.44 -1.43 -2.82
CA TYR A 32 -5.31 -1.42 -1.70
C TYR A 32 -4.65 -2.13 -0.52
N VAL A 33 -4.79 -1.56 0.66
CA VAL A 33 -4.20 -2.12 1.87
C VAL A 33 -5.06 -3.27 2.36
N THR A 34 -4.53 -4.47 2.27
CA THR A 34 -5.25 -5.66 2.63
C THR A 34 -4.91 -6.09 4.06
N LYS A 35 -3.71 -5.77 4.52
CA LYS A 35 -3.27 -6.12 5.87
C LYS A 35 -2.27 -5.11 6.34
N ILE A 36 -2.03 -5.09 7.62
CA ILE A 36 -1.02 -4.26 8.22
C ILE A 36 -0.22 -5.17 9.16
N ILE A 37 1.08 -5.17 9.00
CA ILE A 37 1.97 -6.08 9.69
C ILE A 37 2.37 -5.55 11.07
N GLU A 38 2.46 -6.45 12.04
CA GLU A 38 2.83 -6.13 13.38
C GLU A 38 4.17 -5.40 13.46
N GLY A 39 4.20 -4.34 14.24
CA GLY A 39 5.43 -3.59 14.41
C GLY A 39 5.83 -2.83 13.17
N GLY A 40 4.94 -2.81 12.18
CA GLY A 40 5.18 -2.07 11.00
C GLY A 40 5.15 -0.61 11.30
N ALA A 41 5.92 0.14 10.57
CA ALA A 41 5.98 1.56 10.76
C ALA A 41 4.63 2.17 10.47
N ALA A 42 3.93 1.61 9.52
CA ALA A 42 2.60 2.08 9.22
C ALA A 42 1.58 1.62 10.27
N HIS A 43 1.97 0.64 11.05
CA HIS A 43 1.15 0.12 12.13
C HIS A 43 1.31 1.00 13.37
N LYS A 44 2.46 1.63 13.48
CA LYS A 44 2.67 2.59 14.53
C LYS A 44 2.45 4.05 14.14
N ASP A 45 3.19 4.49 13.16
CA ASP A 45 3.11 5.87 12.68
C ASP A 45 2.05 6.04 11.69
N GLY A 46 1.99 5.05 10.83
CA GLY A 46 1.23 5.09 9.57
C GLY A 46 -0.14 5.70 9.57
N LYS A 47 -0.82 5.70 10.71
CA LYS A 47 -2.20 6.26 10.86
C LYS A 47 -3.11 5.82 9.68
N LEU A 48 -2.87 4.59 9.24
CA LEU A 48 -3.46 4.01 8.06
C LEU A 48 -4.34 2.85 8.47
N GLN A 49 -5.35 2.54 7.69
CA GLN A 49 -6.23 1.44 8.02
C GLN A 49 -6.28 0.42 6.88
N ILE A 50 -6.62 -0.81 7.23
CA ILE A 50 -6.87 -1.82 6.23
C ILE A 50 -8.12 -1.41 5.45
N GLY A 51 -8.01 -1.34 4.15
CA GLY A 51 -9.12 -0.89 3.37
C GLY A 51 -8.83 0.40 2.66
N ASP A 52 -7.71 0.99 2.97
CA ASP A 52 -7.27 2.21 2.30
C ASP A 52 -6.74 1.94 0.90
N LYS A 53 -7.03 2.86 -0.01
CA LYS A 53 -6.53 2.80 -1.38
C LYS A 53 -5.37 3.77 -1.52
N LEU A 54 -4.29 3.34 -2.08
CA LEU A 54 -3.15 4.17 -2.24
C LEU A 54 -3.12 4.79 -3.62
N LEU A 55 -3.12 6.09 -3.62
CA LEU A 55 -3.06 6.90 -4.81
C LEU A 55 -1.63 7.06 -5.24
N ALA A 56 -0.75 7.23 -4.26
CA ALA A 56 0.64 7.48 -4.58
C ALA A 56 1.55 7.21 -3.40
N VAL A 57 2.79 6.97 -3.70
CA VAL A 57 3.82 6.84 -2.67
C VAL A 57 5.03 7.66 -3.11
N ASN A 58 5.41 8.62 -2.27
CA ASN A 58 6.51 9.61 -2.54
C ASN A 58 6.11 10.45 -3.68
N ASN A 59 4.82 10.53 -3.74
CA ASN A 59 4.02 11.23 -4.69
C ASN A 59 4.14 10.63 -6.11
N VAL A 60 4.67 9.42 -6.18
CA VAL A 60 4.70 8.68 -7.43
C VAL A 60 3.35 8.02 -7.57
N CYS A 61 2.69 8.25 -8.67
CA CYS A 61 1.34 7.77 -8.92
C CYS A 61 1.26 6.25 -8.95
N LEU A 62 0.37 5.72 -8.14
CA LEU A 62 0.10 4.29 -8.06
C LEU A 62 -1.20 3.94 -8.77
N GLU A 63 -1.83 4.96 -9.34
CA GLU A 63 -3.03 4.75 -10.14
C GLU A 63 -2.63 4.18 -11.47
N GLU A 64 -3.06 2.95 -11.72
CA GLU A 64 -2.78 2.20 -12.94
C GLU A 64 -1.29 1.95 -13.12
N VAL A 65 -0.86 0.92 -12.47
CA VAL A 65 0.53 0.43 -12.44
C VAL A 65 0.49 -1.06 -12.17
N THR A 66 1.58 -1.74 -12.36
CA THR A 66 1.61 -3.16 -12.14
C THR A 66 1.84 -3.39 -10.62
N HIS A 67 1.22 -4.43 -10.06
CA HIS A 67 1.28 -4.66 -8.58
C HIS A 67 2.70 -4.64 -8.05
N GLU A 68 3.52 -5.43 -8.66
CA GLU A 68 4.89 -5.61 -8.25
C GLU A 68 5.70 -4.32 -8.44
N GLU A 69 5.27 -3.53 -9.38
CA GLU A 69 5.91 -2.28 -9.71
C GLU A 69 5.55 -1.27 -8.62
N ALA A 70 4.35 -1.41 -8.10
CA ALA A 70 3.86 -0.58 -7.05
C ALA A 70 4.53 -0.96 -5.75
N VAL A 71 4.63 -2.28 -5.46
CA VAL A 71 5.31 -2.75 -4.24
C VAL A 71 6.72 -2.22 -4.22
N THR A 72 7.37 -2.28 -5.36
CA THR A 72 8.71 -1.76 -5.50
C THR A 72 8.75 -0.23 -5.21
N ALA A 73 7.70 0.50 -5.61
CA ALA A 73 7.63 1.92 -5.35
C ALA A 73 7.52 2.19 -3.84
N LEU A 74 6.80 1.33 -3.14
CA LEU A 74 6.69 1.47 -1.68
C LEU A 74 7.94 0.97 -1.00
N LYS A 75 8.58 -0.02 -1.58
CA LYS A 75 9.79 -0.55 -1.00
C LYS A 75 10.96 0.41 -1.14
N ASN A 76 10.88 1.25 -2.14
CA ASN A 76 11.86 2.30 -2.32
C ASN A 76 11.52 3.50 -1.45
N THR A 77 11.59 3.27 -0.18
CA THR A 77 11.36 4.26 0.83
C THR A 77 12.47 4.17 1.83
N SER A 78 12.86 5.28 2.38
CA SER A 78 13.89 5.24 3.40
C SER A 78 13.66 6.29 4.44
N ASP A 79 12.96 5.84 5.42
CA ASP A 79 12.70 6.48 6.69
C ASP A 79 11.90 7.75 6.63
N PHE A 80 11.45 8.08 5.46
CA PHE A 80 10.50 9.12 5.27
C PHE A 80 9.79 8.84 3.95
N VAL A 81 8.48 8.88 4.00
CA VAL A 81 7.62 8.51 2.91
C VAL A 81 6.47 9.52 2.80
N TYR A 82 5.98 9.74 1.61
CA TYR A 82 4.77 10.52 1.41
C TYR A 82 3.70 9.59 0.82
N LEU A 83 2.87 9.06 1.64
CA LEU A 83 1.85 8.14 1.19
C LEU A 83 0.54 8.88 0.94
N LYS A 84 0.08 8.83 -0.27
CA LYS A 84 -1.15 9.49 -0.65
C LYS A 84 -2.22 8.44 -0.74
N VAL A 85 -3.16 8.50 0.20
CA VAL A 85 -4.28 7.56 0.29
C VAL A 85 -5.63 8.25 -0.04
N ALA A 86 -6.48 7.47 -0.67
CA ALA A 86 -7.83 7.82 -1.04
C ALA A 86 -8.74 6.64 -0.75
N LYS A 87 -10.00 6.90 -0.64
CA LYS A 87 -11.01 5.85 -0.50
C LYS A 87 -11.26 5.22 -1.86
N PRO A 88 -11.74 3.95 -1.88
CA PRO A 88 -12.04 3.22 -3.11
C PRO A 88 -12.87 4.07 -4.08
N THR A 89 -12.32 4.27 -5.24
CA THR A 89 -12.86 5.16 -6.23
C THR A 89 -13.94 4.51 -7.06
N GLY A 90 -13.75 3.27 -7.36
CA GLY A 90 -14.69 2.58 -8.18
C GLY A 90 -15.60 1.67 -7.38
N SER A 91 -16.00 2.12 -6.22
CA SER A 91 -16.84 1.38 -5.34
C SER A 91 -17.38 2.35 -4.29
N HIS A 92 -18.01 1.83 -3.27
CA HIS A 92 -18.49 2.65 -2.19
C HIS A 92 -17.27 3.04 -1.36
N HIS A 93 -17.24 4.27 -0.91
CA HIS A 93 -16.11 4.79 -0.20
C HIS A 93 -16.08 4.36 1.26
N HIS A 94 -14.96 3.81 1.65
CA HIS A 94 -14.69 3.36 2.99
C HIS A 94 -13.28 3.80 3.33
N PCA B 1 11.66 -15.20 -0.63
CA PCA B 1 10.36 -14.80 -1.11
CB PCA B 1 9.53 -14.31 0.06
CG PCA B 1 10.49 -14.32 1.21
CD PCA B 1 11.61 -15.29 0.83
OE PCA B 1 11.74 -16.34 1.41
C PCA B 1 10.57 -13.72 -2.12
O PCA B 1 11.72 -13.37 -2.39
H1 PCA B 1 12.27 -14.46 -1.01
H2 PCA B 1 11.90 -16.04 -1.19
HA PCA B 1 9.87 -15.62 -1.62
HB2 PCA B 1 9.16 -13.32 -0.15
HB3 PCA B 1 8.72 -14.99 0.26
HG2 PCA B 1 10.88 -13.33 1.36
HG3 PCA B 1 10.00 -14.69 2.10
N ARG B 2 9.50 -13.20 -2.65
CA ARG B 2 9.57 -12.21 -3.70
C ARG B 2 8.22 -11.56 -3.74
N THR B 3 8.15 -10.38 -4.30
CA THR B 3 6.89 -9.70 -4.49
C THR B 3 6.12 -10.47 -5.57
N ARG B 4 4.80 -10.44 -5.57
CA ARG B 4 4.02 -11.20 -6.54
C ARG B 4 2.71 -10.58 -6.81
N GLN B 5 2.38 -10.57 -8.06
CA GLN B 5 1.16 -10.02 -8.57
C GLN B 5 0.06 -11.09 -8.49
N ARG B 6 -1.18 -10.65 -8.58
CA ARG B 6 -2.40 -11.47 -8.42
C ARG B 6 -2.58 -11.96 -6.99
N ASN B 7 -1.89 -11.31 -6.08
CA ASN B 7 -1.96 -11.62 -4.67
C ASN B 7 -1.55 -10.40 -3.90
N GLU B 8 -1.56 -10.50 -2.61
CA GLU B 8 -1.14 -9.44 -1.76
C GLU B 8 0.34 -9.59 -1.45
N THR B 9 1.03 -8.49 -1.33
CA THR B 9 2.44 -8.50 -1.06
C THR B 9 2.74 -7.46 0.04
N GLN B 10 3.67 -7.79 0.92
CA GLN B 10 4.10 -6.91 2.00
C GLN B 10 5.05 -5.84 1.48
N VAL B 11 4.96 -4.67 2.06
CA VAL B 11 5.84 -3.56 1.77
C VAL B 11 6.79 -3.30 2.93
N MET A 1 -5.56 11.67 0.36
CA MET A 1 -5.22 11.42 1.75
C MET A 1 -3.79 10.99 1.77
N GLU A 2 -2.96 11.87 2.18
CA GLU A 2 -1.56 11.63 2.20
C GLU A 2 -0.98 11.64 3.58
N ILE A 3 -0.18 10.65 3.80
CA ILE A 3 0.32 10.27 5.08
C ILE A 3 1.84 10.12 5.03
N LYS A 4 2.51 10.94 5.76
CA LYS A 4 3.94 10.80 5.93
C LYS A 4 4.23 9.66 6.88
N LEU A 5 5.17 8.83 6.53
CA LEU A 5 5.54 7.68 7.34
C LEU A 5 7.04 7.63 7.50
N ILE A 6 7.49 7.06 8.59
CA ILE A 6 8.90 6.78 8.80
C ILE A 6 9.11 5.27 8.61
N LYS A 7 9.80 4.87 7.55
CA LYS A 7 10.08 3.46 7.37
C LYS A 7 11.20 3.03 8.28
N GLY A 8 11.00 1.96 9.00
CA GLY A 8 12.01 1.54 9.94
C GLY A 8 12.27 0.06 9.84
N PRO A 9 12.93 -0.53 10.86
CA PRO A 9 13.28 -1.97 10.88
C PRO A 9 12.08 -2.92 10.89
N LYS A 10 10.91 -2.36 11.12
CA LYS A 10 9.69 -3.16 11.16
C LYS A 10 8.90 -2.92 9.84
N GLY A 11 9.55 -2.19 8.95
CA GLY A 11 9.01 -1.90 7.63
C GLY A 11 8.10 -0.72 7.71
N LEU A 12 7.12 -0.68 6.81
CA LEU A 12 6.03 0.27 7.01
C LEU A 12 4.99 -0.41 7.88
N GLY A 13 5.13 -1.74 7.94
CA GLY A 13 4.34 -2.57 8.79
C GLY A 13 2.97 -2.87 8.28
N PHE A 14 2.84 -3.10 7.00
CA PHE A 14 1.56 -3.49 6.47
C PHE A 14 1.75 -4.34 5.23
N SER A 15 0.70 -5.00 4.81
CA SER A 15 0.75 -5.86 3.67
C SER A 15 -0.25 -5.40 2.62
N ILE A 16 0.15 -5.36 1.38
CA ILE A 16 -0.71 -4.92 0.28
C ILE A 16 -0.91 -6.01 -0.76
N ALA A 17 -2.03 -5.95 -1.44
CA ALA A 17 -2.45 -6.82 -2.55
C ALA A 17 -3.30 -5.95 -3.43
N GLY A 18 -2.84 -5.71 -4.61
CA GLY A 18 -3.56 -4.89 -5.53
C GLY A 18 -2.65 -4.44 -6.61
N GLY A 19 -3.19 -4.10 -7.74
CA GLY A 19 -2.40 -3.66 -8.86
C GLY A 19 -2.88 -4.35 -10.08
N VAL A 20 -2.20 -4.15 -11.20
CA VAL A 20 -2.57 -4.78 -12.47
C VAL A 20 -2.75 -6.30 -12.32
N GLY A 21 -3.99 -6.73 -12.39
CA GLY A 21 -4.32 -8.14 -12.31
C GLY A 21 -4.58 -8.62 -10.91
N ASN A 22 -4.08 -7.89 -9.95
CA ASN A 22 -4.27 -8.22 -8.54
C ASN A 22 -5.27 -7.23 -7.93
N GLN A 23 -6.14 -6.68 -8.77
CA GLN A 23 -7.13 -5.71 -8.34
C GLN A 23 -7.98 -6.28 -7.19
N HIS A 24 -7.93 -5.59 -6.07
CA HIS A 24 -8.59 -6.03 -4.85
C HIS A 24 -10.08 -5.70 -4.93
N ILE A 25 -10.37 -4.54 -5.43
CA ILE A 25 -11.75 -4.10 -5.57
C ILE A 25 -12.15 -4.21 -7.03
N PRO A 26 -13.24 -4.98 -7.32
CA PRO A 26 -13.74 -5.16 -8.70
C PRO A 26 -14.04 -3.83 -9.38
N GLY A 27 -13.17 -3.47 -10.29
CA GLY A 27 -13.34 -2.24 -11.01
C GLY A 27 -12.29 -1.21 -10.64
N ASP A 28 -11.46 -1.55 -9.67
CA ASP A 28 -10.42 -0.63 -9.22
C ASP A 28 -9.09 -1.36 -9.19
N ASN A 29 -8.32 -1.15 -10.23
CA ASN A 29 -7.07 -1.88 -10.51
C ASN A 29 -5.88 -1.30 -9.72
N SER A 30 -6.16 -0.84 -8.52
CA SER A 30 -5.16 -0.21 -7.69
C SER A 30 -4.66 -1.09 -6.56
N ILE A 31 -3.72 -0.57 -5.79
CA ILE A 31 -3.04 -1.30 -4.74
C ILE A 31 -3.83 -1.17 -3.43
N TYR A 32 -4.12 -2.27 -2.76
CA TYR A 32 -4.92 -2.22 -1.54
C TYR A 32 -4.24 -2.84 -0.35
N VAL A 33 -4.35 -2.16 0.76
CA VAL A 33 -3.81 -2.60 2.03
C VAL A 33 -4.67 -3.75 2.53
N THR A 34 -4.07 -4.91 2.67
CA THR A 34 -4.80 -6.10 3.04
C THR A 34 -4.50 -6.50 4.51
N LYS A 35 -3.41 -5.98 5.07
CA LYS A 35 -3.04 -6.22 6.49
C LYS A 35 -2.30 -5.03 7.00
N ILE A 36 -2.34 -4.83 8.30
CA ILE A 36 -1.54 -3.83 8.95
C ILE A 36 -1.02 -4.44 10.24
N ILE A 37 0.27 -4.48 10.37
CA ILE A 37 0.92 -5.03 11.54
C ILE A 37 1.01 -3.93 12.57
N GLU A 38 0.64 -4.21 13.84
CA GLU A 38 0.75 -3.20 14.83
C GLU A 38 2.21 -2.85 14.96
N GLY A 39 2.49 -1.63 15.21
CA GLY A 39 3.86 -1.25 15.37
C GLY A 39 4.45 -0.81 14.09
N GLY A 40 3.73 -1.10 13.02
CA GLY A 40 4.11 -0.61 11.77
C GLY A 40 3.93 0.87 11.76
N ALA A 41 4.76 1.54 11.02
CA ALA A 41 4.69 2.97 10.92
C ALA A 41 3.33 3.39 10.46
N ALA A 42 2.77 2.66 9.51
CA ALA A 42 1.48 3.03 8.98
C ALA A 42 0.34 2.73 9.96
N HIS A 43 0.63 1.99 10.99
CA HIS A 43 -0.35 1.68 12.00
C HIS A 43 -0.33 2.77 13.06
N LYS A 44 0.86 3.17 13.47
CA LYS A 44 0.97 4.17 14.51
C LYS A 44 0.91 5.59 13.93
N ASP A 45 1.83 5.84 13.05
CA ASP A 45 2.06 7.14 12.41
C ASP A 45 1.09 7.32 11.29
N GLY A 46 0.79 6.23 10.67
CA GLY A 46 0.05 6.26 9.44
C GLY A 46 -1.43 6.32 9.53
N LYS A 47 -1.99 6.00 10.70
CA LYS A 47 -3.48 5.97 10.94
C LYS A 47 -4.26 5.31 9.75
N LEU A 48 -3.63 4.31 9.14
CA LEU A 48 -4.08 3.69 7.89
C LEU A 48 -5.14 2.60 8.16
N GLN A 49 -5.95 2.28 7.16
CA GLN A 49 -7.00 1.30 7.26
C GLN A 49 -6.78 0.13 6.30
N ILE A 50 -7.08 -1.07 6.73
CA ILE A 50 -7.11 -2.20 5.82
C ILE A 50 -8.26 -1.97 4.83
N GLY A 51 -7.95 -1.93 3.57
CA GLY A 51 -8.93 -1.59 2.56
C GLY A 51 -8.59 -0.28 1.89
N ASP A 52 -7.51 0.33 2.34
CA ASP A 52 -7.00 1.56 1.74
C ASP A 52 -6.35 1.32 0.41
N LYS A 53 -6.62 2.21 -0.53
CA LYS A 53 -6.11 2.15 -1.87
C LYS A 53 -4.94 3.09 -2.03
N LEU A 54 -3.80 2.55 -2.29
CA LEU A 54 -2.63 3.35 -2.47
C LEU A 54 -2.59 3.89 -3.87
N LEU A 55 -2.74 5.17 -3.94
CA LEU A 55 -2.80 5.89 -5.19
C LEU A 55 -1.38 6.13 -5.64
N ALA A 56 -0.51 6.39 -4.67
CA ALA A 56 0.87 6.63 -4.92
C ALA A 56 1.64 6.46 -3.63
N VAL A 57 2.91 6.20 -3.73
CA VAL A 57 3.72 6.15 -2.57
C VAL A 57 5.10 6.73 -2.88
N ASN A 58 5.43 7.76 -2.13
CA ASN A 58 6.70 8.48 -2.17
C ASN A 58 7.14 8.78 -3.59
N ASN A 59 6.53 9.79 -4.15
CA ASN A 59 6.70 10.21 -5.55
C ASN A 59 6.18 9.19 -6.61
N VAL A 60 6.20 7.89 -6.31
CA VAL A 60 5.83 6.89 -7.31
C VAL A 60 4.32 6.70 -7.36
N CYS A 61 3.75 6.87 -8.54
CA CYS A 61 2.34 6.65 -8.76
C CYS A 61 2.04 5.15 -8.79
N LEU A 62 1.03 4.73 -8.07
CA LEU A 62 0.66 3.32 -7.96
C LEU A 62 -0.62 2.97 -8.70
N GLU A 63 -1.28 3.97 -9.26
CA GLU A 63 -2.48 3.75 -10.06
C GLU A 63 -2.18 2.93 -11.30
N GLU A 64 -2.75 1.73 -11.32
CA GLU A 64 -2.68 0.80 -12.44
C GLU A 64 -1.22 0.41 -12.82
N VAL A 65 -0.42 0.21 -11.80
CA VAL A 65 0.91 -0.34 -11.99
C VAL A 65 0.85 -1.79 -11.55
N THR A 66 1.83 -2.59 -11.87
CA THR A 66 1.76 -3.93 -11.41
C THR A 66 2.23 -3.95 -9.97
N HIS A 67 1.68 -4.86 -9.21
CA HIS A 67 1.90 -4.90 -7.78
C HIS A 67 3.40 -4.92 -7.36
N GLU A 68 4.27 -5.45 -8.21
CA GLU A 68 5.70 -5.51 -7.92
C GLU A 68 6.28 -4.13 -7.85
N GLU A 69 5.86 -3.28 -8.78
CA GLU A 69 6.39 -1.95 -8.86
C GLU A 69 5.93 -1.16 -7.67
N ALA A 70 4.74 -1.50 -7.24
CA ALA A 70 4.17 -0.91 -6.07
C ALA A 70 4.99 -1.30 -4.86
N VAL A 71 5.12 -2.61 -4.62
CA VAL A 71 5.88 -3.13 -3.47
C VAL A 71 7.29 -2.56 -3.47
N THR A 72 7.90 -2.52 -4.64
CA THR A 72 9.25 -2.00 -4.83
C THR A 72 9.36 -0.52 -4.39
N ALA A 73 8.32 0.26 -4.65
CA ALA A 73 8.31 1.66 -4.25
C ALA A 73 8.24 1.77 -2.74
N LEU A 74 7.42 0.92 -2.12
CA LEU A 74 7.32 0.92 -0.67
C LEU A 74 8.55 0.26 -0.04
N LYS A 75 9.26 -0.52 -0.80
CA LYS A 75 10.43 -1.15 -0.28
C LYS A 75 11.62 -0.24 -0.27
N ASN A 76 11.80 0.52 -1.32
CA ASN A 76 12.94 1.41 -1.45
C ASN A 76 12.68 2.74 -0.78
N THR A 77 12.57 2.67 0.51
CA THR A 77 12.38 3.80 1.36
C THR A 77 13.11 3.58 2.67
N SER A 78 13.57 4.63 3.27
CA SER A 78 14.25 4.55 4.54
C SER A 78 13.92 5.78 5.35
N ASP A 79 13.32 5.53 6.50
CA ASP A 79 12.94 6.50 7.55
C ASP A 79 12.04 7.66 7.11
N PHE A 80 11.64 7.71 5.86
CA PHE A 80 10.74 8.75 5.43
C PHE A 80 10.04 8.31 4.16
N VAL A 81 8.73 8.35 4.19
CA VAL A 81 7.87 7.96 3.08
C VAL A 81 6.68 8.93 3.04
N TYR A 82 6.21 9.23 1.85
CA TYR A 82 4.99 10.00 1.67
C TYR A 82 3.94 9.12 1.00
N LEU A 83 3.08 8.55 1.77
CA LEU A 83 2.07 7.65 1.26
C LEU A 83 0.85 8.43 0.80
N LYS A 84 0.34 8.11 -0.35
CA LYS A 84 -0.81 8.79 -0.88
C LYS A 84 -1.90 7.76 -1.13
N VAL A 85 -2.91 7.81 -0.31
CA VAL A 85 -3.99 6.85 -0.36
C VAL A 85 -5.33 7.54 -0.70
N ALA A 86 -6.20 6.76 -1.31
CA ALA A 86 -7.53 7.15 -1.67
C ALA A 86 -8.46 5.99 -1.32
N LYS A 87 -9.72 6.27 -1.16
CA LYS A 87 -10.71 5.22 -0.96
C LYS A 87 -11.05 4.61 -2.35
N PRO A 88 -11.61 3.36 -2.38
CA PRO A 88 -11.84 2.59 -3.64
C PRO A 88 -12.61 3.37 -4.71
N THR A 89 -11.91 3.81 -5.72
CA THR A 89 -12.44 4.70 -6.72
C THR A 89 -13.39 4.01 -7.66
N GLY A 90 -13.10 2.79 -7.96
CA GLY A 90 -13.94 2.01 -8.82
C GLY A 90 -15.16 1.42 -8.11
N SER A 91 -15.66 2.13 -7.13
CA SER A 91 -16.79 1.73 -6.35
C SER A 91 -17.24 2.93 -5.51
N HIS A 92 -18.18 2.72 -4.61
CA HIS A 92 -18.63 3.78 -3.74
C HIS A 92 -17.61 3.99 -2.64
N HIS A 93 -16.89 5.05 -2.75
CA HIS A 93 -15.84 5.39 -1.83
C HIS A 93 -16.24 6.54 -0.94
N HIS A 94 -15.84 6.46 0.30
CA HIS A 94 -16.06 7.46 1.28
C HIS A 94 -15.03 7.16 2.34
N PCA B 1 9.68 -16.21 -5.89
CA PCA B 1 8.63 -15.73 -6.76
CB PCA B 1 7.29 -16.13 -6.15
CG PCA B 1 7.66 -16.68 -4.81
CD PCA B 1 9.11 -17.11 -4.91
OE PCA B 1 9.41 -18.29 -4.89
C PCA B 1 8.75 -14.24 -6.84
O PCA B 1 9.70 -13.69 -6.27
H1 PCA B 1 10.05 -15.31 -5.51
H2 PCA B 1 10.43 -16.53 -6.53
HA PCA B 1 8.73 -16.17 -7.74
HB2 PCA B 1 6.65 -15.25 -6.07
HB3 PCA B 1 6.81 -16.89 -6.73
HG2 PCA B 1 7.53 -15.92 -4.06
HG3 PCA B 1 7.04 -17.54 -4.57
N ARG B 2 7.84 -13.59 -7.54
CA ARG B 2 7.85 -12.15 -7.65
C ARG B 2 6.55 -11.65 -7.08
N THR B 3 6.62 -10.68 -6.20
CA THR B 3 5.46 -10.17 -5.52
C THR B 3 4.55 -9.39 -6.45
N ARG B 4 3.45 -10.00 -6.96
CA ARG B 4 2.52 -9.19 -7.74
C ARG B 4 1.09 -9.71 -7.75
N GLN B 5 0.95 -10.94 -8.03
CA GLN B 5 -0.36 -11.51 -8.21
C GLN B 5 -1.06 -12.23 -7.09
N ARG B 6 -2.23 -11.71 -6.69
CA ARG B 6 -3.09 -12.33 -5.65
C ARG B 6 -2.30 -12.69 -4.45
N ASN B 7 -1.46 -11.79 -4.06
CA ASN B 7 -0.60 -12.01 -2.99
C ASN B 7 -0.46 -10.74 -2.24
N GLU B 8 -0.50 -10.84 -0.97
CA GLU B 8 -0.28 -9.71 -0.16
C GLU B 8 1.16 -9.73 0.26
N THR B 9 1.76 -8.59 0.30
CA THR B 9 3.15 -8.52 0.61
C THR B 9 3.43 -7.42 1.63
N GLN B 10 4.27 -7.74 2.60
CA GLN B 10 4.70 -6.80 3.57
C GLN B 10 5.83 -5.96 2.96
N VAL B 11 5.63 -4.69 2.97
CA VAL B 11 6.48 -3.70 2.35
C VAL B 11 7.70 -3.26 3.20
N MET A 1 -6.58 12.12 -0.37
CA MET A 1 -6.38 11.82 1.03
C MET A 1 -4.93 11.51 1.20
N GLU A 2 -4.23 12.39 1.77
CA GLU A 2 -2.84 12.24 1.94
C GLU A 2 -2.40 12.15 3.35
N ILE A 3 -1.61 11.16 3.55
CA ILE A 3 -1.20 10.69 4.81
C ILE A 3 0.30 10.71 4.92
N LYS A 4 0.78 11.54 5.77
CA LYS A 4 2.16 11.53 6.08
C LYS A 4 2.40 10.33 6.97
N LEU A 5 3.34 9.54 6.58
CA LEU A 5 3.74 8.38 7.32
C LEU A 5 5.18 8.53 7.69
N ILE A 6 5.57 7.92 8.72
CA ILE A 6 6.95 7.84 9.07
C ILE A 6 7.38 6.40 8.78
N LYS A 7 8.63 6.19 8.44
CA LYS A 7 9.14 4.83 8.29
C LYS A 7 9.35 4.28 9.71
N GLY A 8 9.77 3.07 9.84
CA GLY A 8 9.87 2.51 11.16
C GLY A 8 10.70 1.26 11.23
N PRO A 9 10.63 0.53 12.36
CA PRO A 9 11.41 -0.71 12.58
C PRO A 9 10.96 -1.85 11.68
N LYS A 10 9.66 -1.91 11.39
CA LYS A 10 9.13 -2.94 10.51
C LYS A 10 8.93 -2.36 9.12
N GLY A 11 9.61 -1.27 8.86
CA GLY A 11 9.45 -0.57 7.62
C GLY A 11 8.28 0.33 7.73
N LEU A 12 7.34 0.20 6.87
CA LEU A 12 6.13 0.96 7.00
C LEU A 12 5.15 0.12 7.76
N GLY A 13 5.34 -1.18 7.59
CA GLY A 13 4.63 -2.17 8.34
C GLY A 13 3.22 -2.40 7.88
N PHE A 14 3.01 -2.40 6.62
CA PHE A 14 1.72 -2.76 6.11
C PHE A 14 1.85 -3.53 4.84
N SER A 15 0.93 -4.39 4.61
CA SER A 15 0.96 -5.25 3.50
C SER A 15 -0.05 -4.79 2.45
N ILE A 16 0.42 -4.64 1.26
CA ILE A 16 -0.36 -4.15 0.17
C ILE A 16 -0.50 -5.22 -0.90
N ALA A 17 -1.64 -5.24 -1.50
CA ALA A 17 -1.93 -6.13 -2.59
C ALA A 17 -2.52 -5.28 -3.68
N GLY A 18 -1.83 -5.19 -4.75
CA GLY A 18 -2.31 -4.47 -5.86
C GLY A 18 -1.24 -4.26 -6.85
N GLY A 19 -1.62 -3.86 -8.00
CA GLY A 19 -0.71 -3.66 -9.06
C GLY A 19 -1.30 -4.29 -10.26
N VAL A 20 -0.66 -4.18 -11.40
CA VAL A 20 -1.15 -4.80 -12.63
C VAL A 20 -1.35 -6.29 -12.42
N GLY A 21 -2.57 -6.69 -12.19
CA GLY A 21 -2.90 -8.07 -12.00
C GLY A 21 -2.95 -8.51 -10.54
N ASN A 22 -2.49 -7.68 -9.59
CA ASN A 22 -2.61 -8.04 -8.15
C ASN A 22 -3.68 -7.19 -7.51
N GLN A 23 -4.43 -6.48 -8.34
CA GLN A 23 -5.45 -5.60 -7.88
C GLN A 23 -6.48 -6.25 -6.96
N HIS A 24 -6.59 -5.68 -5.78
CA HIS A 24 -7.50 -6.12 -4.75
C HIS A 24 -8.95 -5.89 -5.21
N ILE A 25 -9.15 -4.81 -5.93
CA ILE A 25 -10.45 -4.47 -6.44
C ILE A 25 -10.51 -4.79 -7.93
N PRO A 26 -11.43 -5.68 -8.35
CA PRO A 26 -11.61 -6.02 -9.76
C PRO A 26 -12.03 -4.80 -10.58
N GLY A 27 -11.13 -4.32 -11.41
CA GLY A 27 -11.43 -3.19 -12.25
C GLY A 27 -10.66 -1.96 -11.84
N ASP A 28 -10.10 -2.00 -10.65
CA ASP A 28 -9.33 -0.88 -10.14
C ASP A 28 -7.93 -1.37 -9.90
N ASN A 29 -7.06 -1.10 -10.87
CA ASN A 29 -5.72 -1.68 -10.95
C ASN A 29 -4.70 -0.95 -10.02
N SER A 30 -5.18 -0.51 -8.88
CA SER A 30 -4.37 0.20 -7.93
C SER A 30 -3.85 -0.70 -6.81
N ILE A 31 -3.09 -0.09 -5.93
CA ILE A 31 -2.46 -0.77 -4.83
C ILE A 31 -3.37 -0.64 -3.62
N TYR A 32 -3.66 -1.72 -2.95
CA TYR A 32 -4.56 -1.67 -1.82
C TYR A 32 -3.95 -2.22 -0.57
N VAL A 33 -4.13 -1.50 0.50
CA VAL A 33 -3.69 -1.92 1.80
C VAL A 33 -4.55 -3.10 2.21
N THR A 34 -3.98 -4.26 2.28
CA THR A 34 -4.75 -5.46 2.52
C THR A 34 -4.55 -6.00 3.95
N LYS A 35 -3.43 -5.66 4.54
CA LYS A 35 -3.13 -6.03 5.92
C LYS A 35 -2.26 -4.95 6.50
N ILE A 36 -2.34 -4.72 7.78
CA ILE A 36 -1.50 -3.73 8.43
C ILE A 36 -0.84 -4.38 9.65
N ILE A 37 0.47 -4.39 9.64
CA ILE A 37 1.26 -5.05 10.66
C ILE A 37 1.49 -4.10 11.83
N GLU A 38 1.21 -4.54 13.06
CA GLU A 38 1.42 -3.68 14.18
C GLU A 38 2.92 -3.42 14.27
N GLY A 39 3.27 -2.27 14.70
CA GLY A 39 4.65 -1.94 14.81
C GLY A 39 5.10 -1.23 13.61
N GLY A 40 4.28 -1.29 12.58
CA GLY A 40 4.49 -0.49 11.46
C GLY A 40 4.14 0.91 11.83
N ALA A 41 4.92 1.84 11.38
CA ALA A 41 4.65 3.22 11.69
C ALA A 41 3.34 3.63 11.03
N ALA A 42 2.99 2.93 9.95
CA ALA A 42 1.74 3.21 9.29
C ALA A 42 0.54 2.62 10.07
N HIS A 43 0.82 1.80 11.06
CA HIS A 43 -0.23 1.30 11.92
C HIS A 43 -0.32 2.20 13.14
N LYS A 44 0.83 2.70 13.59
CA LYS A 44 0.84 3.53 14.79
C LYS A 44 0.46 5.00 14.45
N ASP A 45 1.23 5.59 13.56
CA ASP A 45 1.03 7.00 13.11
C ASP A 45 0.07 7.00 12.00
N GLY A 46 0.18 5.96 11.24
CA GLY A 46 -0.40 5.82 9.92
C GLY A 46 -1.80 6.25 9.68
N LYS A 47 -2.66 6.20 10.69
CA LYS A 47 -4.13 6.51 10.58
C LYS A 47 -4.76 5.95 9.27
N LEU A 48 -4.24 4.79 8.86
CA LEU A 48 -4.54 4.16 7.58
C LEU A 48 -5.44 2.94 7.82
N GLN A 49 -6.23 2.57 6.83
CA GLN A 49 -7.13 1.46 6.97
C GLN A 49 -6.91 0.39 5.91
N ILE A 50 -7.22 -0.84 6.27
CA ILE A 50 -7.22 -1.91 5.31
C ILE A 50 -8.34 -1.65 4.28
N GLY A 51 -8.00 -1.64 3.01
CA GLY A 51 -8.99 -1.36 1.98
C GLY A 51 -8.69 -0.07 1.24
N ASP A 52 -7.69 0.64 1.71
CA ASP A 52 -7.27 1.90 1.09
C ASP A 52 -6.50 1.70 -0.22
N LYS A 53 -6.83 2.53 -1.21
CA LYS A 53 -6.25 2.52 -2.58
C LYS A 53 -5.13 3.55 -2.65
N LEU A 54 -3.93 3.10 -2.86
CA LEU A 54 -2.83 3.99 -2.93
C LEU A 54 -2.68 4.52 -4.31
N LEU A 55 -2.85 5.80 -4.40
CA LEU A 55 -2.81 6.53 -5.63
C LEU A 55 -1.33 6.84 -5.92
N ALA A 56 -0.60 7.13 -4.87
CA ALA A 56 0.80 7.43 -4.96
C ALA A 56 1.44 7.27 -3.61
N VAL A 57 2.71 7.04 -3.59
CA VAL A 57 3.43 6.99 -2.35
C VAL A 57 4.71 7.77 -2.49
N ASN A 58 4.80 8.80 -1.69
CA ASN A 58 5.96 9.66 -1.52
C ASN A 58 6.57 10.05 -2.88
N ASN A 59 5.88 10.96 -3.55
CA ASN A 59 6.21 11.44 -4.91
C ASN A 59 6.03 10.37 -6.04
N VAL A 60 6.09 9.08 -5.71
CA VAL A 60 5.97 8.04 -6.75
C VAL A 60 4.49 7.72 -7.01
N CYS A 61 4.07 7.77 -8.26
CA CYS A 61 2.71 7.45 -8.66
C CYS A 61 2.47 5.93 -8.62
N LEU A 62 1.36 5.51 -8.03
CA LEU A 62 1.04 4.07 -7.89
C LEU A 62 -0.19 3.64 -8.67
N GLU A 63 -0.87 4.58 -9.31
CA GLU A 63 -2.00 4.24 -10.17
C GLU A 63 -1.51 3.46 -11.38
N GLU A 64 -1.76 2.16 -11.36
CA GLU A 64 -1.40 1.23 -12.41
C GLU A 64 0.11 1.08 -12.63
N VAL A 65 0.69 0.23 -11.79
CA VAL A 65 2.10 -0.16 -11.84
C VAL A 65 2.14 -1.63 -11.46
N THR A 66 3.21 -2.33 -11.73
CA THR A 66 3.26 -3.73 -11.40
C THR A 66 3.58 -3.87 -9.89
N HIS A 67 3.07 -4.93 -9.27
CA HIS A 67 3.18 -5.16 -7.82
C HIS A 67 4.61 -4.93 -7.27
N GLU A 68 5.60 -5.50 -7.92
CA GLU A 68 7.00 -5.38 -7.50
C GLU A 68 7.44 -3.91 -7.51
N GLU A 69 6.99 -3.18 -8.52
CA GLU A 69 7.37 -1.79 -8.71
C GLU A 69 6.72 -0.98 -7.61
N ALA A 70 5.50 -1.34 -7.31
CA ALA A 70 4.71 -0.69 -6.30
C ALA A 70 5.36 -0.84 -4.96
N VAL A 71 5.56 -2.08 -4.53
CA VAL A 71 6.14 -2.37 -3.23
C VAL A 71 7.49 -1.67 -3.08
N THR A 72 8.28 -1.67 -4.15
CA THR A 72 9.58 -1.01 -4.16
C THR A 72 9.45 0.51 -3.91
N ALA A 73 8.40 1.12 -4.44
CA ALA A 73 8.17 2.54 -4.27
C ALA A 73 7.90 2.87 -2.81
N LEU A 74 7.20 1.99 -2.12
CA LEU A 74 6.93 2.21 -0.71
C LEU A 74 8.17 1.86 0.10
N LYS A 75 8.88 0.81 -0.31
CA LYS A 75 10.08 0.38 0.38
C LYS A 75 11.20 1.40 0.35
N ASN A 76 11.26 2.19 -0.70
CA ASN A 76 12.27 3.22 -0.83
C ASN A 76 11.86 4.49 -0.12
N THR A 77 11.74 4.38 1.16
CA THR A 77 11.41 5.48 2.01
C THR A 77 12.34 5.51 3.18
N SER A 78 12.54 6.67 3.76
CA SER A 78 13.41 6.76 4.90
C SER A 78 12.90 7.77 5.89
N ASP A 79 12.22 7.21 6.83
CA ASP A 79 11.69 7.82 8.06
C ASP A 79 10.74 8.98 7.90
N PHE A 80 10.38 9.29 6.69
CA PHE A 80 9.37 10.25 6.44
C PHE A 80 8.80 9.93 5.06
N VAL A 81 7.49 9.82 4.98
CA VAL A 81 6.80 9.40 3.78
C VAL A 81 5.53 10.25 3.59
N TYR A 82 5.22 10.58 2.37
CA TYR A 82 3.95 11.24 2.03
C TYR A 82 3.08 10.26 1.22
N LEU A 83 2.19 9.58 1.85
CA LEU A 83 1.34 8.61 1.15
C LEU A 83 0.09 9.28 0.63
N LYS A 84 -0.27 8.98 -0.59
CA LYS A 84 -1.42 9.57 -1.20
C LYS A 84 -2.42 8.47 -1.52
N VAL A 85 -3.48 8.44 -0.78
CA VAL A 85 -4.49 7.43 -0.91
C VAL A 85 -5.82 8.04 -1.41
N ALA A 86 -6.56 7.22 -2.08
CA ALA A 86 -7.88 7.47 -2.55
C ALA A 86 -8.65 6.23 -2.20
N LYS A 87 -9.92 6.29 -2.10
CA LYS A 87 -10.63 5.09 -1.80
C LYS A 87 -11.15 4.44 -3.06
N PRO A 88 -11.33 3.10 -3.02
CA PRO A 88 -11.74 2.27 -4.17
C PRO A 88 -12.74 2.91 -5.13
N THR A 89 -12.27 3.20 -6.32
CA THR A 89 -13.07 3.82 -7.34
C THR A 89 -13.69 2.82 -8.31
N GLY A 90 -13.33 1.57 -8.16
CA GLY A 90 -13.86 0.56 -9.02
C GLY A 90 -14.96 -0.24 -8.37
N SER A 91 -15.31 0.13 -7.17
CA SER A 91 -16.32 -0.53 -6.38
C SER A 91 -16.76 0.44 -5.29
N HIS A 92 -17.55 -0.03 -4.35
CA HIS A 92 -17.94 0.79 -3.23
C HIS A 92 -16.76 0.98 -2.30
N HIS A 93 -16.70 2.11 -1.68
CA HIS A 93 -15.58 2.45 -0.84
C HIS A 93 -15.95 2.70 0.60
N HIS A 94 -15.05 2.31 1.46
CA HIS A 94 -15.18 2.44 2.89
C HIS A 94 -13.84 2.97 3.38
N PCA B 1 11.91 -13.07 -7.80
CA PCA B 1 10.81 -12.47 -7.07
CB PCA B 1 9.74 -13.51 -6.84
CG PCA B 1 10.05 -14.55 -7.87
CD PCA B 1 11.54 -14.42 -8.22
OE PCA B 1 11.98 -14.91 -9.24
C PCA B 1 11.33 -11.93 -5.83
O PCA B 1 12.51 -12.14 -5.52
H1 PCA B 1 12.66 -13.01 -7.09
H2 PCA B 1 12.16 -12.34 -8.49
HA PCA B 1 10.40 -11.58 -7.52
HB2 PCA B 1 9.81 -13.89 -5.84
HB3 PCA B 1 8.76 -13.10 -7.03
HG2 PCA B 1 9.84 -15.53 -7.47
HG3 PCA B 1 9.46 -14.37 -8.76
N ARG B 2 10.49 -11.24 -5.14
CA ARG B 2 10.85 -10.46 -4.02
C ARG B 2 9.55 -10.10 -3.36
N THR B 3 8.68 -9.54 -4.15
CA THR B 3 7.30 -9.41 -3.81
C THR B 3 6.67 -10.62 -4.53
N ARG B 4 5.40 -10.85 -4.44
CA ARG B 4 4.86 -12.06 -5.02
C ARG B 4 3.47 -11.80 -5.39
N GLN B 5 3.27 -11.51 -6.61
CA GLN B 5 1.98 -11.12 -7.04
C GLN B 5 0.88 -12.19 -6.77
N ARG B 6 -0.32 -11.69 -6.46
CA ARG B 6 -1.39 -12.42 -5.82
C ARG B 6 -1.02 -12.75 -4.41
N ASN B 7 -0.94 -11.68 -3.61
CA ASN B 7 -0.59 -11.70 -2.19
C ASN B 7 -0.57 -10.29 -1.72
N GLU B 8 -0.57 -10.09 -0.44
CA GLU B 8 -0.19 -8.83 0.05
C GLU B 8 1.29 -8.91 0.46
N THR B 9 2.01 -7.84 0.38
CA THR B 9 3.39 -7.86 0.76
C THR B 9 3.69 -6.67 1.66
N GLN B 10 4.36 -6.95 2.78
CA GLN B 10 4.69 -5.95 3.77
C GLN B 10 5.80 -5.05 3.26
N VAL B 11 5.59 -3.79 3.39
CA VAL B 11 6.57 -2.81 3.10
C VAL B 11 7.45 -2.64 4.33
N MET A 1 -4.92 12.45 -1.65
CA MET A 1 -5.12 12.27 -0.22
C MET A 1 -3.82 11.75 0.32
N GLU A 2 -3.07 12.60 0.92
CA GLU A 2 -1.76 12.22 1.36
C GLU A 2 -1.55 12.28 2.84
N ILE A 3 -0.92 11.25 3.29
CA ILE A 3 -0.64 10.99 4.64
C ILE A 3 0.86 10.98 4.85
N LYS A 4 1.33 11.98 5.52
CA LYS A 4 2.71 11.96 5.92
C LYS A 4 2.82 10.97 7.06
N LEU A 5 3.70 10.05 6.89
CA LEU A 5 3.90 8.98 7.80
C LEU A 5 5.30 8.96 8.28
N ILE A 6 5.49 8.52 9.46
CA ILE A 6 6.79 8.32 9.98
C ILE A 6 7.09 6.83 10.04
N LYS A 7 8.04 6.39 9.25
CA LYS A 7 8.52 5.02 9.31
C LYS A 7 9.16 4.78 10.66
N GLY A 8 9.15 3.56 11.09
CA GLY A 8 9.68 3.24 12.39
C GLY A 8 10.38 1.89 12.38
N PRO A 9 10.56 1.26 13.56
CA PRO A 9 11.25 -0.05 13.67
C PRO A 9 10.40 -1.20 13.13
N LYS A 10 9.13 -0.93 12.91
CA LYS A 10 8.19 -1.92 12.39
C LYS A 10 7.94 -1.65 10.90
N GLY A 11 8.67 -0.68 10.40
CA GLY A 11 8.52 -0.24 9.03
C GLY A 11 7.41 0.75 9.00
N LEU A 12 6.35 0.41 8.32
CA LEU A 12 5.17 1.25 8.33
C LEU A 12 4.07 0.49 9.07
N GLY A 13 4.07 -0.83 8.88
CA GLY A 13 3.20 -1.68 9.63
C GLY A 13 1.81 -1.85 9.07
N PHE A 14 1.73 -2.18 7.81
CA PHE A 14 0.46 -2.52 7.19
C PHE A 14 0.70 -3.40 6.00
N SER A 15 -0.19 -4.30 5.79
CA SER A 15 -0.13 -5.25 4.74
C SER A 15 -0.88 -4.71 3.54
N ILE A 16 -0.20 -4.69 2.44
CA ILE A 16 -0.75 -4.17 1.22
C ILE A 16 -0.89 -5.33 0.25
N ALA A 17 -1.92 -5.29 -0.54
CA ALA A 17 -2.15 -6.27 -1.57
C ALA A 17 -2.65 -5.56 -2.78
N GLY A 18 -2.07 -5.85 -3.89
CA GLY A 18 -2.41 -5.19 -5.11
C GLY A 18 -1.19 -5.03 -5.95
N GLY A 19 -1.39 -4.75 -7.20
CA GLY A 19 -0.30 -4.59 -8.10
C GLY A 19 -0.62 -5.33 -9.34
N VAL A 20 0.24 -5.26 -10.34
CA VAL A 20 0.05 -5.98 -11.60
C VAL A 20 -0.24 -7.46 -11.35
N GLY A 21 -1.49 -7.84 -11.58
CA GLY A 21 -1.92 -9.21 -11.43
C GLY A 21 -2.43 -9.51 -10.03
N ASN A 22 -2.08 -8.66 -9.10
CA ASN A 22 -2.47 -8.84 -7.70
C ASN A 22 -3.56 -7.85 -7.37
N GLN A 23 -4.22 -7.31 -8.40
CA GLN A 23 -5.25 -6.31 -8.26
C GLN A 23 -6.30 -6.73 -7.22
N HIS A 24 -6.51 -5.86 -6.25
CA HIS A 24 -7.40 -6.14 -5.13
C HIS A 24 -8.84 -5.92 -5.56
N ILE A 25 -9.09 -4.80 -6.18
CA ILE A 25 -10.43 -4.49 -6.63
C ILE A 25 -10.53 -4.71 -8.13
N PRO A 26 -11.51 -5.53 -8.58
CA PRO A 26 -11.76 -5.79 -10.00
C PRO A 26 -11.83 -4.51 -10.84
N GLY A 27 -10.81 -4.32 -11.64
CA GLY A 27 -10.76 -3.17 -12.51
C GLY A 27 -9.83 -2.11 -11.99
N ASP A 28 -9.25 -2.33 -10.82
CA ASP A 28 -8.35 -1.36 -10.23
C ASP A 28 -7.05 -2.05 -9.85
N ASN A 29 -6.07 -1.95 -10.72
CA ASN A 29 -4.81 -2.69 -10.62
C ASN A 29 -3.82 -1.98 -9.68
N SER A 30 -4.35 -1.35 -8.66
CA SER A 30 -3.52 -0.62 -7.73
C SER A 30 -3.26 -1.42 -6.46
N ILE A 31 -2.50 -0.82 -5.58
CA ILE A 31 -2.14 -1.44 -4.33
C ILE A 31 -3.18 -1.05 -3.29
N TYR A 32 -3.69 -1.99 -2.53
CA TYR A 32 -4.70 -1.71 -1.52
C TYR A 32 -4.30 -2.19 -0.15
N VAL A 33 -4.58 -1.38 0.83
CA VAL A 33 -4.32 -1.71 2.23
C VAL A 33 -5.25 -2.83 2.64
N THR A 34 -4.69 -3.95 3.00
CA THR A 34 -5.50 -5.09 3.34
C THR A 34 -5.53 -5.33 4.85
N LYS A 35 -4.52 -4.89 5.54
CA LYS A 35 -4.45 -5.08 6.96
C LYS A 35 -3.55 -4.02 7.52
N ILE A 36 -3.90 -3.44 8.62
CA ILE A 36 -3.00 -2.53 9.27
C ILE A 36 -2.55 -3.20 10.55
N ILE A 37 -1.26 -3.26 10.76
CA ILE A 37 -0.70 -3.94 11.89
C ILE A 37 -0.93 -3.13 13.15
N GLU A 38 -1.35 -3.79 14.17
CA GLU A 38 -1.64 -3.23 15.44
C GLU A 38 -0.39 -2.63 16.06
N GLY A 39 -0.51 -1.37 16.43
CA GLY A 39 0.61 -0.63 16.94
C GLY A 39 1.58 -0.27 15.83
N GLY A 40 1.11 -0.34 14.60
CA GLY A 40 1.88 0.07 13.46
C GLY A 40 1.92 1.57 13.34
N ALA A 41 2.88 2.07 12.61
CA ALA A 41 3.00 3.50 12.41
C ALA A 41 1.80 3.98 11.63
N ALA A 42 1.38 3.19 10.66
CA ALA A 42 0.22 3.54 9.88
C ALA A 42 -1.09 3.31 10.66
N HIS A 43 -0.96 2.75 11.84
CA HIS A 43 -2.09 2.48 12.70
C HIS A 43 -2.25 3.65 13.66
N LYS A 44 -1.12 4.23 14.06
CA LYS A 44 -1.15 5.37 14.96
C LYS A 44 -1.21 6.67 14.17
N ASP A 45 -0.19 6.81 13.38
CA ASP A 45 0.15 8.00 12.65
C ASP A 45 -0.54 8.03 11.33
N GLY A 46 -0.69 6.87 10.80
CA GLY A 46 -1.23 6.65 9.47
C GLY A 46 -2.60 7.17 9.19
N LYS A 47 -3.50 7.17 10.19
CA LYS A 47 -4.95 7.54 10.02
C LYS A 47 -5.54 6.91 8.72
N LEU A 48 -5.04 5.73 8.40
CA LEU A 48 -5.29 5.03 7.17
C LEU A 48 -6.36 3.98 7.37
N GLN A 49 -7.05 3.60 6.32
CA GLN A 49 -8.10 2.63 6.44
C GLN A 49 -7.76 1.40 5.62
N ILE A 50 -8.19 0.26 6.10
CA ILE A 50 -8.09 -0.95 5.34
C ILE A 50 -9.04 -0.80 4.12
N GLY A 51 -8.50 -0.90 2.93
CA GLY A 51 -9.29 -0.70 1.73
C GLY A 51 -8.86 0.51 0.94
N ASP A 52 -7.94 1.28 1.48
CA ASP A 52 -7.40 2.45 0.79
C ASP A 52 -6.42 2.08 -0.33
N LYS A 53 -6.48 2.82 -1.44
CA LYS A 53 -5.59 2.62 -2.59
C LYS A 53 -4.33 3.42 -2.42
N LEU A 54 -3.22 2.75 -2.46
CA LEU A 54 -1.95 3.42 -2.42
C LEU A 54 -1.68 3.87 -3.83
N LEU A 55 -1.84 5.15 -4.07
CA LEU A 55 -1.66 5.72 -5.39
C LEU A 55 -0.17 5.89 -5.61
N ALA A 56 0.51 6.26 -4.55
CA ALA A 56 1.92 6.50 -4.60
C ALA A 56 2.52 6.47 -3.21
N VAL A 57 3.79 6.22 -3.13
CA VAL A 57 4.50 6.30 -1.87
C VAL A 57 5.78 7.08 -2.10
N ASN A 58 5.95 8.09 -1.26
CA ASN A 58 7.08 9.05 -1.35
C ASN A 58 6.95 9.81 -2.66
N ASN A 59 5.70 9.94 -3.01
CA ASN A 59 5.18 10.51 -4.28
C ASN A 59 5.52 9.67 -5.52
N VAL A 60 6.15 8.52 -5.33
CA VAL A 60 6.47 7.62 -6.44
C VAL A 60 5.22 6.83 -6.78
N CYS A 61 4.78 6.92 -8.02
CA CYS A 61 3.55 6.31 -8.50
C CYS A 61 3.51 4.78 -8.32
N LEU A 62 2.50 4.32 -7.63
CA LEU A 62 2.23 2.90 -7.38
C LEU A 62 1.03 2.42 -8.20
N GLU A 63 0.41 3.32 -8.93
CA GLU A 63 -0.69 2.98 -9.82
C GLU A 63 -0.17 2.07 -10.92
N GLU A 64 -0.56 0.81 -10.83
CA GLU A 64 -0.19 -0.23 -11.77
C GLU A 64 1.33 -0.47 -11.81
N VAL A 65 1.82 -1.06 -10.73
CA VAL A 65 3.20 -1.49 -10.61
C VAL A 65 3.19 -2.91 -10.09
N THR A 66 4.29 -3.58 -10.10
CA THR A 66 4.33 -4.95 -9.67
C THR A 66 4.29 -4.98 -8.14
N HIS A 67 3.54 -5.91 -7.57
CA HIS A 67 3.34 -5.98 -6.11
C HIS A 67 4.66 -5.89 -5.33
N GLU A 68 5.64 -6.68 -5.73
CA GLU A 68 6.95 -6.72 -5.06
C GLU A 68 7.58 -5.31 -5.13
N GLU A 69 7.45 -4.71 -6.28
CA GLU A 69 8.05 -3.44 -6.63
C GLU A 69 7.41 -2.34 -5.78
N ALA A 70 6.15 -2.53 -5.49
CA ALA A 70 5.39 -1.61 -4.69
C ALA A 70 5.80 -1.72 -3.25
N VAL A 71 5.81 -2.95 -2.72
CA VAL A 71 6.14 -3.16 -1.31
C VAL A 71 7.53 -2.64 -1.02
N THR A 72 8.45 -2.99 -1.86
CA THR A 72 9.80 -2.54 -1.74
C THR A 72 9.92 -1.00 -1.87
N ALA A 73 9.03 -0.37 -2.63
CA ALA A 73 9.00 1.08 -2.73
C ALA A 73 8.63 1.70 -1.37
N LEU A 74 7.75 1.02 -0.62
CA LEU A 74 7.41 1.50 0.71
C LEU A 74 8.48 1.14 1.71
N LYS A 75 9.12 0.00 1.52
CA LYS A 75 10.16 -0.44 2.41
C LYS A 75 11.39 0.45 2.36
N ASN A 76 11.63 1.06 1.21
CA ASN A 76 12.74 1.99 1.03
C ASN A 76 12.41 3.39 1.57
N THR A 77 11.89 3.43 2.77
CA THR A 77 11.59 4.67 3.43
C THR A 77 12.30 4.67 4.75
N SER A 78 12.72 5.81 5.20
CA SER A 78 13.37 5.83 6.44
C SER A 78 12.99 7.03 7.25
N ASP A 79 12.06 6.75 8.10
CA ASP A 79 11.61 7.56 9.23
C ASP A 79 10.93 8.84 8.79
N PHE A 80 10.56 8.89 7.52
CA PHE A 80 9.84 9.99 6.92
C PHE A 80 9.21 9.47 5.63
N VAL A 81 7.89 9.46 5.57
CA VAL A 81 7.15 8.91 4.44
C VAL A 81 6.02 9.87 4.02
N TYR A 82 5.68 9.82 2.75
CA TYR A 82 4.52 10.52 2.19
C TYR A 82 3.68 9.48 1.44
N LEU A 83 2.64 9.02 2.06
CA LEU A 83 1.78 8.02 1.45
C LEU A 83 0.67 8.76 0.71
N LYS A 84 0.59 8.57 -0.57
CA LYS A 84 -0.41 9.21 -1.35
C LYS A 84 -1.47 8.20 -1.66
N VAL A 85 -2.59 8.35 -1.04
CA VAL A 85 -3.71 7.47 -1.20
C VAL A 85 -4.83 8.17 -2.00
N ALA A 86 -5.57 7.36 -2.72
CA ALA A 86 -6.70 7.78 -3.48
C ALA A 86 -7.81 6.78 -3.26
N LYS A 87 -9.02 7.18 -3.52
CA LYS A 87 -10.16 6.29 -3.36
C LYS A 87 -10.19 5.30 -4.52
N PRO A 88 -10.79 4.12 -4.31
CA PRO A 88 -10.87 3.08 -5.34
C PRO A 88 -11.49 3.57 -6.62
N THR A 89 -10.74 3.49 -7.68
CA THR A 89 -11.17 3.96 -8.99
C THR A 89 -11.74 2.80 -9.85
N GLY A 90 -11.93 1.66 -9.21
CA GLY A 90 -12.39 0.50 -9.93
C GLY A 90 -13.89 0.37 -9.98
N SER A 91 -14.35 -0.86 -10.18
CA SER A 91 -15.76 -1.18 -10.28
C SER A 91 -16.41 -0.98 -8.92
N HIS A 92 -15.61 -1.14 -7.90
CA HIS A 92 -16.03 -0.92 -6.58
C HIS A 92 -15.37 0.36 -6.13
N HIS A 93 -16.10 1.42 -6.14
CA HIS A 93 -15.58 2.73 -5.82
C HIS A 93 -16.29 3.36 -4.65
N HIS A 94 -15.52 4.08 -3.85
CA HIS A 94 -15.94 4.77 -2.64
C HIS A 94 -14.75 5.58 -2.15
N PCA B 1 12.44 -14.04 -0.21
CA PCA B 1 11.80 -12.76 0.02
CB PCA B 1 11.81 -11.96 -1.26
CG PCA B 1 12.38 -12.91 -2.27
CD PCA B 1 13.13 -13.98 -1.49
OE PCA B 1 14.34 -14.05 -1.55
C PCA B 1 10.43 -13.04 0.50
O PCA B 1 10.07 -14.19 0.69
H1 PCA B 1 11.63 -14.69 -0.17
H2 PCA B 1 12.96 -14.23 0.67
HA PCA B 1 12.24 -12.20 0.83
HB2 PCA B 1 10.80 -11.65 -1.51
HB3 PCA B 1 12.45 -11.10 -1.17
HG2 PCA B 1 11.58 -13.34 -2.85
HG3 PCA B 1 13.07 -12.39 -2.91
N ARG B 2 9.68 -12.00 0.68
CA ARG B 2 8.38 -12.13 1.28
C ARG B 2 7.38 -11.32 0.44
N THR B 3 7.91 -10.45 -0.38
CA THR B 3 7.14 -9.63 -1.25
C THR B 3 6.83 -10.44 -2.52
N ARG B 4 5.57 -10.73 -2.73
CA ARG B 4 5.17 -11.53 -3.87
C ARG B 4 3.75 -11.20 -4.20
N GLN B 5 3.44 -11.19 -5.47
CA GLN B 5 2.10 -10.96 -5.92
C GLN B 5 1.18 -12.16 -5.61
N ARG B 6 -0.11 -11.91 -5.73
CA ARG B 6 -1.20 -12.84 -5.38
C ARG B 6 -1.27 -13.12 -3.90
N ASN B 7 -0.84 -12.14 -3.12
CA ASN B 7 -0.91 -12.16 -1.68
C ASN B 7 -0.63 -10.78 -1.16
N GLU B 8 -0.69 -10.62 0.13
CA GLU B 8 -0.41 -9.36 0.75
C GLU B 8 1.02 -9.35 1.17
N THR B 9 1.55 -8.21 1.48
CA THR B 9 2.83 -8.12 2.08
C THR B 9 2.86 -6.92 3.03
N GLN B 10 3.30 -7.15 4.26
CA GLN B 10 3.47 -6.08 5.23
C GLN B 10 4.66 -5.20 4.87
N VAL B 11 4.42 -3.92 4.89
CA VAL B 11 5.45 -2.93 4.63
C VAL B 11 6.18 -2.54 5.91
N MET A 1 -4.45 12.36 0.56
CA MET A 1 -4.29 12.08 1.98
C MET A 1 -2.98 11.37 2.15
N GLU A 2 -1.96 12.13 2.21
CA GLU A 2 -0.64 11.66 2.33
C GLU A 2 -0.17 11.47 3.73
N ILE A 3 0.41 10.35 3.90
CA ILE A 3 0.86 9.82 5.12
C ILE A 3 2.35 9.59 5.04
N LYS A 4 3.07 10.30 5.84
CA LYS A 4 4.48 10.07 5.94
C LYS A 4 4.70 8.92 6.88
N LEU A 5 5.34 7.90 6.37
CA LEU A 5 5.61 6.70 7.10
C LEU A 5 7.08 6.52 7.20
N ILE A 6 7.51 5.91 8.25
CA ILE A 6 8.87 5.57 8.39
C ILE A 6 9.05 4.07 8.19
N LYS A 7 9.77 3.66 7.16
CA LYS A 7 10.12 2.27 7.03
C LYS A 7 11.16 1.93 8.13
N GLY A 8 11.22 0.70 8.54
CA GLY A 8 12.09 0.39 9.65
C GLY A 8 12.59 -1.05 9.64
N PRO A 9 12.94 -1.60 10.82
CA PRO A 9 13.54 -2.95 10.92
C PRO A 9 12.55 -4.08 10.58
N LYS A 10 11.27 -3.82 10.70
CA LYS A 10 10.26 -4.83 10.42
C LYS A 10 9.59 -4.52 9.08
N GLY A 11 10.31 -3.74 8.30
CA GLY A 11 9.86 -3.30 7.00
C GLY A 11 9.01 -2.11 7.14
N LEU A 12 7.90 -2.10 6.48
CA LEU A 12 6.98 -1.02 6.64
C LEU A 12 5.78 -1.58 7.39
N GLY A 13 5.50 -2.83 7.09
CA GLY A 13 4.54 -3.61 7.80
C GLY A 13 3.10 -3.51 7.35
N PHE A 14 2.86 -3.59 6.07
CA PHE A 14 1.47 -3.71 5.59
C PHE A 14 1.40 -4.44 4.27
N SER A 15 0.29 -5.10 4.07
CA SER A 15 0.08 -5.88 2.90
C SER A 15 -0.87 -5.15 1.98
N ILE A 16 -0.48 -5.03 0.76
CA ILE A 16 -1.27 -4.36 -0.22
C ILE A 16 -1.74 -5.35 -1.25
N ALA A 17 -2.86 -5.09 -1.84
CA ALA A 17 -3.42 -5.86 -2.91
C ALA A 17 -4.14 -4.93 -3.82
N GLY A 18 -3.89 -5.03 -5.07
CA GLY A 18 -4.52 -4.16 -6.01
C GLY A 18 -3.59 -3.83 -7.13
N GLY A 19 -4.14 -3.41 -8.21
CA GLY A 19 -3.37 -3.10 -9.38
C GLY A 19 -4.06 -3.68 -10.55
N VAL A 20 -3.45 -3.58 -11.72
CA VAL A 20 -4.01 -4.12 -12.97
C VAL A 20 -4.44 -5.58 -12.81
N GLY A 21 -5.75 -5.78 -12.73
CA GLY A 21 -6.31 -7.12 -12.64
C GLY A 21 -6.40 -7.61 -11.20
N ASN A 22 -5.72 -6.95 -10.30
CA ASN A 22 -5.66 -7.33 -8.90
C ASN A 22 -6.54 -6.33 -8.11
N GLN A 23 -7.34 -5.57 -8.83
CA GLN A 23 -8.17 -4.52 -8.27
C GLN A 23 -9.07 -5.05 -7.13
N HIS A 24 -9.01 -4.40 -5.99
CA HIS A 24 -9.73 -4.82 -4.79
C HIS A 24 -11.14 -4.23 -4.80
N ILE A 25 -11.25 -2.99 -5.27
CA ILE A 25 -12.54 -2.35 -5.36
C ILE A 25 -13.03 -2.36 -6.78
N PRO A 26 -14.19 -3.02 -7.02
CA PRO A 26 -14.82 -3.07 -8.34
C PRO A 26 -14.97 -1.68 -8.93
N GLY A 27 -14.21 -1.41 -9.95
CA GLY A 27 -14.28 -0.16 -10.62
C GLY A 27 -13.06 0.70 -10.34
N ASP A 28 -12.19 0.24 -9.46
CA ASP A 28 -11.00 1.00 -9.16
C ASP A 28 -9.79 0.10 -9.23
N ASN A 29 -9.04 0.24 -10.29
CA ASN A 29 -7.92 -0.64 -10.63
C ASN A 29 -6.63 -0.20 -9.88
N SER A 30 -6.82 0.23 -8.67
CA SER A 30 -5.77 0.78 -7.85
C SER A 30 -5.29 -0.20 -6.79
N ILE A 31 -4.28 0.22 -6.04
CA ILE A 31 -3.68 -0.61 -5.02
C ILE A 31 -4.37 -0.32 -3.68
N TYR A 32 -4.64 -1.34 -2.89
CA TYR A 32 -5.34 -1.17 -1.62
C TYR A 32 -4.62 -1.85 -0.47
N VAL A 33 -4.62 -1.22 0.67
CA VAL A 33 -4.06 -1.80 1.88
C VAL A 33 -5.03 -2.85 2.38
N THR A 34 -4.60 -4.07 2.37
CA THR A 34 -5.45 -5.18 2.73
C THR A 34 -5.20 -5.59 4.17
N LYS A 35 -4.03 -5.28 4.66
CA LYS A 35 -3.65 -5.73 5.95
C LYS A 35 -2.57 -4.85 6.46
N ILE A 36 -2.49 -4.69 7.73
CA ILE A 36 -1.46 -3.89 8.33
C ILE A 36 -0.84 -4.72 9.47
N ILE A 37 0.42 -5.04 9.32
CA ILE A 37 1.12 -5.97 10.21
C ILE A 37 1.64 -5.23 11.44
N GLU A 38 1.26 -5.72 12.64
CA GLU A 38 1.66 -5.07 13.86
C GLU A 38 3.17 -5.08 13.93
N GLY A 39 3.70 -4.06 14.52
CA GLY A 39 5.13 -3.98 14.66
C GLY A 39 5.68 -3.21 13.53
N GLY A 40 4.95 -3.20 12.43
CA GLY A 40 5.31 -2.38 11.36
C GLY A 40 5.10 -0.97 11.76
N ALA A 41 5.97 -0.10 11.33
CA ALA A 41 5.85 1.27 11.68
C ALA A 41 4.59 1.83 11.10
N ALA A 42 4.18 1.32 9.95
CA ALA A 42 2.97 1.78 9.32
C ALA A 42 1.71 1.22 10.04
N HIS A 43 1.91 0.37 11.01
CA HIS A 43 0.81 -0.11 11.84
C HIS A 43 0.74 0.76 13.08
N LYS A 44 1.88 0.93 13.72
CA LYS A 44 1.94 1.65 14.98
C LYS A 44 1.88 3.17 14.79
N ASP A 45 2.73 3.66 13.91
CA ASP A 45 2.81 5.09 13.54
C ASP A 45 1.86 5.38 12.48
N GLY A 46 1.73 4.38 11.65
CA GLY A 46 1.17 4.44 10.31
C GLY A 46 -0.05 5.25 10.05
N LYS A 47 -0.88 5.46 11.05
CA LYS A 47 -2.13 6.26 10.93
C LYS A 47 -2.94 5.85 9.66
N LEU A 48 -2.82 4.58 9.31
CA LEU A 48 -3.31 4.01 8.08
C LEU A 48 -4.43 3.02 8.38
N GLN A 49 -5.36 2.86 7.47
CA GLN A 49 -6.45 1.94 7.66
C GLN A 49 -6.51 0.92 6.54
N ILE A 50 -6.96 -0.27 6.88
CA ILE A 50 -7.19 -1.29 5.88
C ILE A 50 -8.33 -0.83 4.95
N GLY A 51 -8.08 -0.82 3.67
CA GLY A 51 -9.05 -0.31 2.72
C GLY A 51 -8.55 0.92 2.00
N ASP A 52 -7.55 1.57 2.58
CA ASP A 52 -6.93 2.75 2.00
C ASP A 52 -6.27 2.44 0.66
N LYS A 53 -6.58 3.25 -0.33
CA LYS A 53 -6.03 3.12 -1.66
C LYS A 53 -4.73 3.88 -1.79
N LEU A 54 -3.72 3.20 -2.23
CA LEU A 54 -2.44 3.80 -2.45
C LEU A 54 -2.51 4.50 -3.79
N LEU A 55 -2.57 5.81 -3.76
CA LEU A 55 -2.66 6.62 -4.97
C LEU A 55 -1.23 6.71 -5.51
N ALA A 56 -0.32 6.95 -4.61
CA ALA A 56 1.05 7.10 -4.97
C ALA A 56 1.93 6.80 -3.78
N VAL A 57 3.13 6.40 -4.04
CA VAL A 57 4.08 6.22 -2.98
C VAL A 57 5.38 6.87 -3.37
N ASN A 58 5.80 7.84 -2.54
CA ASN A 58 6.98 8.71 -2.77
C ASN A 58 6.74 9.52 -4.00
N ASN A 59 5.47 9.74 -4.12
CA ASN A 59 4.79 10.48 -5.15
C ASN A 59 4.89 9.79 -6.54
N VAL A 60 5.26 8.52 -6.54
CA VAL A 60 5.23 7.73 -7.75
C VAL A 60 3.80 7.23 -7.88
N CYS A 61 3.17 7.50 -9.01
CA CYS A 61 1.77 7.16 -9.25
C CYS A 61 1.54 5.65 -9.28
N LEU A 62 0.62 5.20 -8.45
CA LEU A 62 0.22 3.80 -8.36
C LEU A 62 -1.16 3.59 -8.97
N GLU A 63 -1.71 4.64 -9.58
CA GLU A 63 -2.98 4.56 -10.28
C GLU A 63 -2.83 3.70 -11.51
N GLU A 64 -3.47 2.54 -11.50
CA GLU A 64 -3.45 1.59 -12.59
C GLU A 64 -2.03 1.17 -13.01
N VAL A 65 -1.41 0.45 -12.12
CA VAL A 65 -0.10 -0.15 -12.36
C VAL A 65 -0.20 -1.61 -12.00
N THR A 66 0.75 -2.40 -12.36
CA THR A 66 0.69 -3.82 -12.09
C THR A 66 0.97 -4.03 -10.60
N HIS A 67 0.28 -4.97 -9.97
CA HIS A 67 0.43 -5.18 -8.52
C HIS A 67 1.89 -5.36 -8.10
N GLU A 68 2.60 -6.23 -8.80
CA GLU A 68 4.00 -6.50 -8.50
C GLU A 68 4.86 -5.25 -8.67
N GLU A 69 4.44 -4.40 -9.56
CA GLU A 69 5.14 -3.20 -9.91
C GLU A 69 4.93 -2.18 -8.79
N ALA A 70 3.74 -2.21 -8.22
CA ALA A 70 3.36 -1.33 -7.14
C ALA A 70 4.01 -1.77 -5.86
N VAL A 71 4.08 -3.08 -5.63
CA VAL A 71 4.71 -3.58 -4.43
C VAL A 71 6.17 -3.22 -4.45
N THR A 72 6.79 -3.37 -5.60
CA THR A 72 8.18 -3.00 -5.77
C THR A 72 8.36 -1.49 -5.49
N ALA A 73 7.41 -0.68 -5.97
CA ALA A 73 7.45 0.76 -5.74
C ALA A 73 7.36 1.10 -4.24
N LEU A 74 6.59 0.31 -3.49
CA LEU A 74 6.43 0.50 -2.11
C LEU A 74 7.62 -0.14 -1.35
N LYS A 75 8.29 -1.10 -1.99
CA LYS A 75 9.47 -1.72 -1.40
C LYS A 75 10.67 -0.83 -1.56
N ASN A 76 10.59 0.07 -2.53
CA ASN A 76 11.60 1.09 -2.75
C ASN A 76 11.47 2.21 -1.71
N THR A 77 11.35 1.82 -0.48
CA THR A 77 11.25 2.71 0.62
C THR A 77 12.34 2.38 1.59
N SER A 78 13.02 3.37 2.06
CA SER A 78 14.03 3.09 3.02
C SER A 78 14.06 4.10 4.10
N ASP A 79 13.41 3.68 5.16
CA ASP A 79 13.36 4.32 6.45
C ASP A 79 12.77 5.73 6.40
N PHE A 80 12.05 6.00 5.31
CA PHE A 80 11.35 7.24 5.06
C PHE A 80 10.41 7.01 3.87
N VAL A 81 9.13 7.39 4.02
CA VAL A 81 8.11 7.16 2.98
C VAL A 81 7.08 8.33 2.95
N TYR A 82 6.62 8.68 1.76
CA TYR A 82 5.48 9.56 1.57
C TYR A 82 4.37 8.78 0.86
N LEU A 83 3.44 8.26 1.59
CA LEU A 83 2.39 7.46 0.99
C LEU A 83 1.18 8.35 0.73
N LYS A 84 0.85 8.55 -0.51
CA LYS A 84 -0.28 9.36 -0.86
C LYS A 84 -1.47 8.43 -1.01
N VAL A 85 -2.40 8.52 -0.10
CA VAL A 85 -3.57 7.66 -0.10
C VAL A 85 -4.79 8.45 -0.58
N ALA A 86 -5.67 7.74 -1.23
CA ALA A 86 -6.92 8.22 -1.71
C ALA A 86 -7.97 7.20 -1.40
N LYS A 87 -9.20 7.59 -1.36
CA LYS A 87 -10.28 6.64 -1.20
C LYS A 87 -10.57 6.04 -2.55
N PRO A 88 -11.09 4.80 -2.57
CA PRO A 88 -11.47 4.13 -3.79
C PRO A 88 -12.32 5.02 -4.68
N THR A 89 -11.85 5.19 -5.86
CA THR A 89 -12.42 6.05 -6.85
C THR A 89 -13.33 5.23 -7.79
N GLY A 90 -13.75 4.08 -7.30
CA GLY A 90 -14.58 3.21 -8.08
C GLY A 90 -16.04 3.36 -7.72
N SER A 91 -16.76 2.26 -7.69
CA SER A 91 -18.17 2.28 -7.40
C SER A 91 -18.42 2.10 -5.90
N HIS A 92 -17.35 2.17 -5.13
CA HIS A 92 -17.40 2.01 -3.69
C HIS A 92 -16.41 2.98 -3.10
N HIS A 93 -16.69 3.50 -1.93
CA HIS A 93 -15.79 4.42 -1.28
C HIS A 93 -15.51 3.98 0.16
N HIS A 94 -14.26 3.99 0.54
CA HIS A 94 -13.82 3.57 1.85
C HIS A 94 -12.65 4.45 2.25
N PCA B 1 10.38 -14.90 -1.28
CA PCA B 1 8.96 -15.09 -1.49
CB PCA B 1 8.24 -14.65 -0.23
CG PCA B 1 9.34 -14.15 0.66
CD PCA B 1 10.54 -13.89 -0.24
OE PCA B 1 10.85 -12.74 -0.55
C PCA B 1 8.48 -14.30 -2.69
O PCA B 1 7.65 -14.79 -3.44
H1 PCA B 1 10.74 -14.64 -2.22
H2 PCA B 1 10.74 -15.86 -1.12
HA PCA B 1 8.76 -16.13 -1.68
HB2 PCA B 1 7.52 -13.88 -0.48
HB3 PCA B 1 7.74 -15.48 0.25
HG2 PCA B 1 9.03 -13.23 1.14
HG3 PCA B 1 9.60 -14.89 1.39
N ARG B 2 9.08 -13.12 -2.90
CA ARG B 2 8.75 -12.22 -4.00
C ARG B 2 7.39 -11.59 -3.85
N THR B 3 7.10 -10.76 -4.80
CA THR B 3 5.87 -10.10 -4.96
C THR B 3 5.07 -10.93 -5.98
N ARG B 4 3.75 -10.88 -5.93
CA ARG B 4 2.90 -11.60 -6.89
C ARG B 4 1.59 -10.91 -6.99
N GLN B 5 1.06 -10.85 -8.18
CA GLN B 5 -0.25 -10.26 -8.37
C GLN B 5 -1.36 -11.29 -8.15
N ARG B 6 -2.58 -10.79 -8.05
CA ARG B 6 -3.80 -11.54 -7.72
C ARG B 6 -3.79 -12.07 -6.30
N ASN B 7 -2.98 -11.45 -5.48
CA ASN B 7 -2.86 -11.74 -4.07
C ASN B 7 -2.35 -10.52 -3.36
N GLU B 8 -2.20 -10.63 -2.08
CA GLU B 8 -1.68 -9.54 -1.30
C GLU B 8 -0.17 -9.72 -1.18
N THR B 9 0.54 -8.64 -1.07
CA THR B 9 1.95 -8.71 -0.85
C THR B 9 2.34 -7.72 0.27
N GLN B 10 3.08 -8.20 1.24
CA GLN B 10 3.49 -7.40 2.40
C GLN B 10 4.76 -6.59 2.12
N VAL B 11 4.77 -5.37 2.61
CA VAL B 11 5.92 -4.50 2.61
C VAL B 11 6.05 -3.95 4.01
N MET A 1 -4.85 12.14 0.86
CA MET A 1 -3.93 12.25 2.00
C MET A 1 -2.57 11.80 1.58
N GLU A 2 -1.57 12.21 2.29
CA GLU A 2 -0.27 11.69 2.06
C GLU A 2 0.32 11.33 3.37
N ILE A 3 0.65 10.13 3.46
CA ILE A 3 1.19 9.59 4.62
C ILE A 3 2.65 9.54 4.48
N LYS A 4 3.26 10.43 5.17
CA LYS A 4 4.64 10.40 5.31
C LYS A 4 4.87 9.57 6.52
N LEU A 5 5.25 8.39 6.22
CA LEU A 5 5.36 7.33 7.15
C LEU A 5 6.81 7.09 7.41
N ILE A 6 7.15 6.86 8.62
CA ILE A 6 8.51 6.60 8.96
C ILE A 6 8.75 5.09 9.08
N LYS A 7 9.57 4.57 8.19
CA LYS A 7 9.90 3.15 8.12
C LYS A 7 10.85 2.78 9.24
N GLY A 8 10.74 1.57 9.71
CA GLY A 8 11.54 1.14 10.84
C GLY A 8 12.14 -0.22 10.61
N PRO A 9 12.57 -0.91 11.69
CA PRO A 9 13.23 -2.23 11.59
C PRO A 9 12.27 -3.36 11.18
N LYS A 10 10.98 -3.12 11.29
CA LYS A 10 9.99 -4.11 10.91
C LYS A 10 9.42 -3.74 9.52
N GLY A 11 10.07 -2.77 8.92
CA GLY A 11 9.72 -2.30 7.61
C GLY A 11 8.63 -1.31 7.70
N LEU A 12 7.61 -1.54 6.93
CA LEU A 12 6.42 -0.74 6.98
C LEU A 12 5.42 -1.52 7.78
N GLY A 13 5.34 -2.81 7.46
CA GLY A 13 4.54 -3.72 8.23
C GLY A 13 3.08 -3.67 7.91
N PHE A 14 2.75 -3.74 6.66
CA PHE A 14 1.36 -3.83 6.25
C PHE A 14 1.25 -4.57 4.94
N SER A 15 0.16 -5.27 4.78
CA SER A 15 -0.05 -6.08 3.63
C SER A 15 -0.91 -5.31 2.64
N ILE A 16 -0.44 -5.14 1.45
CA ILE A 16 -1.18 -4.43 0.44
C ILE A 16 -1.59 -5.41 -0.65
N ALA A 17 -2.66 -5.12 -1.33
CA ALA A 17 -3.15 -5.94 -2.41
C ALA A 17 -3.79 -5.06 -3.44
N GLY A 18 -3.41 -5.24 -4.65
CA GLY A 18 -3.97 -4.49 -5.73
C GLY A 18 -2.98 -4.35 -6.83
N GLY A 19 -3.45 -3.95 -7.96
CA GLY A 19 -2.64 -3.87 -9.13
C GLY A 19 -3.43 -4.43 -10.27
N VAL A 20 -2.84 -4.49 -11.46
CA VAL A 20 -3.52 -5.00 -12.66
C VAL A 20 -4.13 -6.40 -12.45
N GLY A 21 -5.43 -6.42 -12.21
CA GLY A 21 -6.16 -7.66 -12.01
C GLY A 21 -6.00 -8.18 -10.59
N ASN A 22 -5.34 -7.42 -9.76
CA ASN A 22 -5.10 -7.74 -8.35
C ASN A 22 -6.02 -6.83 -7.53
N GLN A 23 -6.93 -6.18 -8.24
CA GLN A 23 -7.85 -5.19 -7.70
C GLN A 23 -8.58 -5.69 -6.43
N HIS A 24 -8.42 -4.93 -5.37
CA HIS A 24 -9.05 -5.26 -4.09
C HIS A 24 -10.51 -4.83 -4.11
N ILE A 25 -10.77 -3.70 -4.73
CA ILE A 25 -12.12 -3.19 -4.83
C ILE A 25 -12.63 -3.42 -6.23
N PRO A 26 -13.78 -4.13 -6.37
CA PRO A 26 -14.39 -4.39 -7.69
C PRO A 26 -14.60 -3.12 -8.49
N GLY A 27 -13.79 -2.96 -9.51
CA GLY A 27 -13.88 -1.82 -10.37
C GLY A 27 -12.70 -0.89 -10.23
N ASP A 28 -11.85 -1.11 -9.24
CA ASP A 28 -10.74 -0.21 -9.03
C ASP A 28 -9.42 -0.98 -9.02
N ASN A 29 -8.68 -0.82 -10.09
CA ASN A 29 -7.46 -1.59 -10.39
C ASN A 29 -6.23 -1.05 -9.60
N SER A 30 -6.49 -0.47 -8.46
CA SER A 30 -5.47 0.18 -7.68
C SER A 30 -4.98 -0.72 -6.53
N ILE A 31 -3.98 -0.23 -5.82
CA ILE A 31 -3.40 -0.94 -4.71
C ILE A 31 -4.16 -0.56 -3.44
N TYR A 32 -4.55 -1.53 -2.65
CA TYR A 32 -5.28 -1.25 -1.41
C TYR A 32 -4.64 -1.93 -0.22
N VAL A 33 -4.77 -1.33 0.91
CA VAL A 33 -4.29 -1.91 2.16
C VAL A 33 -5.24 -3.01 2.58
N THR A 34 -4.73 -4.19 2.77
CA THR A 34 -5.57 -5.31 3.12
C THR A 34 -5.35 -5.72 4.60
N LYS A 35 -4.17 -5.48 5.12
CA LYS A 35 -3.84 -5.82 6.50
C LYS A 35 -2.77 -4.88 6.99
N ILE A 36 -2.74 -4.63 8.27
CA ILE A 36 -1.70 -3.85 8.88
C ILE A 36 -1.17 -4.66 10.05
N ILE A 37 0.11 -4.94 10.04
CA ILE A 37 0.74 -5.87 10.97
C ILE A 37 0.98 -5.23 12.35
N GLU A 38 0.78 -6.03 13.39
CA GLU A 38 0.85 -5.62 14.77
C GLU A 38 2.20 -4.98 15.13
N GLY A 39 2.13 -3.77 15.60
CA GLY A 39 3.33 -3.07 16.02
C GLY A 39 4.19 -2.63 14.86
N GLY A 40 3.65 -2.71 13.65
CA GLY A 40 4.38 -2.25 12.50
C GLY A 40 4.42 -0.76 12.46
N ALA A 41 5.31 -0.22 11.65
CA ALA A 41 5.45 1.21 11.52
C ALA A 41 4.16 1.79 10.99
N ALA A 42 3.57 1.11 10.03
CA ALA A 42 2.32 1.55 9.47
C ALA A 42 1.12 1.27 10.40
N HIS A 43 1.39 0.62 11.50
CA HIS A 43 0.38 0.35 12.50
C HIS A 43 0.45 1.45 13.55
N LYS A 44 1.63 1.96 13.81
CA LYS A 44 1.77 3.04 14.76
C LYS A 44 1.77 4.42 14.09
N ASP A 45 2.71 4.60 13.21
CA ASP A 45 2.87 5.87 12.48
C ASP A 45 2.02 5.89 11.28
N GLY A 46 1.66 4.72 10.86
CA GLY A 46 0.96 4.49 9.62
C GLY A 46 -0.16 5.44 9.33
N LYS A 47 -0.88 5.89 10.38
CA LYS A 47 -2.01 6.86 10.24
C LYS A 47 -2.89 6.47 9.03
N LEU A 48 -3.08 5.17 8.91
CA LEU A 48 -3.63 4.52 7.74
C LEU A 48 -4.69 3.52 8.18
N GLN A 49 -5.62 3.23 7.31
CA GLN A 49 -6.63 2.26 7.61
C GLN A 49 -6.63 1.15 6.56
N ILE A 50 -7.07 -0.03 6.98
CA ILE A 50 -7.23 -1.13 6.08
C ILE A 50 -8.35 -0.77 5.09
N GLY A 51 -8.07 -0.81 3.81
CA GLY A 51 -9.05 -0.43 2.82
C GLY A 51 -8.63 0.81 2.05
N ASP A 52 -7.53 1.43 2.45
CA ASP A 52 -7.00 2.61 1.77
C ASP A 52 -6.32 2.27 0.46
N LYS A 53 -6.53 3.14 -0.52
CA LYS A 53 -5.97 3.00 -1.87
C LYS A 53 -4.69 3.78 -2.01
N LEU A 54 -3.63 3.07 -2.27
CA LEU A 54 -2.33 3.66 -2.44
C LEU A 54 -2.27 4.26 -3.83
N LEU A 55 -2.17 5.56 -3.89
CA LEU A 55 -2.12 6.27 -5.14
C LEU A 55 -0.67 6.32 -5.60
N ALA A 56 0.23 6.58 -4.67
CA ALA A 56 1.62 6.68 -5.00
C ALA A 56 2.49 6.44 -3.80
N VAL A 57 3.67 5.92 -4.00
CA VAL A 57 4.63 5.79 -2.93
C VAL A 57 5.99 6.29 -3.40
N ASN A 58 6.51 7.25 -2.66
CA ASN A 58 7.74 8.01 -2.96
C ASN A 58 7.56 8.74 -4.23
N ASN A 59 6.33 9.07 -4.36
CA ASN A 59 5.70 9.78 -5.49
C ASN A 59 5.69 8.97 -6.78
N VAL A 60 5.99 7.69 -6.68
CA VAL A 60 5.87 6.80 -7.81
C VAL A 60 4.42 6.39 -7.90
N CYS A 61 3.82 6.59 -9.05
CA CYS A 61 2.41 6.30 -9.26
C CYS A 61 2.12 4.81 -9.20
N LEU A 62 1.17 4.45 -8.36
CA LEU A 62 0.72 3.08 -8.18
C LEU A 62 -0.64 2.86 -8.83
N GLU A 63 -1.09 3.88 -9.52
CA GLU A 63 -2.35 3.84 -10.24
C GLU A 63 -2.21 2.91 -11.45
N GLU A 64 -2.84 1.74 -11.37
CA GLU A 64 -2.86 0.75 -12.43
C GLU A 64 -1.44 0.28 -12.87
N VAL A 65 -0.81 -0.48 -11.99
CA VAL A 65 0.50 -1.09 -12.24
C VAL A 65 0.43 -2.52 -11.77
N THR A 66 1.43 -3.33 -12.01
CA THR A 66 1.38 -4.67 -11.52
C THR A 66 1.80 -4.67 -10.05
N HIS A 67 1.20 -5.57 -9.27
CA HIS A 67 1.45 -5.65 -7.84
C HIS A 67 2.96 -5.72 -7.49
N GLU A 68 3.75 -6.34 -8.35
CA GLU A 68 5.21 -6.43 -8.15
C GLU A 68 5.86 -5.04 -8.18
N GLU A 69 5.40 -4.19 -9.10
CA GLU A 69 5.95 -2.85 -9.26
C GLU A 69 5.57 -2.04 -8.06
N ALA A 70 4.34 -2.24 -7.62
CA ALA A 70 3.79 -1.55 -6.48
C ALA A 70 4.57 -1.89 -5.24
N VAL A 71 4.62 -3.18 -4.89
CA VAL A 71 5.29 -3.63 -3.67
C VAL A 71 6.75 -3.20 -3.65
N THR A 72 7.45 -3.38 -4.76
CA THR A 72 8.84 -2.99 -4.86
C THR A 72 9.05 -1.47 -4.62
N ALA A 73 8.08 -0.67 -5.05
CA ALA A 73 8.15 0.76 -4.83
C ALA A 73 8.02 1.08 -3.34
N LEU A 74 7.23 0.28 -2.61
CA LEU A 74 7.13 0.47 -1.17
C LEU A 74 8.31 -0.15 -0.46
N LYS A 75 8.88 -1.19 -1.05
CA LYS A 75 10.07 -1.83 -0.50
C LYS A 75 11.22 -0.87 -0.46
N ASN A 76 11.37 -0.09 -1.53
CA ASN A 76 12.41 0.92 -1.65
C ASN A 76 12.08 2.15 -0.84
N THR A 77 12.16 1.96 0.43
CA THR A 77 11.92 2.96 1.43
C THR A 77 12.91 2.76 2.56
N SER A 78 13.20 3.80 3.30
CA SER A 78 14.07 3.71 4.48
C SER A 78 13.96 4.96 5.30
N ASP A 79 13.44 4.81 6.53
CA ASP A 79 13.26 5.90 7.54
C ASP A 79 12.23 6.96 7.08
N PHE A 80 11.70 6.75 5.89
CA PHE A 80 10.75 7.65 5.31
C PHE A 80 10.03 6.92 4.19
N VAL A 81 8.75 7.13 4.11
CA VAL A 81 7.88 6.61 3.10
C VAL A 81 6.90 7.72 2.76
N TYR A 82 6.86 8.16 1.54
CA TYR A 82 5.91 9.18 1.16
C TYR A 82 4.79 8.49 0.37
N LEU A 83 3.75 8.15 1.04
CA LEU A 83 2.67 7.39 0.45
C LEU A 83 1.43 8.27 0.26
N LYS A 84 1.09 8.56 -0.95
CA LYS A 84 -0.10 9.30 -1.22
C LYS A 84 -1.24 8.33 -1.35
N VAL A 85 -2.23 8.51 -0.51
CA VAL A 85 -3.40 7.64 -0.47
C VAL A 85 -4.65 8.44 -0.84
N ALA A 86 -5.48 7.85 -1.64
CA ALA A 86 -6.70 8.44 -2.10
C ALA A 86 -7.79 7.41 -2.02
N LYS A 87 -9.00 7.84 -1.97
CA LYS A 87 -10.14 6.94 -1.99
C LYS A 87 -10.37 6.48 -3.40
N PRO A 88 -10.97 5.28 -3.53
CA PRO A 88 -11.33 4.67 -4.80
C PRO A 88 -11.79 5.67 -5.86
N THR A 89 -11.14 5.60 -6.99
CA THR A 89 -11.32 6.54 -8.06
C THR A 89 -12.46 6.12 -8.98
N GLY A 90 -12.58 4.84 -9.21
CA GLY A 90 -13.57 4.39 -10.14
C GLY A 90 -14.49 3.37 -9.55
N SER A 91 -14.73 3.46 -8.29
CA SER A 91 -15.57 2.52 -7.61
C SER A 91 -16.18 3.17 -6.37
N HIS A 92 -16.77 2.36 -5.51
CA HIS A 92 -17.36 2.84 -4.27
C HIS A 92 -16.25 3.25 -3.32
N HIS A 93 -16.13 4.53 -3.12
CA HIS A 93 -15.08 5.10 -2.31
C HIS A 93 -15.21 4.85 -0.81
N HIS A 94 -14.10 4.43 -0.25
CA HIS A 94 -13.90 4.13 1.13
C HIS A 94 -12.60 4.78 1.54
N PCA B 1 9.84 -7.43 -4.88
CA PCA B 1 10.77 -8.50 -5.22
CB PCA B 1 12.07 -8.26 -4.47
CG PCA B 1 11.82 -7.01 -3.70
CD PCA B 1 10.31 -6.83 -3.64
OE PCA B 1 9.71 -7.01 -2.57
C PCA B 1 10.17 -9.81 -4.88
O PCA B 1 10.10 -10.20 -3.69
H1 PCA B 1 8.93 -7.89 -4.84
H2 PCA B 1 9.72 -6.88 -5.76
HA PCA B 1 10.97 -8.62 -6.27
HB2 PCA B 1 12.27 -9.11 -3.83
HB3 PCA B 1 12.89 -8.11 -5.17
HG2 PCA B 1 12.23 -7.10 -2.70
HG3 PCA B 1 12.25 -6.16 -4.22
N ARG B 2 9.67 -10.47 -5.91
CA ARG B 2 9.16 -11.81 -5.84
C ARG B 2 7.86 -11.80 -5.01
N THR B 3 7.07 -10.84 -5.36
CA THR B 3 5.77 -10.60 -4.81
C THR B 3 4.78 -11.41 -5.64
N ARG B 4 3.52 -11.30 -5.40
CA ARG B 4 2.59 -12.19 -6.05
C ARG B 4 1.32 -11.43 -6.23
N GLN B 5 0.84 -11.38 -7.45
CA GLN B 5 -0.38 -10.71 -7.73
C GLN B 5 -1.61 -11.60 -7.54
N ARG B 6 -2.76 -10.94 -7.50
CA ARG B 6 -4.09 -11.52 -7.24
C ARG B 6 -4.20 -12.05 -5.82
N ASN B 7 -3.44 -11.42 -4.95
CA ASN B 7 -3.37 -11.74 -3.54
C ASN B 7 -2.71 -10.58 -2.83
N GLU B 8 -2.54 -10.69 -1.54
CA GLU B 8 -1.90 -9.67 -0.74
C GLU B 8 -0.39 -9.91 -0.59
N THR B 9 0.37 -8.87 -0.39
CA THR B 9 1.80 -9.00 -0.15
C THR B 9 2.24 -7.94 0.88
N GLN B 10 3.16 -8.35 1.75
CA GLN B 10 3.72 -7.50 2.80
C GLN B 10 4.72 -6.57 2.31
N VAL B 11 4.86 -5.48 2.99
CA VAL B 11 5.94 -4.65 2.71
C VAL B 11 6.85 -4.52 3.93
N MET A 1 -3.60 12.11 -1.53
CA MET A 1 -3.66 12.07 -0.07
C MET A 1 -2.40 11.40 0.38
N GLU A 2 -1.56 12.15 0.96
CA GLU A 2 -0.27 11.65 1.31
C GLU A 2 0.03 11.55 2.77
N ILE A 3 0.50 10.41 3.08
CA ILE A 3 0.84 9.94 4.37
C ILE A 3 2.33 9.78 4.47
N LYS A 4 2.93 10.59 5.27
CA LYS A 4 4.33 10.42 5.52
C LYS A 4 4.49 9.37 6.58
N LEU A 5 5.26 8.38 6.26
CA LEU A 5 5.53 7.28 7.13
C LEU A 5 6.98 7.23 7.40
N ILE A 6 7.33 6.68 8.49
CA ILE A 6 8.67 6.36 8.78
C ILE A 6 8.78 4.85 8.65
N LYS A 7 9.91 4.36 8.20
CA LYS A 7 10.13 2.93 8.10
C LYS A 7 10.40 2.40 9.53
N GLY A 8 10.57 1.12 9.67
CA GLY A 8 10.77 0.58 10.98
C GLY A 8 11.40 -0.78 10.91
N PRO A 9 11.42 -1.52 12.04
CA PRO A 9 12.03 -2.85 12.11
C PRO A 9 11.26 -3.89 11.29
N LYS A 10 9.96 -3.69 11.15
CA LYS A 10 9.12 -4.64 10.43
C LYS A 10 8.72 -4.06 9.08
N GLY A 11 9.56 -3.15 8.59
CA GLY A 11 9.31 -2.50 7.33
C GLY A 11 8.39 -1.35 7.54
N LEU A 12 7.32 -1.32 6.82
CA LEU A 12 6.30 -0.34 7.02
C LEU A 12 5.25 -0.99 7.89
N GLY A 13 5.13 -2.31 7.71
CA GLY A 13 4.29 -3.12 8.52
C GLY A 13 2.86 -3.19 8.08
N PHE A 14 2.64 -3.46 6.83
CA PHE A 14 1.31 -3.70 6.33
C PHE A 14 1.38 -4.57 5.10
N SER A 15 0.27 -5.11 4.69
CA SER A 15 0.28 -6.00 3.56
C SER A 15 -0.56 -5.42 2.44
N ILE A 16 -0.06 -5.51 1.24
CA ILE A 16 -0.74 -4.98 0.08
C ILE A 16 -1.06 -6.07 -0.92
N ALA A 17 -2.08 -5.87 -1.69
CA ALA A 17 -2.48 -6.73 -2.79
C ALA A 17 -2.97 -5.82 -3.87
N GLY A 18 -2.56 -6.07 -5.05
CA GLY A 18 -2.90 -5.23 -6.15
C GLY A 18 -1.77 -5.16 -7.11
N GLY A 19 -2.04 -4.85 -8.33
CA GLY A 19 -1.02 -4.78 -9.33
C GLY A 19 -1.52 -5.51 -10.50
N VAL A 20 -0.74 -5.55 -11.58
CA VAL A 20 -1.09 -6.28 -12.81
C VAL A 20 -1.65 -7.68 -12.52
N GLY A 21 -2.96 -7.83 -12.69
CA GLY A 21 -3.62 -9.12 -12.53
C GLY A 21 -3.99 -9.39 -11.09
N ASN A 22 -3.43 -8.63 -10.20
CA ASN A 22 -3.65 -8.81 -8.78
C ASN A 22 -4.60 -7.75 -8.27
N GLN A 23 -5.36 -7.18 -9.20
CA GLN A 23 -6.33 -6.16 -8.92
C GLN A 23 -7.24 -6.59 -7.75
N HIS A 24 -7.24 -5.78 -6.71
CA HIS A 24 -8.01 -6.05 -5.51
C HIS A 24 -9.46 -5.67 -5.76
N ILE A 25 -9.63 -4.53 -6.37
CA ILE A 25 -10.93 -4.03 -6.72
C ILE A 25 -11.19 -4.26 -8.20
N PRO A 26 -12.36 -4.86 -8.56
CA PRO A 26 -12.74 -5.15 -9.95
C PRO A 26 -12.66 -3.93 -10.86
N GLY A 27 -11.68 -3.95 -11.76
CA GLY A 27 -11.51 -2.88 -12.70
C GLY A 27 -10.47 -1.87 -12.27
N ASP A 28 -9.97 -2.04 -11.06
CA ASP A 28 -9.00 -1.11 -10.51
C ASP A 28 -7.73 -1.89 -10.18
N ASN A 29 -6.77 -1.82 -11.08
CA ASN A 29 -5.56 -2.64 -11.06
C ASN A 29 -4.50 -2.06 -10.10
N SER A 30 -4.96 -1.34 -9.12
CA SER A 30 -4.10 -0.64 -8.21
C SER A 30 -3.76 -1.43 -6.95
N ILE A 31 -2.87 -0.88 -6.16
CA ILE A 31 -2.37 -1.49 -4.96
C ILE A 31 -3.30 -1.17 -3.79
N TYR A 32 -3.76 -2.18 -3.11
CA TYR A 32 -4.67 -2.00 -2.00
C TYR A 32 -4.14 -2.62 -0.73
N VAL A 33 -4.20 -1.86 0.33
CA VAL A 33 -3.79 -2.32 1.64
C VAL A 33 -4.77 -3.39 2.10
N THR A 34 -4.29 -4.59 2.24
CA THR A 34 -5.11 -5.72 2.58
C THR A 34 -4.95 -6.11 4.07
N LYS A 35 -3.85 -5.70 4.67
CA LYS A 35 -3.61 -5.95 6.09
C LYS A 35 -2.75 -4.83 6.60
N ILE A 36 -2.74 -4.62 7.89
CA ILE A 36 -1.85 -3.70 8.53
C ILE A 36 -1.36 -4.38 9.80
N ILE A 37 -0.07 -4.58 9.91
CA ILE A 37 0.53 -5.28 11.03
C ILE A 37 0.78 -4.29 12.15
N GLU A 38 0.14 -4.48 13.31
CA GLU A 38 0.29 -3.52 14.35
C GLU A 38 1.75 -3.57 14.79
N GLY A 39 2.27 -2.47 15.20
CA GLY A 39 3.65 -2.44 15.58
C GLY A 39 4.47 -1.99 14.44
N GLY A 40 3.88 -2.05 13.26
CA GLY A 40 4.47 -1.47 12.13
C GLY A 40 4.28 0.00 12.26
N ALA A 41 5.19 0.76 11.72
CA ALA A 41 5.12 2.18 11.82
C ALA A 41 3.85 2.69 11.18
N ALA A 42 3.43 2.04 10.11
CA ALA A 42 2.24 2.45 9.44
C ALA A 42 0.94 2.06 10.20
N HIS A 43 1.05 1.26 11.24
CA HIS A 43 -0.13 0.96 12.03
C HIS A 43 -0.18 1.92 13.21
N LYS A 44 0.99 2.19 13.77
CA LYS A 44 1.05 3.09 14.91
C LYS A 44 0.92 4.55 14.46
N ASP A 45 1.81 4.96 13.59
CA ASP A 45 1.86 6.32 13.02
C ASP A 45 0.97 6.44 11.84
N GLY A 46 1.04 5.41 11.07
CA GLY A 46 0.59 5.36 9.68
C GLY A 46 -0.71 5.97 9.27
N LYS A 47 -1.62 6.19 10.21
CA LYS A 47 -2.95 6.80 9.95
C LYS A 47 -3.62 6.22 8.66
N LEU A 48 -3.34 4.93 8.43
CA LEU A 48 -3.69 4.22 7.21
C LEU A 48 -4.82 3.24 7.50
N GLN A 49 -5.59 2.89 6.48
CA GLN A 49 -6.70 1.99 6.61
C GLN A 49 -6.58 0.80 5.65
N ILE A 50 -7.04 -0.35 6.09
CA ILE A 50 -7.14 -1.50 5.20
C ILE A 50 -8.20 -1.17 4.13
N GLY A 51 -7.82 -1.23 2.88
CA GLY A 51 -8.71 -0.85 1.82
C GLY A 51 -8.21 0.36 1.05
N ASP A 52 -7.16 0.97 1.57
CA ASP A 52 -6.52 2.11 0.92
C ASP A 52 -5.82 1.73 -0.38
N LYS A 53 -6.01 2.56 -1.38
CA LYS A 53 -5.41 2.38 -2.69
C LYS A 53 -4.15 3.23 -2.82
N LEU A 54 -3.05 2.60 -2.97
CA LEU A 54 -1.81 3.30 -3.08
C LEU A 54 -1.60 3.75 -4.49
N LEU A 55 -1.61 5.04 -4.64
CA LEU A 55 -1.48 5.69 -5.91
C LEU A 55 0.00 5.72 -6.27
N ALA A 56 0.81 5.97 -5.26
CA ALA A 56 2.23 6.08 -5.44
C ALA A 56 2.95 6.01 -4.10
N VAL A 57 4.20 5.66 -4.12
CA VAL A 57 5.01 5.69 -2.91
C VAL A 57 6.33 6.36 -3.23
N ASN A 58 6.64 7.41 -2.47
CA ASN A 58 7.86 8.26 -2.67
C ASN A 58 7.80 8.91 -4.00
N ASN A 59 6.56 9.11 -4.32
CA ASN A 59 6.06 9.71 -5.58
C ASN A 59 6.28 8.83 -6.80
N VAL A 60 6.72 7.60 -6.58
CA VAL A 60 6.84 6.64 -7.65
C VAL A 60 5.46 6.06 -7.89
N CYS A 61 4.96 6.18 -9.09
CA CYS A 61 3.61 5.77 -9.45
C CYS A 61 3.39 4.27 -9.25
N LEU A 62 2.35 3.94 -8.50
CA LEU A 62 1.92 2.57 -8.26
C LEU A 62 0.63 2.26 -9.03
N GLU A 63 0.13 3.27 -9.73
CA GLU A 63 -0.99 3.08 -10.63
C GLU A 63 -0.50 2.33 -11.86
N GLU A 64 -1.00 1.11 -12.02
CA GLU A 64 -0.65 0.22 -13.11
C GLU A 64 0.83 -0.18 -13.07
N VAL A 65 1.10 -1.17 -12.28
CA VAL A 65 2.45 -1.72 -12.02
C VAL A 65 2.32 -3.19 -11.64
N THR A 66 3.40 -3.91 -11.67
CA THR A 66 3.38 -5.30 -11.32
C THR A 66 3.48 -5.40 -9.79
N HIS A 67 2.72 -6.31 -9.19
CA HIS A 67 2.66 -6.44 -7.71
C HIS A 67 4.03 -6.48 -7.05
N GLU A 68 4.92 -7.31 -7.59
CA GLU A 68 6.27 -7.47 -7.04
C GLU A 68 6.99 -6.11 -7.06
N GLU A 69 6.81 -5.42 -8.18
CA GLU A 69 7.47 -4.18 -8.50
C GLU A 69 6.96 -3.09 -7.55
N ALA A 70 5.72 -3.25 -7.16
CA ALA A 70 5.09 -2.35 -6.24
C ALA A 70 5.58 -2.60 -4.83
N VAL A 71 5.57 -3.85 -4.39
CA VAL A 71 5.99 -4.18 -3.02
C VAL A 71 7.41 -3.75 -2.81
N THR A 72 8.25 -4.07 -3.76
CA THR A 72 9.61 -3.70 -3.73
C THR A 72 9.80 -2.16 -3.75
N ALA A 73 8.86 -1.42 -4.36
CA ALA A 73 8.92 0.04 -4.35
C ALA A 73 8.68 0.56 -2.92
N LEU A 74 7.87 -0.16 -2.13
CA LEU A 74 7.67 0.21 -0.74
C LEU A 74 8.79 -0.30 0.14
N LYS A 75 9.36 -1.44 -0.23
CA LYS A 75 10.46 -2.00 0.53
C LYS A 75 11.74 -1.19 0.39
N ASN A 76 11.88 -0.52 -0.75
CA ASN A 76 13.01 0.36 -1.02
C ASN A 76 12.83 1.69 -0.30
N THR A 77 12.63 1.63 0.98
CA THR A 77 12.47 2.78 1.80
C THR A 77 13.44 2.71 2.95
N SER A 78 13.83 3.84 3.46
CA SER A 78 14.71 3.84 4.60
C SER A 78 14.41 4.96 5.53
N ASP A 79 13.53 4.63 6.43
CA ASP A 79 13.15 5.39 7.61
C ASP A 79 12.52 6.72 7.34
N PHE A 80 12.09 6.90 6.12
CA PHE A 80 11.38 8.07 5.71
C PHE A 80 10.65 7.72 4.41
N VAL A 81 9.33 7.87 4.41
CA VAL A 81 8.50 7.47 3.27
C VAL A 81 7.39 8.52 3.04
N TYR A 82 7.06 8.76 1.79
CA TYR A 82 5.90 9.56 1.43
C TYR A 82 4.92 8.71 0.63
N LEU A 83 3.96 8.18 1.30
CA LEU A 83 2.97 7.30 0.72
C LEU A 83 1.81 8.12 0.18
N LYS A 84 1.52 7.98 -1.08
CA LYS A 84 0.46 8.72 -1.71
C LYS A 84 -0.69 7.77 -1.97
N VAL A 85 -1.72 7.93 -1.22
CA VAL A 85 -2.89 7.09 -1.29
C VAL A 85 -4.08 7.87 -1.91
N ALA A 86 -4.95 7.13 -2.51
CA ALA A 86 -6.18 7.57 -3.06
C ALA A 86 -7.21 6.54 -2.64
N LYS A 87 -8.45 6.92 -2.63
CA LYS A 87 -9.47 5.96 -2.26
C LYS A 87 -9.89 5.19 -3.50
N PRO A 88 -10.41 3.94 -3.30
CA PRO A 88 -10.82 3.04 -4.37
C PRO A 88 -11.59 3.71 -5.49
N THR A 89 -11.04 3.62 -6.68
CA THR A 89 -11.58 4.29 -7.84
C THR A 89 -12.59 3.39 -8.57
N GLY A 90 -12.67 2.16 -8.14
CA GLY A 90 -13.58 1.24 -8.75
C GLY A 90 -14.67 0.80 -7.78
N SER A 91 -14.89 1.60 -6.77
CA SER A 91 -15.88 1.35 -5.75
C SER A 91 -16.18 2.66 -5.06
N HIS A 92 -16.95 2.62 -4.00
CA HIS A 92 -17.20 3.82 -3.24
C HIS A 92 -15.98 4.08 -2.36
N HIS A 93 -15.74 5.31 -2.06
CA HIS A 93 -14.60 5.69 -1.26
C HIS A 93 -14.86 5.40 0.21
N HIS A 94 -13.93 4.74 0.84
CA HIS A 94 -14.01 4.40 2.23
C HIS A 94 -12.66 4.63 2.83
N PCA B 1 7.10 -17.86 -2.67
CA PCA B 1 7.62 -16.52 -2.45
CB PCA B 1 8.07 -15.94 -3.78
CG PCA B 1 7.91 -17.08 -4.74
CD PCA B 1 6.92 -18.05 -4.11
OE PCA B 1 5.80 -18.23 -4.61
C PCA B 1 6.53 -15.71 -1.85
O PCA B 1 5.53 -16.28 -1.42
H1 PCA B 1 6.22 -17.79 -2.13
H2 PCA B 1 7.70 -18.48 -2.11
HA PCA B 1 8.44 -16.52 -1.74
HB2 PCA B 1 7.44 -15.09 -4.05
HB3 PCA B 1 9.11 -15.65 -3.75
HG2 PCA B 1 7.54 -16.71 -5.69
HG3 PCA B 1 8.86 -17.57 -4.89
N ARG B 2 6.70 -14.42 -1.80
CA ARG B 2 5.70 -13.55 -1.24
C ARG B 2 5.26 -12.54 -2.23
N THR B 3 6.18 -11.70 -2.67
CA THR B 3 5.87 -10.66 -3.64
C THR B 3 5.50 -11.35 -4.98
N ARG B 4 4.21 -11.45 -5.23
CA ARG B 4 3.71 -12.17 -6.36
C ARG B 4 2.26 -11.75 -6.57
N GLN B 5 1.75 -11.98 -7.75
CA GLN B 5 0.40 -11.58 -8.05
C GLN B 5 -0.58 -12.64 -7.56
N ARG B 6 -1.84 -12.23 -7.48
CA ARG B 6 -2.97 -13.00 -6.94
C ARG B 6 -2.84 -13.25 -5.44
N ASN B 7 -2.02 -12.47 -4.78
CA ASN B 7 -1.86 -12.57 -3.35
C ASN B 7 -1.42 -11.26 -2.75
N GLU B 8 -1.41 -11.23 -1.44
CA GLU B 8 -0.98 -10.08 -0.70
C GLU B 8 0.48 -10.25 -0.32
N THR B 9 1.14 -9.16 -0.03
CA THR B 9 2.49 -9.19 0.43
C THR B 9 2.72 -8.07 1.45
N GLN B 10 3.45 -8.39 2.50
CA GLN B 10 3.81 -7.45 3.53
C GLN B 10 4.96 -6.56 3.08
N VAL B 11 4.86 -5.30 3.42
CA VAL B 11 5.88 -4.33 3.11
C VAL B 11 6.77 -4.01 4.30
N MET A 1 -4.46 11.83 -2.24
CA MET A 1 -4.56 11.72 -0.79
C MET A 1 -3.25 11.20 -0.33
N GLU A 2 -2.50 12.00 0.32
CA GLU A 2 -1.20 11.63 0.71
C GLU A 2 -0.95 11.69 2.17
N ILE A 3 -0.41 10.63 2.62
CA ILE A 3 -0.20 10.35 3.99
C ILE A 3 1.28 10.24 4.26
N LYS A 4 1.76 11.15 5.01
CA LYS A 4 3.13 11.12 5.40
C LYS A 4 3.23 10.40 6.74
N LEU A 5 3.84 9.26 6.71
CA LEU A 5 4.04 8.42 7.86
C LEU A 5 5.48 8.47 8.28
N ILE A 6 5.73 8.26 9.52
CA ILE A 6 7.05 8.06 10.01
C ILE A 6 7.21 6.59 10.33
N LYS A 7 8.24 5.98 9.77
CA LYS A 7 8.47 4.55 9.92
C LYS A 7 9.01 4.24 11.32
N GLY A 8 8.81 3.02 11.77
CA GLY A 8 9.19 2.67 13.11
C GLY A 8 9.62 1.20 13.25
N PRO A 9 9.50 0.61 14.47
CA PRO A 9 10.01 -0.74 14.80
C PRO A 9 9.48 -1.87 13.90
N LYS A 10 8.19 -1.90 13.66
CA LYS A 10 7.62 -2.94 12.79
C LYS A 10 7.42 -2.42 11.39
N GLY A 11 8.21 -1.42 11.04
CA GLY A 11 8.17 -0.85 9.74
C GLY A 11 7.12 0.19 9.62
N LEU A 12 6.25 0.01 8.67
CA LEU A 12 5.15 0.91 8.44
C LEU A 12 3.97 0.41 9.23
N GLY A 13 3.86 -0.89 9.24
CA GLY A 13 2.87 -1.54 9.97
C GLY A 13 1.57 -1.68 9.23
N PHE A 14 1.64 -2.13 8.00
CA PHE A 14 0.46 -2.49 7.24
C PHE A 14 0.78 -3.50 6.15
N SER A 15 -0.16 -4.35 5.89
CA SER A 15 -0.04 -5.37 4.90
C SER A 15 -0.66 -4.89 3.62
N ILE A 16 0.04 -5.05 2.54
CA ILE A 16 -0.44 -4.62 1.25
C ILE A 16 -0.53 -5.82 0.30
N ALA A 17 -1.56 -5.83 -0.51
CA ALA A 17 -1.78 -6.85 -1.52
C ALA A 17 -2.27 -6.17 -2.76
N GLY A 18 -1.61 -6.41 -3.83
CA GLY A 18 -1.99 -5.82 -5.07
C GLY A 18 -0.80 -5.63 -5.94
N GLY A 19 -1.02 -5.45 -7.20
CA GLY A 19 0.02 -5.30 -8.16
C GLY A 19 -0.31 -6.17 -9.31
N VAL A 20 0.53 -6.20 -10.33
CA VAL A 20 0.31 -7.05 -11.50
C VAL A 20 0.06 -8.51 -11.08
N GLY A 21 -1.19 -8.95 -11.25
CA GLY A 21 -1.57 -10.30 -10.91
C GLY A 21 -2.15 -10.40 -9.51
N ASN A 22 -1.83 -9.44 -8.68
CA ASN A 22 -2.26 -9.45 -7.29
C ASN A 22 -3.37 -8.40 -7.11
N GLN A 23 -3.94 -7.91 -8.23
CA GLN A 23 -4.97 -6.87 -8.20
C GLN A 23 -6.09 -7.23 -7.22
N HIS A 24 -6.27 -6.37 -6.25
CA HIS A 24 -7.21 -6.61 -5.17
C HIS A 24 -8.63 -6.33 -5.66
N ILE A 25 -8.77 -5.25 -6.36
CA ILE A 25 -10.04 -4.86 -6.90
C ILE A 25 -10.08 -5.16 -8.39
N PRO A 26 -11.08 -5.96 -8.84
CA PRO A 26 -11.25 -6.32 -10.26
C PRO A 26 -11.29 -5.09 -11.17
N GLY A 27 -10.23 -4.90 -11.91
CA GLY A 27 -10.15 -3.79 -12.81
C GLY A 27 -9.24 -2.70 -12.31
N ASP A 28 -8.73 -2.88 -11.11
CA ASP A 28 -7.84 -1.88 -10.53
C ASP A 28 -6.58 -2.58 -10.05
N ASN A 29 -5.59 -2.53 -10.89
CA ASN A 29 -4.35 -3.29 -10.72
C ASN A 29 -3.35 -2.57 -9.77
N SER A 30 -3.89 -1.93 -8.76
CA SER A 30 -3.10 -1.21 -7.79
C SER A 30 -2.88 -2.04 -6.54
N ILE A 31 -2.12 -1.49 -5.62
CA ILE A 31 -1.83 -2.17 -4.40
C ILE A 31 -2.90 -1.75 -3.40
N TYR A 32 -3.40 -2.65 -2.61
CA TYR A 32 -4.43 -2.32 -1.63
C TYR A 32 -4.03 -2.80 -0.24
N VAL A 33 -4.31 -1.96 0.74
CA VAL A 33 -4.03 -2.29 2.13
C VAL A 33 -4.97 -3.40 2.59
N THR A 34 -4.41 -4.47 3.06
CA THR A 34 -5.19 -5.63 3.47
C THR A 34 -5.31 -5.67 4.98
N LYS A 35 -4.33 -5.13 5.65
CA LYS A 35 -4.31 -5.20 7.06
C LYS A 35 -3.50 -4.06 7.56
N ILE A 36 -3.83 -3.56 8.68
CA ILE A 36 -2.99 -2.64 9.34
C ILE A 36 -2.41 -3.41 10.53
N ILE A 37 -1.16 -3.21 10.81
CA ILE A 37 -0.49 -3.95 11.83
C ILE A 37 -0.70 -3.32 13.18
N GLU A 38 -1.09 -4.13 14.11
CA GLU A 38 -1.36 -3.78 15.49
C GLU A 38 -0.13 -3.14 16.15
N GLY A 39 -0.25 -1.90 16.52
CA GLY A 39 0.86 -1.19 17.13
C GLY A 39 1.80 -0.61 16.08
N GLY A 40 1.39 -0.69 14.84
CA GLY A 40 2.16 -0.14 13.76
C GLY A 40 2.03 1.37 13.71
N ALA A 41 2.98 2.01 13.05
CA ALA A 41 2.97 3.45 12.91
C ALA A 41 1.75 3.87 12.12
N ALA A 42 1.45 3.13 11.08
CA ALA A 42 0.29 3.41 10.28
C ALA A 42 -1.01 3.03 11.01
N HIS A 43 -0.88 2.40 12.15
CA HIS A 43 -2.03 2.02 12.97
C HIS A 43 -2.30 3.12 13.98
N LYS A 44 -1.28 3.76 14.46
CA LYS A 44 -1.44 4.85 15.39
C LYS A 44 -1.51 6.20 14.70
N ASP A 45 -0.52 6.49 13.93
CA ASP A 45 -0.41 7.75 13.20
C ASP A 45 -1.13 7.68 11.92
N GLY A 46 -1.04 6.50 11.35
CA GLY A 46 -1.30 6.22 9.95
C GLY A 46 -2.44 6.85 9.26
N LYS A 47 -3.50 7.19 9.98
CA LYS A 47 -4.72 7.84 9.39
C LYS A 47 -5.17 7.12 8.09
N LEU A 48 -4.92 5.80 8.06
CA LEU A 48 -5.07 4.96 6.90
C LEU A 48 -6.18 3.95 7.15
N GLN A 49 -6.80 3.44 6.09
CA GLN A 49 -7.83 2.47 6.23
C GLN A 49 -7.46 1.18 5.51
N ILE A 50 -7.95 0.06 6.03
CA ILE A 50 -7.79 -1.19 5.34
C ILE A 50 -8.61 -1.11 4.05
N GLY A 51 -7.98 -1.31 2.94
CA GLY A 51 -8.67 -1.23 1.69
C GLY A 51 -8.18 -0.10 0.81
N ASP A 52 -7.33 0.79 1.36
CA ASP A 52 -6.77 1.92 0.58
C ASP A 52 -5.93 1.47 -0.63
N LYS A 53 -6.05 2.22 -1.72
CA LYS A 53 -5.33 1.97 -2.99
C LYS A 53 -4.04 2.78 -3.01
N LEU A 54 -2.93 2.09 -3.01
CA LEU A 54 -1.64 2.72 -3.02
C LEU A 54 -1.32 3.16 -4.43
N LEU A 55 -1.25 4.45 -4.64
CA LEU A 55 -0.97 5.03 -5.93
C LEU A 55 0.54 5.13 -6.08
N ALA A 56 1.20 5.52 -5.00
CA ALA A 56 2.63 5.70 -5.00
C ALA A 56 3.19 5.70 -3.59
N VAL A 57 4.46 5.41 -3.45
CA VAL A 57 5.13 5.51 -2.17
C VAL A 57 6.47 6.22 -2.37
N ASN A 58 6.66 7.31 -1.64
CA ASN A 58 7.84 8.22 -1.76
C ASN A 58 7.90 8.77 -3.13
N ASN A 59 6.71 8.89 -3.60
CA ASN A 59 6.30 9.38 -4.89
C ASN A 59 6.75 8.45 -6.04
N VAL A 60 7.13 7.23 -5.70
CA VAL A 60 7.43 6.23 -6.70
C VAL A 60 6.11 5.60 -7.10
N CYS A 61 5.83 5.59 -8.38
CA CYS A 61 4.57 5.10 -8.92
C CYS A 61 4.31 3.62 -8.62
N LEU A 62 3.19 3.34 -7.98
CA LEU A 62 2.76 1.98 -7.67
C LEU A 62 1.54 1.57 -8.47
N GLU A 63 1.01 2.52 -9.25
CA GLU A 63 -0.09 2.25 -10.16
C GLU A 63 0.37 1.30 -11.25
N GLU A 64 -0.08 0.06 -11.14
CA GLU A 64 0.23 -1.01 -12.05
C GLU A 64 1.73 -1.32 -12.12
N VAL A 65 2.20 -1.95 -11.06
CA VAL A 65 3.57 -2.41 -10.96
C VAL A 65 3.51 -3.81 -10.38
N THR A 66 4.60 -4.50 -10.36
CA THR A 66 4.62 -5.86 -9.86
C THR A 66 4.59 -5.81 -8.33
N HIS A 67 3.87 -6.74 -7.70
CA HIS A 67 3.73 -6.75 -6.23
C HIS A 67 5.09 -6.67 -5.53
N GLU A 68 6.03 -7.50 -5.98
CA GLU A 68 7.39 -7.53 -5.43
C GLU A 68 8.07 -6.16 -5.53
N GLU A 69 7.80 -5.52 -6.62
CA GLU A 69 8.41 -4.28 -7.01
C GLU A 69 7.83 -3.17 -6.13
N ALA A 70 6.55 -3.27 -5.88
CA ALA A 70 5.84 -2.34 -5.05
C ALA A 70 6.25 -2.49 -3.62
N VAL A 71 6.20 -3.72 -3.10
CA VAL A 71 6.54 -3.98 -1.71
C VAL A 71 7.95 -3.54 -1.40
N THR A 72 8.87 -3.82 -2.32
CA THR A 72 10.25 -3.40 -2.15
C THR A 72 10.36 -1.86 -2.03
N ALA A 73 9.50 -1.14 -2.75
CA ALA A 73 9.50 0.32 -2.70
C ALA A 73 9.05 0.81 -1.32
N LEU A 74 8.06 0.12 -0.73
CA LEU A 74 7.62 0.48 0.61
C LEU A 74 8.62 0.00 1.64
N LYS A 75 9.27 -1.11 1.37
CA LYS A 75 10.23 -1.64 2.30
C LYS A 75 11.46 -0.76 2.46
N ASN A 76 11.88 -0.15 1.36
CA ASN A 76 13.00 0.76 1.36
C ASN A 76 12.58 2.13 1.85
N THR A 77 12.32 2.18 3.10
CA THR A 77 11.93 3.38 3.81
C THR A 77 12.60 3.40 5.16
N SER A 78 12.71 4.57 5.72
CA SER A 78 13.25 4.76 7.05
C SER A 78 12.87 6.12 7.56
N ASP A 79 12.18 6.13 8.70
CA ASP A 79 11.77 7.35 9.45
C ASP A 79 10.85 8.30 8.66
N PHE A 80 10.52 7.94 7.44
CA PHE A 80 9.71 8.77 6.60
C PHE A 80 9.14 7.92 5.47
N VAL A 81 7.85 8.00 5.30
CA VAL A 81 7.16 7.30 4.23
C VAL A 81 6.06 8.22 3.68
N TYR A 82 6.22 8.65 2.48
CA TYR A 82 5.23 9.48 1.82
C TYR A 82 4.31 8.58 0.99
N LEU A 83 3.21 8.23 1.56
CA LEU A 83 2.27 7.32 0.95
C LEU A 83 1.25 8.12 0.16
N LYS A 84 1.16 7.88 -1.12
CA LYS A 84 0.20 8.54 -1.94
C LYS A 84 -0.88 7.55 -2.26
N VAL A 85 -2.03 7.76 -1.70
CA VAL A 85 -3.17 6.89 -1.85
C VAL A 85 -4.30 7.56 -2.65
N ALA A 86 -5.04 6.74 -3.35
CA ALA A 86 -6.16 7.13 -4.12
C ALA A 86 -7.34 6.26 -3.74
N LYS A 87 -8.53 6.73 -3.98
CA LYS A 87 -9.72 5.96 -3.71
C LYS A 87 -9.99 4.98 -4.87
N PRO A 88 -10.85 3.96 -4.71
CA PRO A 88 -10.94 2.89 -5.68
C PRO A 88 -11.70 3.24 -6.94
N THR A 89 -11.03 3.04 -8.05
CA THR A 89 -11.58 3.28 -9.38
C THR A 89 -12.81 2.39 -9.65
N GLY A 90 -12.84 1.22 -9.06
CA GLY A 90 -13.92 0.31 -9.30
C GLY A 90 -14.40 -0.37 -8.05
N SER A 91 -14.61 0.39 -7.02
CA SER A 91 -15.10 -0.10 -5.76
C SER A 91 -15.52 1.11 -4.95
N HIS A 92 -15.87 0.91 -3.70
CA HIS A 92 -16.36 2.00 -2.87
C HIS A 92 -15.68 2.02 -1.52
N HIS A 93 -14.81 2.97 -1.32
CA HIS A 93 -14.19 3.22 -0.03
C HIS A 93 -13.87 4.69 0.03
N HIS A 94 -13.99 5.27 1.19
CA HIS A 94 -13.75 6.69 1.35
C HIS A 94 -12.44 6.87 2.08
N PCA B 1 11.04 -13.91 3.68
CA PCA B 1 10.59 -14.49 2.43
CB PCA B 1 9.26 -15.19 2.67
CG PCA B 1 8.91 -14.82 4.08
CD PCA B 1 10.22 -14.44 4.76
OE PCA B 1 10.69 -15.15 5.63
C PCA B 1 10.41 -13.35 1.46
O PCA B 1 10.80 -12.23 1.77
H1 PCA B 1 10.94 -12.89 3.49
H2 PCA B 1 12.07 -14.06 3.67
HA PCA B 1 11.31 -15.18 2.05
HB2 PCA B 1 8.52 -14.83 1.97
HB3 PCA B 1 9.37 -16.26 2.60
HG2 PCA B 1 8.23 -13.99 4.07
HG3 PCA B 1 8.49 -15.68 4.59
N ARG B 2 9.86 -13.62 0.30
CA ARG B 2 9.62 -12.61 -0.70
C ARG B 2 8.14 -12.47 -0.96
N THR B 3 7.79 -11.45 -1.70
CA THR B 3 6.41 -11.10 -1.91
C THR B 3 6.00 -11.67 -3.25
N ARG B 4 4.75 -11.94 -3.43
CA ARG B 4 4.25 -12.62 -4.61
C ARG B 4 2.83 -12.18 -4.79
N GLN B 5 2.22 -12.62 -5.84
CA GLN B 5 0.89 -12.25 -6.11
C GLN B 5 -0.13 -13.15 -5.41
N ARG B 6 -1.33 -12.60 -5.28
CA ARG B 6 -2.49 -13.20 -4.61
C ARG B 6 -2.27 -13.35 -3.10
N ASN B 7 -1.33 -12.62 -2.58
CA ASN B 7 -1.04 -12.62 -1.17
C ASN B 7 -0.65 -11.24 -0.73
N GLU B 8 -0.69 -11.03 0.55
CA GLU B 8 -0.29 -9.77 1.12
C GLU B 8 1.14 -9.83 1.57
N THR B 9 1.69 -8.70 1.85
CA THR B 9 2.94 -8.64 2.50
C THR B 9 2.96 -7.45 3.44
N GLN B 10 3.27 -7.72 4.67
CA GLN B 10 3.42 -6.71 5.68
C GLN B 10 4.67 -5.88 5.41
N VAL B 11 4.53 -4.59 5.56
CA VAL B 11 5.60 -3.64 5.45
C VAL B 11 5.54 -2.71 6.65
#